data_6A96
#
_entry.id   6A96
#
_cell.length_a   1.0
_cell.length_b   1.0
_cell.length_c   1.0
_cell.angle_alpha   90.00
_cell.angle_beta   90.00
_cell.angle_gamma   90.00
#
_symmetry.space_group_name_H-M   'P 1'
#
loop_
_entity.id
_entity.type
_entity.pdbx_description
1 polymer Nb25
2 polymer 'Gamma-aminobutyric acid receptor subunit beta-3,Gamma-aminobutyric acid receptor subunit beta-3'
3 polymer 'Gamma-aminobutyric acid receptor subunit alpha-5,Gamma-aminobutyric acid receptor subunit alpha-5'
4 branched alpha-D-mannopyranose-(1-3)-alpha-D-mannopyranose-(1-6)-[alpha-D-mannopyranose-(1-3)]beta-D-mannopyranose-(1-4)-2-acetamido-2-deoxy-beta-D-glucopyranose-(1-4)-2-acetamido-2-deoxy-beta-D-glucopyranose
5 branched beta-D-mannopyranose-(1-4)-2-acetamido-2-deoxy-beta-D-glucopyranose-(1-4)-2-acetamido-2-deoxy-beta-D-glucopyranose
6 branched alpha-D-mannopyranose-(1-3)-[alpha-D-mannopyranose-(1-6)]beta-D-mannopyranose-(1-4)-2-acetamido-2-deoxy-beta-D-glucopyranose-(1-4)-2-acetamido-2-deoxy-beta-D-glucopyranose
7 branched 2-acetamido-2-deoxy-beta-D-glucopyranose-(1-4)-2-acetamido-2-deoxy-beta-D-glucopyranose
8 non-polymer 'GAMMA-AMINO-BUTANOIC ACID'
#
loop_
_entity_poly.entity_id
_entity_poly.type
_entity_poly.pdbx_seq_one_letter_code
_entity_poly.pdbx_strand_id
1 'polypeptide(L)'
;QVQLQESGGGLVQAGGSLRLSCAASGHTFNYPIMGWFRQAPGKEREFVGAISWSGGSTSYADSVKDRFTISRDNAKNTVY
LEMNNLKPEDTAVYYCAAKGRYSGGLYYPTNYDYWGQGTQVTVSS
;
K,L,O
2 'polypeptide(L)'
;MWGLAGGRLFGIFSAPVLVAVVCCAQSVNDPGNMSFVKETVDKLLKGYDIRLRPDFGGPPVCVGMNIDIASIDMVSEVNM
DYTLTMYFQQYWRDKRLAYSGIPLNLTLDNRVADQLWVPDTYFLNDKKSFVHGVTVKNRMIRLHPDGTVLYGLRITTTAA
CMMDLRRYPLDEQNCTLEIESYGYTTDDIEFYWRGGDKAVTGVERIELPQFSIVEHRLVSRNVVFATGAYPRLSLSFRLK
RNIGYFILQTYMPSILITILSWVSFWINYDASAARVALGITTVLTMTTINTHLRETLPKIPYVKAIDMYLMGCFVFVFLA
LLEYAFVNYIFFSQPARAAAIDRWSRIVFPFTFSLFNLVYWLYYVN
;
B,E,C,D
3 'polypeptide(L)'
;MDNGMFSGFIMIKNLLLFCISMNLSSHFGFSQMPTSSVKDETNDNITIFTRILDGLLDGYDNRLRPGLGERITQVRTDIY
VTSFGPVSDTEMEYTIDVFFRQSWKDERLRFKGPMQRLPLNNLLASKIWTPDTFFHNGKKSIAHNMTTPNKLLRLEDDGT
LLYTMRLTISAECPMQLEDFPMDAHACPLKFGSYAYPNSEVVYVWTNGSTKSVVVAEDGSRLNQYHLMGQTVGTENISTS
TGEYTIMTAHFHLKRKIGYFVIQTYLPCIMTVILSQVSFWLNRESVPARTVFGVTTVLTMTTLSISARNSLPKVAYATAM
DWFIAVCYAFVFSALIEFATVNYFTKSQPARAAKIDKMSRIVFPVLFGTFNLVYWATYLNREPVIKGAASPK
;
A
#
# COMPACT_ATOMS: atom_id res chain seq x y z
N GLN A 1 3.35 10.95 36.54
CA GLN A 1 4.07 9.79 36.05
C GLN A 1 5.47 10.20 35.64
N VAL A 2 5.60 11.39 35.10
CA VAL A 2 6.88 11.91 34.64
C VAL A 2 7.28 13.03 35.58
N GLN A 3 8.38 12.84 36.30
CA GLN A 3 8.79 13.75 37.35
C GLN A 3 9.96 14.59 36.86
N LEU A 4 9.93 15.87 37.21
CA LEU A 4 10.84 16.85 36.63
C LEU A 4 11.55 17.62 37.72
N GLN A 5 12.74 18.11 37.40
CA GLN A 5 13.58 18.79 38.38
C GLN A 5 14.62 19.61 37.64
N GLU A 6 14.84 20.83 38.10
CA GLU A 6 15.75 21.76 37.47
C GLU A 6 16.95 22.00 38.39
N SER A 7 17.87 22.85 37.90
CA SER A 7 19.02 23.33 38.66
C SER A 7 19.61 24.52 37.91
N GLY A 8 20.37 25.34 38.63
CA GLY A 8 21.18 26.35 37.99
C GLY A 8 20.87 27.80 38.29
N GLY A 9 20.45 28.12 39.50
CA GLY A 9 20.16 29.50 39.87
C GLY A 9 21.42 30.33 40.09
N GLY A 10 21.21 31.55 40.58
CA GLY A 10 22.29 32.45 40.94
C GLY A 10 21.93 33.89 40.63
N LEU A 11 22.95 34.75 40.67
CA LEU A 11 22.78 36.14 40.28
C LEU A 11 24.05 36.63 39.61
N VAL A 12 23.90 37.40 38.54
CA VAL A 12 24.98 37.96 37.76
C VAL A 12 24.68 39.46 37.66
N GLN A 13 25.71 40.25 37.33
CA GLN A 13 25.48 41.62 36.88
C GLN A 13 24.74 41.62 35.54
N ALA A 14 24.37 42.82 35.09
CA ALA A 14 23.65 42.99 33.85
C ALA A 14 24.53 42.67 32.65
N GLY A 15 23.96 41.98 31.68
CA GLY A 15 24.68 41.64 30.46
C GLY A 15 25.56 40.41 30.55
N GLY A 16 25.47 39.64 31.63
CA GLY A 16 26.37 38.51 31.82
C GLY A 16 25.95 37.26 31.09
N SER A 17 26.06 36.11 31.76
CA SER A 17 25.74 34.83 31.15
C SER A 17 25.38 33.85 32.24
N LEU A 18 24.57 32.87 31.87
CA LEU A 18 24.05 31.89 32.83
C LEU A 18 23.52 30.71 32.05
N ARG A 19 23.50 29.54 32.71
CA ARG A 19 23.04 28.30 32.11
C ARG A 19 22.05 27.59 33.02
N LEU A 20 21.07 26.94 32.41
CA LEU A 20 20.04 26.20 33.14
C LEU A 20 20.16 24.71 32.86
N SER A 21 19.22 23.96 33.42
CA SER A 21 19.18 22.52 33.31
C SER A 21 17.82 22.05 33.79
N CYS A 22 17.40 20.89 33.29
CA CYS A 22 16.18 20.27 33.77
C CYS A 22 16.30 18.77 33.60
N ALA A 23 16.01 18.02 34.65
CA ALA A 23 16.13 16.57 34.61
C ALA A 23 14.80 15.92 34.29
N ALA A 24 14.87 14.67 33.84
CA ALA A 24 13.70 13.91 33.45
C ALA A 24 13.71 12.56 34.14
N SER A 25 12.58 11.86 34.04
CA SER A 25 12.39 10.55 34.66
C SER A 25 11.14 9.93 34.10
N GLY A 26 11.06 8.61 34.20
CA GLY A 26 9.85 7.91 33.86
C GLY A 26 9.62 7.80 32.36
N HIS A 27 8.36 7.55 32.01
CA HIS A 27 7.97 7.31 30.61
C HIS A 27 7.94 8.63 29.87
N THR A 28 9.11 9.10 29.47
CA THR A 28 9.21 10.37 28.79
C THR A 28 8.88 10.30 27.31
N PHE A 29 8.64 9.10 26.78
CA PHE A 29 8.35 8.96 25.36
C PHE A 29 6.99 9.56 25.01
N ASN A 30 6.08 9.62 25.96
CA ASN A 30 4.77 10.19 25.72
C ASN A 30 4.74 11.70 25.84
N TYR A 31 5.90 12.35 25.93
CA TYR A 31 5.94 13.80 26.07
C TYR A 31 7.10 14.32 25.24
N PRO A 32 6.86 14.64 23.99
CA PRO A 32 7.96 14.97 23.09
C PRO A 32 8.55 16.36 23.29
N ILE A 33 7.74 17.35 23.62
CA ILE A 33 8.18 18.74 23.59
C ILE A 33 8.25 19.25 25.03
N MET A 34 9.35 19.93 25.35
CA MET A 34 9.47 20.60 26.64
C MET A 34 9.71 22.08 26.44
N GLY A 35 9.31 22.86 27.45
CA GLY A 35 9.29 24.31 27.32
C GLY A 35 9.53 25.01 28.64
N TRP A 36 9.51 26.35 28.58
CA TRP A 36 9.88 27.21 29.69
C TRP A 36 9.03 28.47 29.68
N PHE A 37 8.98 29.14 30.83
CA PHE A 37 8.22 30.38 30.98
C PHE A 37 8.91 31.28 31.99
N ARG A 38 8.18 32.28 32.47
CA ARG A 38 8.62 33.11 33.59
C ARG A 38 7.41 33.76 34.27
N GLN A 39 7.05 33.28 35.45
CA GLN A 39 6.10 33.97 36.31
C GLN A 39 6.73 35.27 36.77
N ALA A 40 6.23 36.40 36.28
CA ALA A 40 6.71 37.71 36.68
C ALA A 40 6.42 37.96 38.16
N PRO A 41 7.15 38.86 38.81
CA PRO A 41 6.84 39.21 40.21
C PRO A 41 5.45 39.81 40.42
N GLY A 42 4.85 40.39 39.39
CA GLY A 42 3.49 40.85 39.51
C GLY A 42 2.54 40.15 38.57
N LYS A 43 3.06 39.56 37.51
CA LYS A 43 2.22 39.11 36.41
C LYS A 43 2.32 37.61 36.26
N GLU A 44 1.62 37.09 35.25
CA GLU A 44 1.58 35.68 34.96
C GLU A 44 2.73 35.34 34.01
N ARG A 45 2.74 34.12 33.50
CA ARG A 45 3.88 33.68 32.74
C ARG A 45 3.72 33.99 31.25
N GLU A 46 4.84 33.91 30.55
CA GLU A 46 4.89 34.16 29.12
C GLU A 46 5.87 33.19 28.49
N PHE A 47 5.59 32.80 27.25
CA PHE A 47 6.37 31.77 26.59
C PHE A 47 7.77 32.26 26.25
N VAL A 48 8.74 31.35 26.33
CA VAL A 48 10.07 31.72 25.87
C VAL A 48 10.63 30.72 24.85
N GLY A 49 10.51 29.42 25.09
CA GLY A 49 11.19 28.49 24.21
C GLY A 49 10.62 27.10 24.26
N ALA A 50 10.85 26.35 23.17
CA ALA A 50 10.38 24.99 23.05
C ALA A 50 11.34 24.22 22.16
N ILE A 51 11.45 22.91 22.38
CA ILE A 51 12.44 22.07 21.72
C ILE A 51 11.75 20.77 21.33
N SER A 52 12.03 20.30 20.11
CA SER A 52 11.53 19.02 19.64
C SER A 52 12.16 17.87 20.43
N TRP A 53 11.56 16.69 20.28
CA TRP A 53 12.06 15.51 20.98
C TRP A 53 13.36 15.01 20.36
N SER A 54 13.43 15.00 19.03
CA SER A 54 14.65 14.63 18.34
C SER A 54 15.72 15.70 18.43
N GLY A 55 15.39 16.88 18.92
CA GLY A 55 16.36 17.94 19.07
C GLY A 55 16.56 18.80 17.86
N GLY A 56 15.74 18.62 16.82
CA GLY A 56 15.92 19.41 15.63
C GLY A 56 15.54 20.86 15.79
N SER A 57 14.25 21.13 15.92
CA SER A 57 13.76 22.50 15.86
C SER A 57 13.73 23.13 17.25
N THR A 58 13.80 24.45 17.27
CA THR A 58 13.78 25.18 18.54
C THR A 58 13.11 26.53 18.28
N SER A 59 11.81 26.58 18.52
CA SER A 59 11.05 27.79 18.28
C SER A 59 11.16 28.73 19.46
N TYR A 60 11.13 30.03 19.18
CA TYR A 60 11.26 31.08 20.19
C TYR A 60 9.99 31.91 20.23
N ALA A 61 10.06 33.01 20.98
CA ALA A 61 9.07 34.08 20.99
C ALA A 61 9.71 35.32 20.41
N ASP A 62 8.89 36.36 20.20
CA ASP A 62 9.30 37.49 19.38
C ASP A 62 10.34 38.37 20.10
N SER A 63 10.21 38.54 21.41
CA SER A 63 11.22 39.30 22.13
C SER A 63 12.50 38.52 22.31
N VAL A 64 12.40 37.20 22.38
CA VAL A 64 13.55 36.35 22.60
C VAL A 64 14.03 35.76 21.27
N LYS A 65 13.65 36.39 20.15
CA LYS A 65 14.30 36.13 18.89
C LYS A 65 15.78 36.46 19.02
N ASP A 66 16.61 35.47 18.68
CA ASP A 66 18.07 35.36 18.73
C ASP A 66 18.71 36.11 19.90
N ARG A 67 18.10 36.00 21.08
CA ARG A 67 18.70 36.43 22.32
C ARG A 67 19.32 35.29 23.10
N PHE A 68 18.58 34.19 23.24
CA PHE A 68 18.97 33.05 24.06
C PHE A 68 19.05 31.80 23.20
N THR A 69 20.09 31.01 23.38
CA THR A 69 20.25 29.75 22.66
C THR A 69 19.96 28.60 23.62
N ILE A 70 19.16 27.65 23.18
CA ILE A 70 18.64 26.59 24.04
C ILE A 70 18.80 25.27 23.31
N SER A 71 19.37 24.27 23.97
CA SER A 71 19.82 23.04 23.34
C SER A 71 19.18 21.81 23.99
N ARG A 72 19.73 20.64 23.62
CA ARG A 72 19.07 19.36 23.77
C ARG A 72 20.08 18.29 24.16
N ASP A 73 19.67 17.35 25.01
CA ASP A 73 20.46 16.14 25.26
C ASP A 73 19.50 14.96 25.40
N ASN A 74 19.61 14.02 24.47
CA ASN A 74 18.82 12.80 24.59
C ASN A 74 19.40 11.88 25.65
N ALA A 75 20.72 11.89 25.81
CA ALA A 75 21.39 10.90 26.63
C ALA A 75 21.11 11.12 28.11
N LYS A 76 21.39 12.31 28.61
CA LYS A 76 21.13 12.61 30.00
C LYS A 76 19.68 12.99 30.24
N ASN A 77 18.86 13.07 29.18
CA ASN A 77 17.47 13.53 29.23
C ASN A 77 17.37 14.92 29.87
N THR A 78 18.20 15.83 29.38
CA THR A 78 18.27 17.18 29.92
C THR A 78 18.05 18.19 28.81
N VAL A 79 17.70 19.40 29.22
CA VAL A 79 17.65 20.54 28.31
C VAL A 79 18.51 21.65 28.90
N TYR A 80 19.26 22.32 28.03
CA TYR A 80 20.23 23.31 28.45
C TYR A 80 19.86 24.65 27.86
N LEU A 81 19.92 25.70 28.67
CA LEU A 81 19.38 27.02 28.33
C LEU A 81 20.48 28.04 28.52
N GLU A 82 21.10 28.47 27.43
CA GLU A 82 22.21 29.42 27.51
C GLU A 82 21.67 30.83 27.40
N MET A 83 21.67 31.55 28.51
CA MET A 83 21.33 32.97 28.51
C MET A 83 22.59 33.80 28.33
N ASN A 84 22.52 34.80 27.45
CA ASN A 84 23.64 35.68 27.19
C ASN A 84 23.11 37.10 27.06
N ASN A 85 23.92 38.06 27.52
CA ASN A 85 23.62 39.49 27.48
C ASN A 85 22.30 39.76 28.20
N LEU A 86 22.33 39.52 29.50
CA LEU A 86 21.10 39.48 30.27
C LEU A 86 20.60 40.88 30.58
N LYS A 87 19.30 40.96 30.86
CA LYS A 87 18.50 42.17 31.01
C LYS A 87 17.92 42.25 32.41
N PRO A 88 17.72 43.45 32.95
CA PRO A 88 17.07 43.59 34.25
C PRO A 88 15.61 43.16 34.27
N GLU A 89 15.00 42.98 33.11
CA GLU A 89 13.62 42.52 33.00
C GLU A 89 13.53 41.01 32.93
N ASP A 90 14.48 40.30 33.52
CA ASP A 90 14.50 38.85 33.43
C ASP A 90 14.51 38.18 34.80
N THR A 91 14.15 38.91 35.84
CA THR A 91 14.14 38.37 37.20
C THR A 91 12.80 37.69 37.46
N ALA A 92 12.77 36.38 37.28
CA ALA A 92 11.56 35.60 37.47
C ALA A 92 11.95 34.15 37.66
N VAL A 93 10.96 33.29 37.78
CA VAL A 93 11.18 31.86 37.98
C VAL A 93 10.90 31.14 36.68
N TYR A 94 11.86 30.34 36.22
CA TYR A 94 11.75 29.63 34.95
C TYR A 94 11.34 28.20 35.26
N TYR A 95 10.11 27.85 34.91
CA TYR A 95 9.57 26.54 35.24
C TYR A 95 9.76 25.58 34.08
N CYS A 96 10.17 24.36 34.41
CA CYS A 96 10.32 23.32 33.41
C CYS A 96 8.99 22.59 33.28
N ALA A 97 8.63 22.28 32.03
CA ALA A 97 7.34 21.65 31.77
C ALA A 97 7.41 20.93 30.44
N ALA A 98 6.54 19.92 30.28
CA ALA A 98 6.44 19.14 29.05
C ALA A 98 5.03 19.28 28.47
N LYS A 99 4.83 18.67 27.30
CA LYS A 99 3.56 18.70 26.59
C LYS A 99 3.27 17.30 26.08
N GLY A 100 1.99 16.90 26.09
CA GLY A 100 1.58 15.72 25.36
C GLY A 100 1.75 15.90 23.86
N ARG A 101 1.65 14.78 23.14
CA ARG A 101 1.99 14.81 21.72
C ARG A 101 0.93 15.55 20.92
N TYR A 102 -0.32 15.16 21.07
CA TYR A 102 -1.41 15.78 20.30
C TYR A 102 -2.12 16.81 21.15
N SER A 103 -1.37 17.84 21.50
CA SER A 103 -1.76 18.70 22.60
C SER A 103 -1.54 20.16 22.28
N GLY A 104 -2.07 20.64 21.18
CA GLY A 104 -2.31 22.06 21.06
C GLY A 104 -1.10 22.90 20.72
N GLY A 105 -1.34 24.21 20.78
CA GLY A 105 -0.35 25.19 20.37
C GLY A 105 0.80 25.29 21.33
N LEU A 106 1.75 26.14 20.96
CA LEU A 106 3.02 26.17 21.66
C LEU A 106 3.08 27.17 22.79
N TYR A 107 2.13 28.10 22.90
CA TYR A 107 2.34 29.27 23.75
C TYR A 107 1.51 29.24 25.02
N TYR A 108 0.83 28.14 25.33
CA TYR A 108 -0.29 28.21 26.27
C TYR A 108 0.01 27.44 27.55
N PRO A 109 -0.06 28.10 28.70
CA PRO A 109 0.29 27.43 29.95
C PRO A 109 -0.72 26.39 30.39
N THR A 110 -1.98 26.53 29.99
CA THR A 110 -3.02 25.60 30.38
C THR A 110 -2.77 24.23 29.76
N ASN A 111 -2.03 24.21 28.66
CA ASN A 111 -1.80 23.01 27.90
C ASN A 111 -0.93 22.00 28.65
N TYR A 112 0.03 22.48 29.43
CA TYR A 112 1.06 21.59 29.95
C TYR A 112 0.57 20.81 31.16
N ASP A 113 1.17 19.63 31.36
CA ASP A 113 0.75 18.75 32.44
C ASP A 113 1.67 18.82 33.65
N TYR A 114 2.94 18.51 33.46
CA TYR A 114 3.85 18.38 34.58
C TYR A 114 4.70 19.63 34.72
N TRP A 115 5.12 19.91 35.94
CA TRP A 115 5.79 21.17 36.26
C TRP A 115 6.87 20.92 37.29
N GLY A 116 8.08 21.40 37.00
CA GLY A 116 9.14 21.40 37.99
C GLY A 116 9.23 22.76 38.65
N GLN A 117 9.53 22.75 39.94
CA GLN A 117 9.65 23.98 40.70
C GLN A 117 10.94 24.68 40.29
N GLY A 118 10.83 25.74 39.51
CA GLY A 118 12.01 26.40 39.00
C GLY A 118 12.74 27.22 40.05
N THR A 119 13.88 27.75 39.65
CA THR A 119 14.66 28.60 40.53
C THR A 119 14.36 30.07 40.28
N GLN A 120 14.69 30.88 41.27
CA GLN A 120 14.52 32.33 41.20
C GLN A 120 15.89 32.94 40.88
N VAL A 121 16.06 33.37 39.65
CA VAL A 121 17.28 34.04 39.24
C VAL A 121 17.04 35.54 39.30
N THR A 122 18.07 36.28 39.70
CA THR A 122 18.03 37.73 39.74
C THR A 122 19.23 38.28 38.99
N VAL A 123 19.20 39.59 38.76
CA VAL A 123 20.28 40.27 38.06
C VAL A 123 20.36 41.69 38.60
N SER A 124 21.57 42.22 38.71
CA SER A 124 21.79 43.52 39.31
C SER A 124 21.99 44.57 38.24
N SER A 125 22.29 45.79 38.67
CA SER A 125 22.59 46.87 37.75
C SER A 125 23.97 46.67 37.15
N GLN B 1 22.07 30.33 -4.86
CA GLN B 1 23.41 30.79 -4.50
C GLN B 1 24.31 30.60 -5.71
N VAL B 2 23.69 30.46 -6.87
CA VAL B 2 24.43 30.15 -8.08
C VAL B 2 25.20 31.39 -8.53
N GLN B 3 26.50 31.22 -8.73
CA GLN B 3 27.35 32.27 -9.26
C GLN B 3 27.69 31.93 -10.70
N LEU B 4 27.54 32.90 -11.60
CA LEU B 4 27.76 32.70 -13.02
C LEU B 4 28.81 33.66 -13.53
N GLN B 5 29.35 33.35 -14.71
CA GLN B 5 30.37 34.19 -15.32
C GLN B 5 30.32 34.02 -16.83
N GLU B 6 30.53 35.11 -17.55
CA GLU B 6 30.42 35.14 -19.01
C GLU B 6 31.80 35.25 -19.64
N SER B 7 31.99 34.55 -20.77
CA SER B 7 33.17 34.70 -21.62
C SER B 7 32.85 34.14 -23.00
N GLY B 8 33.47 34.74 -24.00
CA GLY B 8 33.38 34.22 -25.35
C GLY B 8 33.09 35.25 -26.43
N GLY B 9 32.74 36.47 -26.01
CA GLY B 9 32.29 37.49 -26.93
C GLY B 9 33.39 38.46 -27.32
N GLY B 10 33.01 39.38 -28.21
CA GLY B 10 33.97 40.37 -28.68
C GLY B 10 33.55 41.11 -29.93
N LEU B 11 34.46 41.17 -30.91
CA LEU B 11 34.32 41.98 -32.12
C LEU B 11 34.45 41.05 -33.33
N VAL B 12 33.31 40.59 -33.86
CA VAL B 12 33.30 39.67 -34.99
C VAL B 12 32.46 40.28 -36.10
N GLN B 13 32.99 40.26 -37.32
CA GLN B 13 32.30 40.79 -38.48
C GLN B 13 31.14 39.87 -38.88
N ALA B 14 30.41 40.31 -39.91
CA ALA B 14 29.24 39.58 -40.36
C ALA B 14 29.64 38.24 -40.99
N GLY B 15 28.70 37.30 -40.97
CA GLY B 15 29.00 35.94 -41.37
C GLY B 15 29.73 35.14 -40.33
N GLY B 16 29.80 35.60 -39.09
CA GLY B 16 30.56 34.93 -38.07
C GLY B 16 29.84 33.75 -37.46
N SER B 17 30.54 33.11 -36.53
CA SER B 17 30.04 31.94 -35.81
C SER B 17 30.87 31.78 -34.55
N LEU B 18 30.23 31.82 -33.38
CA LEU B 18 30.97 31.94 -32.14
C LEU B 18 30.53 30.96 -31.08
N ARG B 19 31.02 31.16 -29.85
CA ARG B 19 30.46 30.51 -28.68
C ARG B 19 30.69 31.40 -27.47
N LEU B 20 29.70 31.45 -26.59
CA LEU B 20 29.78 32.12 -25.31
C LEU B 20 29.80 31.07 -24.22
N SER B 21 30.02 31.50 -22.98
CA SER B 21 30.18 30.53 -21.90
C SER B 21 29.49 31.07 -20.66
N CYS B 22 28.44 30.38 -20.22
CA CYS B 22 27.84 30.63 -18.92
C CYS B 22 28.46 29.66 -17.94
N ALA B 23 29.23 30.19 -16.98
CA ALA B 23 30.05 29.39 -16.09
C ALA B 23 29.23 29.00 -14.86
N ALA B 24 28.68 27.79 -14.88
CA ALA B 24 27.82 27.32 -13.80
C ALA B 24 28.66 26.91 -12.60
N SER B 25 28.58 27.67 -11.53
CA SER B 25 29.28 27.36 -10.30
C SER B 25 28.28 27.30 -9.15
N GLY B 26 28.72 26.76 -8.03
CA GLY B 26 27.84 26.53 -6.92
C GLY B 26 26.97 25.31 -7.16
N HIS B 27 25.92 25.20 -6.35
CA HIS B 27 24.97 24.11 -6.50
C HIS B 27 24.14 24.30 -7.75
N THR B 28 23.63 23.19 -8.29
CA THR B 28 23.02 23.23 -9.60
C THR B 28 21.65 22.57 -9.58
N PHE B 29 21.49 21.58 -8.70
CA PHE B 29 20.31 20.73 -8.70
C PHE B 29 19.03 21.48 -8.36
N ASN B 30 19.14 22.59 -7.65
CA ASN B 30 17.95 23.40 -7.37
C ASN B 30 17.47 24.16 -8.60
N TYR B 31 18.32 24.33 -9.60
CA TYR B 31 17.98 25.12 -10.78
C TYR B 31 18.31 24.32 -12.03
N PRO B 32 17.43 23.42 -12.44
CA PRO B 32 17.69 22.65 -13.65
C PRO B 32 17.71 23.46 -14.94
N ILE B 33 16.61 24.12 -15.29
CA ILE B 33 16.46 24.65 -16.65
C ILE B 33 17.15 26.01 -16.73
N MET B 34 18.09 26.14 -17.66
CA MET B 34 18.78 27.39 -17.92
C MET B 34 18.52 27.83 -19.36
N GLY B 35 18.79 29.10 -19.63
CA GLY B 35 18.57 29.65 -20.95
C GLY B 35 19.36 30.91 -21.17
N TRP B 36 19.41 31.33 -22.42
CA TRP B 36 20.15 32.50 -22.85
C TRP B 36 19.21 33.66 -23.17
N PHE B 37 19.80 34.84 -23.39
CA PHE B 37 19.00 36.03 -23.67
C PHE B 37 19.74 36.97 -24.61
N ARG B 38 19.02 38.00 -25.05
CA ARG B 38 19.61 39.08 -25.80
C ARG B 38 18.90 40.37 -25.46
N GLN B 39 19.60 41.48 -25.72
CA GLN B 39 19.06 42.79 -25.41
C GLN B 39 19.65 43.82 -26.37
N ALA B 40 18.77 44.45 -27.14
CA ALA B 40 19.14 45.56 -27.98
C ALA B 40 19.50 46.77 -27.13
N PRO B 41 20.24 47.74 -27.68
CA PRO B 41 20.54 48.96 -26.91
C PRO B 41 19.33 49.77 -26.51
N GLY B 42 18.38 49.98 -27.41
CA GLY B 42 17.21 50.76 -27.06
C GLY B 42 16.01 49.90 -26.76
N LYS B 43 15.81 48.87 -27.58
CA LYS B 43 14.64 48.01 -27.46
C LYS B 43 14.74 47.17 -26.20
N GLU B 44 13.59 46.85 -25.62
CA GLU B 44 13.53 46.03 -24.44
C GLU B 44 14.00 44.61 -24.73
N ARG B 45 14.42 43.94 -23.67
CA ARG B 45 15.07 42.64 -23.76
C ARG B 45 14.07 41.55 -24.14
N GLU B 46 14.61 40.42 -24.60
CA GLU B 46 13.76 39.31 -25.04
C GLU B 46 14.53 38.00 -24.91
N PHE B 47 13.91 36.94 -25.40
CA PHE B 47 14.29 35.55 -25.15
C PHE B 47 14.76 34.90 -26.44
N VAL B 48 15.70 33.95 -26.33
CA VAL B 48 16.21 33.24 -27.49
C VAL B 48 16.01 31.73 -27.41
N GLY B 49 16.21 31.13 -26.24
CA GLY B 49 16.17 29.68 -26.17
C GLY B 49 16.62 29.16 -24.82
N ALA B 50 16.25 27.91 -24.55
CA ALA B 50 16.58 27.27 -23.29
C ALA B 50 16.68 25.77 -23.50
N ILE B 51 17.27 25.08 -22.53
CA ILE B 51 17.59 23.67 -22.64
C ILE B 51 17.12 22.90 -21.43
N SER B 52 16.84 21.62 -21.64
CA SER B 52 16.67 20.71 -20.53
C SER B 52 18.02 20.44 -19.89
N TRP B 53 18.04 20.33 -18.56
CA TRP B 53 19.30 20.20 -17.85
C TRP B 53 19.93 18.83 -18.06
N SER B 54 19.12 17.81 -18.25
CA SER B 54 19.62 16.50 -18.62
C SER B 54 19.98 16.40 -20.10
N GLY B 55 19.94 17.51 -20.84
CA GLY B 55 20.28 17.50 -22.24
C GLY B 55 19.23 16.89 -23.14
N GLY B 56 18.06 16.55 -22.61
CA GLY B 56 17.07 15.88 -23.42
C GLY B 56 16.37 16.78 -24.41
N SER B 57 16.25 18.07 -24.11
CA SER B 57 15.44 18.92 -24.96
C SER B 57 16.01 20.33 -25.03
N THR B 58 15.76 20.96 -26.16
CA THR B 58 16.03 22.37 -26.39
C THR B 58 14.73 23.06 -26.79
N SER B 59 14.74 24.38 -26.78
CA SER B 59 13.65 25.16 -27.34
C SER B 59 14.23 26.45 -27.89
N TYR B 60 13.50 27.08 -28.80
CA TYR B 60 14.04 28.22 -29.50
C TYR B 60 12.94 29.23 -29.80
N ALA B 61 13.35 30.47 -30.04
CA ALA B 61 12.42 31.45 -30.57
C ALA B 61 12.16 31.19 -32.04
N ASP B 62 11.07 31.76 -32.54
CA ASP B 62 10.67 31.48 -33.92
C ASP B 62 11.55 32.20 -34.93
N SER B 63 12.05 33.38 -34.58
CA SER B 63 12.86 34.15 -35.53
C SER B 63 14.22 33.53 -35.75
N VAL B 64 14.73 32.79 -34.78
CA VAL B 64 16.03 32.13 -34.87
C VAL B 64 15.73 30.64 -34.79
N LYS B 65 14.64 30.22 -35.41
CA LYS B 65 14.39 28.80 -35.59
C LYS B 65 15.49 28.19 -36.45
N ASP B 66 16.08 27.09 -35.95
CA ASP B 66 17.06 26.26 -36.67
C ASP B 66 18.34 27.02 -37.02
N ARG B 67 18.72 27.96 -36.21
CA ARG B 67 19.94 28.67 -36.55
C ARG B 67 20.97 28.66 -35.44
N PHE B 68 20.55 28.75 -34.19
CA PHE B 68 21.46 28.66 -33.07
C PHE B 68 21.40 27.25 -32.48
N THR B 69 22.48 26.84 -31.82
CA THR B 69 22.49 25.61 -31.06
C THR B 69 23.10 25.86 -29.68
N ILE B 70 22.65 25.09 -28.71
CA ILE B 70 23.10 25.25 -27.33
C ILE B 70 23.70 23.93 -26.86
N SER B 71 24.87 24.00 -26.23
CA SER B 71 25.56 22.82 -25.76
C SER B 71 24.99 22.35 -24.43
N ARG B 72 25.63 21.34 -23.84
CA ARG B 72 25.31 20.86 -22.51
C ARG B 72 26.50 20.08 -22.00
N ASP B 73 26.87 20.30 -20.74
CA ASP B 73 27.98 19.59 -20.12
C ASP B 73 27.50 18.81 -18.92
N ASN B 74 28.09 17.64 -18.72
CA ASN B 74 27.99 16.95 -17.46
C ASN B 74 29.28 17.01 -16.67
N ALA B 75 30.41 17.30 -17.30
CA ALA B 75 31.68 17.33 -16.60
C ALA B 75 31.79 18.59 -15.75
N LYS B 76 31.81 19.75 -16.38
CA LYS B 76 31.87 20.99 -15.66
C LYS B 76 30.54 21.72 -15.65
N ASN B 77 29.54 21.15 -16.33
CA ASN B 77 28.14 21.59 -16.27
C ASN B 77 27.93 23.01 -16.77
N THR B 78 28.80 23.49 -17.65
CA THR B 78 28.65 24.82 -18.23
C THR B 78 28.12 24.73 -19.66
N VAL B 79 27.49 25.81 -20.11
CA VAL B 79 26.79 25.79 -21.38
C VAL B 79 27.42 26.77 -22.36
N TYR B 80 27.16 26.51 -23.66
CA TYR B 80 27.79 27.22 -24.77
C TYR B 80 26.76 27.45 -25.87
N LEU B 81 27.04 28.44 -26.73
CA LEU B 81 26.13 28.85 -27.79
C LEU B 81 26.87 28.78 -29.12
N GLU B 82 26.88 27.61 -29.74
CA GLU B 82 27.51 27.43 -31.04
C GLU B 82 26.45 27.58 -32.13
N MET B 83 26.82 28.26 -33.21
CA MET B 83 25.82 28.60 -34.21
C MET B 83 26.51 28.86 -35.56
N ASN B 84 25.68 29.08 -36.57
CA ASN B 84 26.12 29.48 -37.90
C ASN B 84 25.14 30.50 -38.42
N ASN B 85 25.44 31.04 -39.61
CA ASN B 85 24.58 31.96 -40.36
C ASN B 85 24.25 33.20 -39.53
N LEU B 86 25.28 34.04 -39.38
CA LEU B 86 25.12 35.31 -38.67
C LEU B 86 24.03 36.16 -39.30
N LYS B 87 23.36 36.95 -38.46
CA LYS B 87 22.33 37.88 -38.89
C LYS B 87 22.63 39.23 -38.26
N PRO B 88 22.71 40.30 -39.05
CA PRO B 88 23.16 41.61 -38.51
C PRO B 88 22.15 42.27 -37.59
N GLU B 89 20.92 41.77 -37.56
CA GLU B 89 19.92 42.24 -36.63
C GLU B 89 20.16 41.74 -35.22
N ASP B 90 21.08 40.78 -35.05
CA ASP B 90 21.33 40.16 -33.76
C ASP B 90 22.37 40.87 -32.93
N THR B 91 22.61 42.14 -33.22
CA THR B 91 23.59 42.91 -32.47
C THR B 91 23.01 43.18 -31.08
N ALA B 92 23.40 42.36 -30.11
CA ALA B 92 22.83 42.47 -28.78
C ALA B 92 23.81 41.91 -27.76
N VAL B 93 23.84 42.53 -26.58
CA VAL B 93 24.52 41.93 -25.45
C VAL B 93 23.74 40.71 -25.01
N TYR B 94 24.44 39.64 -24.64
CA TYR B 94 23.79 38.38 -24.32
C TYR B 94 23.97 38.08 -22.84
N TYR B 95 23.11 37.20 -22.33
CA TYR B 95 23.08 36.87 -20.91
C TYR B 95 22.63 35.43 -20.74
N CYS B 96 22.94 34.84 -19.59
CA CYS B 96 22.40 33.56 -19.18
C CYS B 96 21.69 33.69 -17.83
N ALA B 97 20.77 32.77 -17.55
CA ALA B 97 20.00 32.79 -16.32
C ALA B 97 19.50 31.38 -16.03
N ALA B 98 18.79 31.24 -14.92
CA ALA B 98 18.31 29.94 -14.47
C ALA B 98 16.98 30.09 -13.76
N LYS B 99 16.25 28.98 -13.66
CA LYS B 99 14.94 28.98 -13.04
C LYS B 99 14.81 27.83 -12.06
N GLY B 100 13.85 27.96 -11.16
CA GLY B 100 13.48 26.88 -10.29
C GLY B 100 12.66 25.85 -11.03
N ARG B 101 12.28 24.80 -10.31
CA ARG B 101 11.55 23.72 -10.94
C ARG B 101 10.14 24.14 -11.32
N TYR B 102 9.58 25.10 -10.60
CA TYR B 102 8.24 25.59 -10.88
C TYR B 102 8.31 27.11 -10.94
N SER B 103 8.58 27.64 -12.13
CA SER B 103 8.64 29.09 -12.29
C SER B 103 8.03 29.54 -13.60
N GLY B 104 7.15 28.74 -14.20
CA GLY B 104 6.34 29.22 -15.30
C GLY B 104 6.88 28.86 -16.67
N GLY B 105 6.37 29.58 -17.66
CA GLY B 105 6.80 29.37 -19.02
C GLY B 105 8.19 29.93 -19.27
N LEU B 106 8.84 29.36 -20.28
CA LEU B 106 10.25 29.65 -20.51
C LEU B 106 10.46 31.02 -21.15
N TYR B 107 9.44 31.57 -21.79
CA TYR B 107 9.64 32.76 -22.61
C TYR B 107 9.76 34.05 -21.81
N TYR B 108 9.51 34.02 -20.53
CA TYR B 108 9.36 35.33 -19.93
C TYR B 108 10.54 35.67 -19.03
N PRO B 109 11.01 36.91 -19.08
CA PRO B 109 12.32 37.20 -18.47
C PRO B 109 12.30 37.30 -16.96
N THR B 110 11.23 37.83 -16.37
CA THR B 110 11.26 38.06 -14.93
C THR B 110 11.10 36.78 -14.12
N ASN B 111 10.85 35.65 -14.76
CA ASN B 111 10.70 34.40 -14.04
C ASN B 111 12.02 33.78 -13.61
N TYR B 112 13.15 34.38 -13.96
CA TYR B 112 14.43 33.75 -13.67
C TYR B 112 15.12 34.53 -12.55
N ASP B 113 16.03 33.85 -11.86
CA ASP B 113 16.54 34.36 -10.59
C ASP B 113 17.94 34.97 -10.70
N TYR B 114 18.89 34.24 -11.24
CA TYR B 114 20.28 34.68 -11.20
C TYR B 114 20.73 35.23 -12.54
N TRP B 115 21.63 36.20 -12.49
CA TRP B 115 22.06 36.93 -13.67
C TRP B 115 23.56 37.16 -13.64
N GLY B 116 24.18 37.05 -14.80
CA GLY B 116 25.59 37.33 -14.93
C GLY B 116 25.85 38.62 -15.68
N GLN B 117 27.07 39.13 -15.59
CA GLN B 117 27.44 40.33 -16.33
C GLN B 117 27.83 39.89 -17.73
N GLY B 118 26.98 40.21 -18.70
CA GLY B 118 27.13 39.65 -20.03
C GLY B 118 28.26 40.27 -20.83
N THR B 119 28.50 39.66 -21.98
CA THR B 119 29.54 40.09 -22.90
C THR B 119 28.95 40.92 -24.02
N GLN B 120 29.60 42.01 -24.36
CA GLN B 120 29.21 42.83 -25.49
C GLN B 120 29.55 42.07 -26.77
N VAL B 121 28.52 41.66 -27.51
CA VAL B 121 28.70 40.95 -28.77
C VAL B 121 28.17 41.84 -29.88
N THR B 122 29.07 42.27 -30.77
CA THR B 122 28.75 43.25 -31.79
C THR B 122 28.97 42.68 -33.18
N VAL B 123 28.01 42.93 -34.07
CA VAL B 123 28.15 42.58 -35.48
C VAL B 123 28.93 43.69 -36.17
N SER B 124 29.99 43.31 -36.87
CA SER B 124 30.77 44.27 -37.64
C SER B 124 30.71 43.93 -39.14
N GLN C 1 -23.56 -28.33 21.64
CA GLN C 1 -22.73 -29.49 21.92
C GLN C 1 -21.75 -29.18 23.04
N VAL C 2 -21.53 -27.89 23.29
CA VAL C 2 -20.61 -27.48 24.35
C VAL C 2 -21.33 -27.62 25.68
N GLN C 3 -20.87 -28.55 26.50
CA GLN C 3 -21.49 -28.83 27.78
C GLN C 3 -20.58 -28.35 28.90
N LEU C 4 -21.15 -27.69 29.89
CA LEU C 4 -20.38 -27.15 30.99
C LEU C 4 -20.53 -28.00 32.25
N GLN C 5 -19.66 -27.73 33.22
CA GLN C 5 -19.66 -28.45 34.48
C GLN C 5 -19.34 -27.49 35.61
N GLU C 6 -20.16 -27.54 36.66
CA GLU C 6 -20.02 -26.64 37.79
C GLU C 6 -19.80 -27.46 39.05
N SER C 7 -18.78 -27.09 39.82
CA SER C 7 -18.50 -27.74 41.08
C SER C 7 -17.58 -26.86 41.91
N GLY C 8 -17.70 -26.99 43.22
CA GLY C 8 -16.70 -26.41 44.11
C GLY C 8 -17.26 -25.60 45.26
N GLY C 9 -18.57 -25.59 45.44
CA GLY C 9 -19.14 -24.77 46.48
C GLY C 9 -19.76 -25.54 47.62
N GLY C 10 -20.04 -24.85 48.72
CA GLY C 10 -20.66 -25.46 49.87
C GLY C 10 -21.30 -24.42 50.77
N LEU C 11 -21.26 -24.67 52.08
CA LEU C 11 -21.79 -23.74 53.07
C LEU C 11 -20.63 -23.10 53.80
N VAL C 12 -20.62 -21.78 53.85
CA VAL C 12 -19.72 -21.02 54.69
C VAL C 12 -20.57 -20.01 55.44
N GLN C 13 -20.30 -19.83 56.72
CA GLN C 13 -20.99 -18.83 57.52
C GLN C 13 -20.55 -17.43 57.12
N ALA C 14 -21.04 -16.44 57.87
CA ALA C 14 -20.79 -15.04 57.56
C ALA C 14 -19.32 -14.68 57.74
N GLY C 15 -18.86 -13.74 56.91
CA GLY C 15 -17.49 -13.27 56.98
C GLY C 15 -16.46 -14.17 56.33
N GLY C 16 -16.85 -15.33 55.81
CA GLY C 16 -15.90 -16.25 55.22
C GLY C 16 -15.53 -15.89 53.80
N SER C 17 -15.07 -16.90 53.06
CA SER C 17 -14.64 -16.74 51.68
C SER C 17 -14.63 -18.11 51.01
N LEU C 18 -15.23 -18.21 49.83
CA LEU C 18 -15.38 -19.50 49.15
C LEU C 18 -15.04 -19.35 47.68
N ARG C 19 -14.33 -20.34 47.15
CA ARG C 19 -13.95 -20.39 45.75
C ARG C 19 -14.83 -21.39 45.00
N LEU C 20 -15.17 -21.05 43.76
CA LEU C 20 -15.96 -21.90 42.89
C LEU C 20 -15.32 -21.87 41.50
N SER C 21 -15.46 -22.96 40.75
CA SER C 21 -14.88 -23.02 39.43
C SER C 21 -15.80 -23.77 38.47
N CYS C 22 -15.52 -23.61 37.18
CA CYS C 22 -16.39 -24.05 36.10
C CYS C 22 -15.57 -24.76 35.04
N ALA C 23 -15.97 -25.98 34.69
CA ALA C 23 -15.27 -26.79 33.72
C ALA C 23 -16.03 -26.80 32.39
N ALA C 24 -15.27 -26.88 31.30
CA ALA C 24 -15.82 -26.77 29.96
C ALA C 24 -15.59 -28.06 29.18
N SER C 25 -16.50 -28.33 28.24
CA SER C 25 -16.41 -29.53 27.41
C SER C 25 -17.19 -29.28 26.13
N GLY C 26 -16.48 -29.22 25.01
CA GLY C 26 -17.12 -29.06 23.72
C GLY C 26 -16.26 -28.22 22.80
N HIS C 27 -16.85 -27.86 21.67
CA HIS C 27 -16.16 -27.03 20.68
C HIS C 27 -16.05 -25.61 21.18
N THR C 28 -14.98 -25.31 21.91
CA THR C 28 -14.87 -24.08 22.66
C THR C 28 -14.32 -22.92 21.86
N PHE C 29 -14.24 -23.03 20.52
CA PHE C 29 -13.60 -21.93 19.81
C PHE C 29 -14.56 -20.77 19.57
N ASN C 30 -15.79 -21.05 19.19
CA ASN C 30 -16.71 -19.95 18.89
C ASN C 30 -17.47 -19.48 20.11
N TYR C 31 -16.97 -19.73 21.30
CA TYR C 31 -17.51 -19.13 22.52
C TYR C 31 -16.37 -18.52 23.31
N PRO C 32 -15.81 -17.42 22.83
CA PRO C 32 -14.58 -16.89 23.44
C PRO C 32 -14.81 -16.21 24.77
N ILE C 33 -16.04 -15.84 25.09
CA ILE C 33 -16.33 -15.04 26.27
C ILE C 33 -17.26 -15.85 27.17
N MET C 34 -16.74 -16.30 28.30
CA MET C 34 -17.50 -17.01 29.31
C MET C 34 -17.91 -16.06 30.42
N GLY C 35 -19.03 -16.38 31.07
CA GLY C 35 -19.58 -15.48 32.06
C GLY C 35 -20.26 -16.24 33.19
N TRP C 36 -20.69 -15.47 34.18
CA TRP C 36 -21.29 -16.00 35.39
C TRP C 36 -22.64 -15.34 35.65
N PHE C 37 -23.44 -15.99 36.50
CA PHE C 37 -24.74 -15.45 36.90
C PHE C 37 -24.86 -15.38 38.42
N ARG C 38 -26.08 -15.08 38.88
CA ARG C 38 -26.57 -15.50 40.19
C ARG C 38 -28.09 -15.44 40.14
N GLN C 39 -28.72 -16.33 40.91
CA GLN C 39 -30.18 -16.47 40.93
C GLN C 39 -30.65 -16.50 42.38
N ALA C 40 -31.15 -15.36 42.84
CA ALA C 40 -31.77 -15.30 44.15
C ALA C 40 -33.08 -16.09 44.14
N PRO C 41 -33.45 -16.71 45.27
CA PRO C 41 -34.65 -17.56 45.27
C PRO C 41 -35.94 -16.79 45.09
N GLY C 42 -35.97 -15.51 45.46
CA GLY C 42 -37.17 -14.73 45.24
C GLY C 42 -37.11 -13.96 43.94
N LYS C 43 -35.90 -13.68 43.47
CA LYS C 43 -35.69 -12.68 42.45
C LYS C 43 -35.45 -13.33 41.09
N GLU C 44 -35.06 -12.51 40.12
CA GLU C 44 -34.83 -12.93 38.75
C GLU C 44 -33.37 -13.30 38.56
N ARG C 45 -32.93 -13.41 37.32
CA ARG C 45 -31.55 -13.70 36.97
C ARG C 45 -30.74 -12.41 36.91
N GLU C 46 -29.50 -12.46 37.37
CA GLU C 46 -28.65 -11.27 37.36
C GLU C 46 -27.27 -11.62 36.86
N PHE C 47 -26.59 -10.60 36.33
CA PHE C 47 -25.23 -10.70 35.85
C PHE C 47 -24.26 -10.21 36.90
N VAL C 48 -23.11 -10.86 36.98
CA VAL C 48 -22.09 -10.53 37.97
C VAL C 48 -20.75 -10.17 37.33
N GLY C 49 -20.33 -10.88 36.30
CA GLY C 49 -19.03 -10.63 35.71
C GLY C 49 -18.70 -11.66 34.65
N ALA C 50 -17.75 -11.30 33.80
CA ALA C 50 -17.36 -12.15 32.69
C ALA C 50 -15.88 -11.98 32.38
N ILE C 51 -15.41 -12.79 31.42
CA ILE C 51 -13.98 -12.92 31.16
C ILE C 51 -13.77 -13.04 29.65
N SER C 52 -12.59 -12.62 29.20
CA SER C 52 -12.21 -12.65 27.79
C SER C 52 -11.83 -14.05 27.34
N TRP C 53 -11.18 -14.15 26.19
CA TRP C 53 -10.60 -15.42 25.74
C TRP C 53 -9.12 -15.50 26.03
N SER C 54 -8.37 -14.44 25.71
CA SER C 54 -6.97 -14.37 26.05
C SER C 54 -6.77 -14.30 27.55
N GLY C 55 -7.75 -13.80 28.28
CA GLY C 55 -7.74 -13.79 29.72
C GLY C 55 -7.30 -12.47 30.33
N GLY C 56 -6.64 -11.62 29.55
CA GLY C 56 -6.17 -10.37 30.09
C GLY C 56 -7.22 -9.30 30.31
N SER C 57 -8.46 -9.57 29.93
CA SER C 57 -9.54 -8.59 30.04
C SER C 57 -10.66 -9.13 30.90
N THR C 58 -11.10 -8.31 31.84
CA THR C 58 -12.17 -8.64 32.76
C THR C 58 -13.28 -7.60 32.68
N SER C 59 -14.41 -7.93 33.29
CA SER C 59 -15.51 -6.99 33.44
C SER C 59 -16.34 -7.43 34.63
N TYR C 60 -16.70 -6.48 35.49
CA TYR C 60 -17.37 -6.80 36.72
C TYR C 60 -18.58 -5.89 36.92
N ALA C 61 -19.58 -6.41 37.62
CA ALA C 61 -20.71 -5.59 38.02
C ALA C 61 -20.29 -4.61 39.12
N ASP C 62 -21.10 -3.58 39.30
CA ASP C 62 -20.69 -2.50 40.20
C ASP C 62 -20.90 -2.86 41.65
N SER C 63 -22.05 -3.46 41.99
CA SER C 63 -22.36 -3.73 43.38
C SER C 63 -21.50 -4.87 43.93
N VAL C 64 -21.14 -5.81 43.09
CA VAL C 64 -20.37 -6.97 43.51
C VAL C 64 -18.90 -6.80 43.11
N LYS C 65 -18.51 -5.57 42.82
CA LYS C 65 -17.11 -5.19 42.81
C LYS C 65 -16.54 -5.33 44.20
N ASP C 66 -15.22 -5.58 44.26
CA ASP C 66 -14.42 -5.62 45.47
C ASP C 66 -14.82 -6.80 46.36
N ARG C 67 -15.36 -7.85 45.76
CA ARG C 67 -15.51 -9.08 46.51
C ARG C 67 -15.30 -10.35 45.70
N PHE C 68 -15.00 -10.27 44.40
CA PHE C 68 -14.68 -11.46 43.63
C PHE C 68 -13.64 -11.10 42.57
N THR C 69 -13.03 -12.14 42.00
CA THR C 69 -12.04 -11.98 40.96
C THR C 69 -12.16 -13.17 40.02
N ILE C 70 -12.12 -12.90 38.72
CA ILE C 70 -12.27 -13.91 37.69
C ILE C 70 -10.95 -14.02 36.92
N SER C 71 -10.48 -15.25 36.74
CA SER C 71 -9.32 -15.49 35.88
C SER C 71 -9.48 -16.85 35.23
N ARG C 72 -8.93 -16.98 34.02
CA ARG C 72 -9.05 -18.20 33.24
C ARG C 72 -7.68 -18.68 32.80
N ASP C 73 -7.64 -19.96 32.42
CA ASP C 73 -6.44 -20.57 31.88
C ASP C 73 -6.86 -21.78 31.06
N ASN C 74 -6.06 -22.08 30.04
CA ASN C 74 -6.34 -23.18 29.14
C ASN C 74 -5.70 -24.49 29.59
N ALA C 75 -5.53 -24.67 30.91
CA ALA C 75 -5.09 -25.95 31.42
C ALA C 75 -6.11 -27.04 31.12
N LYS C 76 -7.29 -26.94 31.74
CA LYS C 76 -8.43 -27.76 31.37
C LYS C 76 -9.50 -26.95 30.66
N ASN C 77 -9.12 -25.76 30.17
CA ASN C 77 -10.03 -24.74 29.66
C ASN C 77 -11.11 -24.41 30.68
N THR C 78 -10.67 -24.02 31.87
CA THR C 78 -11.58 -23.72 32.96
C THR C 78 -11.43 -22.28 33.40
N VAL C 79 -12.48 -21.77 34.03
CA VAL C 79 -12.49 -20.41 34.56
C VAL C 79 -12.65 -20.48 36.07
N TYR C 80 -12.07 -19.51 36.75
CA TYR C 80 -11.99 -19.52 38.20
C TYR C 80 -12.72 -18.30 38.76
N LEU C 81 -13.32 -18.48 39.93
CA LEU C 81 -14.06 -17.43 40.63
C LEU C 81 -13.51 -17.32 42.03
N GLU C 82 -12.87 -16.19 42.35
CA GLU C 82 -12.16 -16.06 43.62
C GLU C 82 -13.08 -15.68 44.77
N MET C 83 -12.50 -15.21 45.87
CA MET C 83 -13.24 -15.06 47.11
C MET C 83 -12.72 -13.88 47.93
N ASN C 84 -13.64 -13.14 48.54
CA ASN C 84 -13.43 -12.14 49.59
C ASN C 84 -14.78 -11.66 50.06
N ASN C 85 -14.87 -11.30 51.35
CA ASN C 85 -15.94 -10.48 51.94
C ASN C 85 -17.32 -11.08 51.74
N LEU C 86 -17.55 -12.20 52.41
CA LEU C 86 -18.86 -12.83 52.34
C LEU C 86 -19.90 -11.93 52.99
N LYS C 87 -21.08 -11.90 52.40
CA LYS C 87 -22.22 -11.20 52.95
C LYS C 87 -23.42 -12.11 52.80
N PRO C 88 -24.24 -12.25 53.86
CA PRO C 88 -25.25 -13.31 53.87
C PRO C 88 -26.42 -13.07 52.95
N GLU C 89 -26.49 -11.91 52.30
CA GLU C 89 -27.56 -11.66 51.34
C GLU C 89 -27.37 -12.41 50.03
N ASP C 90 -26.22 -13.05 49.82
CA ASP C 90 -25.89 -13.61 48.52
C ASP C 90 -26.19 -15.09 48.41
N THR C 91 -27.19 -15.59 49.12
CA THR C 91 -27.60 -16.98 48.96
C THR C 91 -28.30 -17.13 47.62
N ALA C 92 -27.61 -17.74 46.67
CA ALA C 92 -28.10 -17.83 45.30
C ALA C 92 -27.44 -19.01 44.62
N VAL C 93 -28.23 -19.76 43.86
CA VAL C 93 -27.66 -20.78 42.99
C VAL C 93 -26.90 -20.08 41.88
N TYR C 94 -25.60 -20.31 41.82
CA TYR C 94 -24.81 -19.62 40.81
C TYR C 94 -24.83 -20.42 39.52
N TYR C 95 -24.50 -19.74 38.43
CA TYR C 95 -24.54 -20.36 37.11
C TYR C 95 -23.39 -19.86 36.26
N CYS C 96 -22.94 -20.73 35.36
CA CYS C 96 -21.81 -20.50 34.48
C CYS C 96 -22.24 -20.72 33.04
N ALA C 97 -21.83 -19.82 32.15
CA ALA C 97 -22.25 -19.89 30.76
C ALA C 97 -21.23 -19.15 29.90
N ALA C 98 -21.48 -19.13 28.59
CA ALA C 98 -20.61 -18.46 27.64
C ALA C 98 -21.46 -17.76 26.59
N LYS C 99 -20.79 -17.17 25.60
CA LYS C 99 -21.44 -16.34 24.61
C LYS C 99 -20.79 -16.54 23.26
N GLY C 100 -21.59 -16.57 22.20
CA GLY C 100 -21.05 -16.51 20.86
C GLY C 100 -20.33 -15.21 20.58
N ARG C 101 -19.49 -15.22 19.56
CA ARG C 101 -18.57 -14.11 19.33
C ARG C 101 -19.31 -12.85 18.90
N TYR C 102 -20.20 -12.97 17.91
CA TYR C 102 -21.08 -11.88 17.55
C TYR C 102 -22.44 -12.19 18.16
N SER C 103 -22.56 -11.94 19.46
CA SER C 103 -23.81 -12.25 20.12
C SER C 103 -24.25 -11.19 21.12
N GLY C 104 -23.67 -10.00 21.06
CA GLY C 104 -24.34 -8.88 21.65
C GLY C 104 -23.98 -8.43 23.04
N GLY C 105 -25.00 -8.01 23.78
CA GLY C 105 -24.78 -7.34 25.05
C GLY C 105 -24.32 -8.33 26.10
N LEU C 106 -23.26 -7.97 26.81
CA LEU C 106 -22.58 -8.87 27.73
C LEU C 106 -23.11 -8.75 29.15
N TYR C 107 -24.25 -8.08 29.35
CA TYR C 107 -24.83 -7.93 30.67
C TYR C 107 -26.12 -8.73 30.84
N TYR C 108 -26.61 -9.37 29.80
CA TYR C 108 -28.00 -9.77 29.80
C TYR C 108 -28.15 -11.29 29.77
N PRO C 109 -29.20 -11.84 30.36
CA PRO C 109 -29.33 -13.30 30.44
C PRO C 109 -29.56 -13.98 29.11
N THR C 110 -30.46 -13.44 28.29
CA THR C 110 -30.92 -14.17 27.13
C THR C 110 -29.90 -14.21 25.99
N ASN C 111 -28.82 -13.45 26.07
CA ASN C 111 -27.82 -13.50 25.01
C ASN C 111 -26.97 -14.75 25.06
N TYR C 112 -27.00 -15.51 26.14
CA TYR C 112 -26.10 -16.64 26.31
C TYR C 112 -26.81 -17.93 25.90
N ASP C 113 -26.03 -18.87 25.39
CA ASP C 113 -26.58 -20.04 24.71
C ASP C 113 -26.57 -21.29 25.58
N TYR C 114 -25.40 -21.68 26.06
CA TYR C 114 -25.26 -22.90 26.85
C TYR C 114 -25.10 -22.51 28.31
N TRP C 115 -26.10 -22.80 29.12
CA TRP C 115 -26.03 -22.58 30.55
C TRP C 115 -25.56 -23.84 31.24
N GLY C 116 -24.54 -23.70 32.07
CA GLY C 116 -24.24 -24.74 33.03
C GLY C 116 -25.06 -24.55 34.29
N GLN C 117 -25.35 -25.66 34.96
CA GLN C 117 -25.99 -25.62 36.26
C GLN C 117 -25.13 -26.37 37.24
N GLY C 118 -25.35 -26.11 38.51
CA GLY C 118 -24.54 -26.77 39.51
C GLY C 118 -24.74 -26.29 40.92
N THR C 119 -23.62 -26.02 41.59
CA THR C 119 -23.61 -25.91 43.05
C THR C 119 -24.18 -24.57 43.49
N GLN C 120 -25.10 -24.61 44.44
CA GLN C 120 -25.56 -23.40 45.11
C GLN C 120 -24.62 -23.03 46.23
N VAL C 121 -24.66 -21.76 46.62
CA VAL C 121 -23.89 -21.27 47.75
C VAL C 121 -24.90 -20.75 48.75
N THR C 122 -25.11 -21.50 49.82
CA THR C 122 -26.02 -21.12 50.89
C THR C 122 -25.19 -20.69 52.09
N VAL C 123 -25.33 -19.42 52.46
CA VAL C 123 -24.54 -18.83 53.54
C VAL C 123 -25.49 -18.35 54.62
N SER C 124 -24.94 -18.17 55.82
CA SER C 124 -25.73 -17.70 56.95
C SER C 124 -24.79 -17.02 57.95
N SER C 125 -25.32 -16.66 59.10
CA SER C 125 -24.55 -16.00 60.13
C SER C 125 -24.72 -16.71 61.46
N ASN D 33 -19.02 48.90 -11.68
CA ASN D 33 -20.19 48.78 -10.83
C ASN D 33 -20.57 47.32 -10.64
N MET D 34 -21.15 47.01 -9.49
CA MET D 34 -21.67 45.69 -9.21
C MET D 34 -23.03 45.47 -9.85
N SER D 35 -23.77 46.55 -10.12
CA SER D 35 -25.18 46.44 -10.45
C SER D 35 -25.38 45.88 -11.86
N PHE D 36 -24.53 46.27 -12.81
CA PHE D 36 -24.73 45.89 -14.20
C PHE D 36 -24.54 44.39 -14.39
N VAL D 37 -23.58 43.82 -13.66
CA VAL D 37 -23.04 42.54 -14.07
C VAL D 37 -23.98 41.41 -13.69
N LYS D 38 -24.66 41.53 -12.55
CA LYS D 38 -25.49 40.43 -12.07
C LYS D 38 -26.71 40.23 -12.96
N GLU D 39 -27.35 41.31 -13.37
CA GLU D 39 -28.47 41.17 -14.30
C GLU D 39 -27.97 40.86 -15.71
N THR D 40 -26.71 41.13 -16.01
CA THR D 40 -26.18 40.80 -17.33
C THR D 40 -26.02 39.31 -17.49
N VAL D 41 -25.50 38.64 -16.46
CA VAL D 41 -25.33 37.20 -16.50
C VAL D 41 -26.68 36.50 -16.52
N ASP D 42 -27.66 37.05 -15.81
CA ASP D 42 -28.97 36.44 -15.77
C ASP D 42 -29.69 36.56 -17.09
N LYS D 43 -29.44 37.63 -17.85
CA LYS D 43 -29.94 37.67 -19.22
C LYS D 43 -29.25 36.64 -20.08
N LEU D 44 -28.00 36.32 -19.79
CA LEU D 44 -27.29 35.32 -20.56
C LEU D 44 -27.71 33.90 -20.21
N LEU D 45 -28.42 33.70 -19.12
CA LEU D 45 -28.82 32.35 -18.73
C LEU D 45 -30.31 32.14 -18.67
N LYS D 46 -31.11 33.20 -18.73
CA LYS D 46 -32.56 33.01 -18.79
C LYS D 46 -32.92 32.46 -20.15
N GLY D 47 -33.46 31.26 -20.18
CA GLY D 47 -33.77 30.62 -21.44
C GLY D 47 -32.59 29.99 -22.14
N TYR D 48 -31.41 30.01 -21.55
CA TYR D 48 -30.27 29.32 -22.13
C TYR D 48 -30.46 27.82 -21.99
N ASP D 49 -30.57 27.13 -23.11
CA ASP D 49 -30.64 25.69 -23.05
C ASP D 49 -29.25 25.12 -22.83
N ILE D 50 -29.18 24.03 -22.06
CA ILE D 50 -27.93 23.32 -21.87
C ILE D 50 -27.85 22.07 -22.73
N ARG D 51 -28.97 21.64 -23.29
CA ARG D 51 -28.96 20.34 -23.96
C ARG D 51 -28.39 20.39 -25.37
N LEU D 52 -28.13 21.56 -25.93
CA LEU D 52 -27.75 21.66 -27.33
C LEU D 52 -26.44 22.39 -27.51
N ARG D 53 -25.68 21.97 -28.52
CA ARG D 53 -24.44 22.59 -28.90
C ARG D 53 -24.73 23.84 -29.73
N PRO D 54 -23.85 24.83 -29.72
CA PRO D 54 -24.16 26.06 -30.45
C PRO D 54 -24.01 25.86 -31.94
N ASP D 55 -24.78 26.66 -32.69
CA ASP D 55 -24.93 26.57 -34.15
C ASP D 55 -25.38 25.17 -34.56
N PHE D 56 -26.54 24.79 -34.05
CA PHE D 56 -26.99 23.40 -34.10
C PHE D 56 -27.34 22.96 -35.51
N GLY D 57 -28.18 23.74 -36.19
CA GLY D 57 -28.52 23.40 -37.56
C GLY D 57 -27.44 23.77 -38.54
N GLY D 58 -26.66 24.79 -38.23
CA GLY D 58 -25.75 25.36 -39.20
C GLY D 58 -24.41 24.66 -39.29
N PRO D 59 -23.35 25.46 -39.39
CA PRO D 59 -22.01 24.89 -39.59
C PRO D 59 -21.51 24.23 -38.32
N PRO D 60 -20.54 23.31 -38.44
CA PRO D 60 -19.99 22.68 -37.24
C PRO D 60 -19.18 23.65 -36.41
N VAL D 61 -19.03 23.32 -35.14
CA VAL D 61 -18.26 24.16 -34.25
C VAL D 61 -16.77 23.92 -34.50
N CYS D 62 -15.96 24.91 -34.15
CA CYS D 62 -14.54 24.91 -34.48
C CYS D 62 -13.76 25.07 -33.18
N VAL D 63 -13.48 23.96 -32.50
CA VAL D 63 -12.89 23.96 -31.16
C VAL D 63 -11.39 23.72 -31.24
N GLY D 64 -10.63 24.61 -30.63
CA GLY D 64 -9.18 24.47 -30.54
C GLY D 64 -8.79 24.03 -29.15
N MET D 65 -7.65 23.36 -29.05
CA MET D 65 -7.17 22.87 -27.76
C MET D 65 -5.73 23.31 -27.51
N ASN D 66 -5.26 22.99 -26.31
CA ASN D 66 -4.00 23.49 -25.78
C ASN D 66 -3.62 22.67 -24.56
N ILE D 67 -2.41 22.12 -24.55
CA ILE D 67 -1.96 21.23 -23.48
C ILE D 67 -0.65 21.75 -22.93
N ASP D 68 -0.59 21.90 -21.61
CA ASP D 68 0.65 22.15 -20.90
C ASP D 68 0.90 21.01 -19.92
N ILE D 69 2.08 20.40 -19.98
CA ILE D 69 2.40 19.22 -19.20
C ILE D 69 3.14 19.63 -17.95
N ALA D 70 2.66 19.16 -16.80
CA ALA D 70 3.39 19.42 -15.56
C ALA D 70 4.56 18.44 -15.42
N SER D 71 4.26 17.15 -15.34
CA SER D 71 5.30 16.15 -15.12
C SER D 71 4.77 14.78 -15.52
N ILE D 72 5.70 13.86 -15.74
CA ILE D 72 5.40 12.44 -15.96
C ILE D 72 5.91 11.69 -14.75
N ASP D 73 5.04 10.92 -14.11
CA ASP D 73 5.39 10.33 -12.83
C ASP D 73 6.27 9.10 -13.01
N MET D 74 5.75 8.06 -13.63
CA MET D 74 6.44 6.79 -13.63
C MET D 74 6.01 5.99 -14.84
N VAL D 75 6.86 5.05 -15.23
CA VAL D 75 6.62 4.19 -16.38
C VAL D 75 6.76 2.76 -15.93
N SER D 76 5.68 2.00 -16.00
CA SER D 76 5.67 0.61 -15.57
C SER D 76 5.75 -0.28 -16.79
N GLU D 77 6.88 -0.96 -16.97
CA GLU D 77 6.96 -1.99 -17.99
C GLU D 77 6.15 -3.22 -17.63
N VAL D 78 5.86 -3.40 -16.34
CA VAL D 78 5.01 -4.49 -15.92
C VAL D 78 3.59 -4.30 -16.44
N ASN D 79 3.06 -3.09 -16.31
CA ASN D 79 1.69 -2.84 -16.68
C ASN D 79 1.55 -2.18 -18.04
N MET D 80 2.66 -1.81 -18.68
CA MET D 80 2.72 -1.15 -19.99
C MET D 80 1.88 0.12 -20.04
N ASP D 81 2.27 1.08 -19.19
CA ASP D 81 1.51 2.30 -19.04
C ASP D 81 2.42 3.36 -18.43
N TYR D 82 1.89 4.57 -18.34
CA TYR D 82 2.62 5.66 -17.74
C TYR D 82 1.63 6.66 -17.18
N THR D 83 2.12 7.56 -16.34
CA THR D 83 1.26 8.47 -15.61
C THR D 83 1.81 9.89 -15.71
N LEU D 84 1.00 10.80 -16.25
CA LEU D 84 1.39 12.19 -16.34
C LEU D 84 0.29 13.06 -15.73
N THR D 85 0.54 14.37 -15.72
CA THR D 85 -0.40 15.35 -15.22
C THR D 85 -0.30 16.58 -16.10
N MET D 86 -1.42 17.02 -16.66
CA MET D 86 -1.39 18.07 -17.67
C MET D 86 -2.27 19.23 -17.27
N TYR D 87 -2.13 20.32 -18.04
CA TYR D 87 -3.08 21.42 -18.04
C TYR D 87 -3.80 21.39 -19.37
N PHE D 88 -5.12 21.24 -19.32
CA PHE D 88 -5.90 21.00 -20.52
C PHE D 88 -6.81 22.19 -20.76
N GLN D 89 -6.71 22.79 -21.94
CA GLN D 89 -7.43 24.01 -22.26
C GLN D 89 -8.18 23.86 -23.57
N GLN D 90 -9.24 24.65 -23.74
CA GLN D 90 -10.09 24.57 -24.91
C GLN D 90 -10.62 25.95 -25.27
N TYR D 91 -10.82 26.18 -26.56
CA TYR D 91 -11.58 27.33 -27.06
C TYR D 91 -12.84 26.84 -27.72
N TRP D 92 -13.87 27.70 -27.75
CA TRP D 92 -14.92 27.65 -28.76
C TRP D 92 -15.60 29.01 -28.79
N ARG D 93 -16.64 29.14 -29.60
CA ARG D 93 -17.25 30.44 -29.83
C ARG D 93 -18.76 30.28 -29.89
N ASP D 94 -19.44 30.65 -28.81
CA ASP D 94 -20.89 30.61 -28.75
C ASP D 94 -21.45 32.01 -28.96
N LYS D 95 -22.36 32.13 -29.92
CA LYS D 95 -23.08 33.38 -30.09
C LYS D 95 -24.16 33.57 -29.06
N ARG D 96 -24.55 32.52 -28.33
CA ARG D 96 -25.54 32.68 -27.29
C ARG D 96 -25.01 33.47 -26.11
N LEU D 97 -23.70 33.56 -25.96
CA LEU D 97 -23.09 34.27 -24.85
C LEU D 97 -22.32 35.44 -25.43
N ALA D 98 -22.93 36.62 -25.44
CA ALA D 98 -22.26 37.80 -25.98
C ALA D 98 -22.76 39.02 -25.22
N TYR D 99 -22.02 39.41 -24.19
CA TYR D 99 -22.31 40.67 -23.53
C TYR D 99 -21.77 41.82 -24.37
N SER D 100 -22.28 43.02 -24.09
CA SER D 100 -21.90 44.17 -24.88
C SER D 100 -21.47 45.35 -24.04
N GLY D 101 -22.07 45.49 -22.85
CA GLY D 101 -21.92 46.74 -22.13
C GLY D 101 -20.67 46.89 -21.30
N ILE D 102 -19.79 45.90 -21.26
CA ILE D 102 -18.66 45.88 -20.35
C ILE D 102 -17.39 45.76 -21.19
N PRO D 103 -16.44 46.68 -21.06
CA PRO D 103 -15.19 46.58 -21.82
C PRO D 103 -14.25 45.52 -21.28
N LEU D 104 -14.46 45.05 -20.06
CA LEU D 104 -13.55 44.09 -19.47
C LEU D 104 -13.75 42.70 -20.05
N ASN D 105 -12.80 41.82 -19.78
CA ASN D 105 -12.89 40.42 -20.15
C ASN D 105 -13.05 39.60 -18.88
N LEU D 106 -14.16 38.88 -18.80
CA LEU D 106 -14.72 38.38 -17.55
C LEU D 106 -13.96 37.16 -17.04
N THR D 107 -14.33 36.75 -15.83
CA THR D 107 -13.75 35.59 -15.17
C THR D 107 -14.76 35.11 -14.14
N LEU D 108 -15.20 33.88 -14.27
CA LEU D 108 -16.26 33.37 -13.42
C LEU D 108 -15.77 32.23 -12.55
N ASP D 109 -16.63 31.83 -11.62
CA ASP D 109 -16.36 30.72 -10.72
C ASP D 109 -16.70 29.41 -11.41
N ASN D 110 -16.06 28.33 -10.94
CA ASN D 110 -16.21 27.04 -11.57
C ASN D 110 -17.58 26.41 -11.39
N ARG D 111 -18.43 26.93 -10.51
CA ARG D 111 -19.75 26.34 -10.40
C ARG D 111 -20.67 26.69 -11.57
N VAL D 112 -20.30 27.66 -12.40
CA VAL D 112 -21.12 27.99 -13.56
C VAL D 112 -20.95 26.97 -14.67
N ALA D 113 -19.95 26.09 -14.56
CA ALA D 113 -19.70 25.06 -15.55
C ALA D 113 -20.81 24.03 -15.62
N ASP D 114 -21.57 23.85 -14.54
CA ASP D 114 -22.71 22.96 -14.57
C ASP D 114 -23.92 23.60 -15.22
N GLN D 115 -23.82 24.86 -15.64
CA GLN D 115 -24.92 25.55 -16.28
C GLN D 115 -24.54 26.03 -17.68
N LEU D 116 -23.51 25.43 -18.27
CA LEU D 116 -23.07 25.77 -19.62
C LEU D 116 -22.89 24.51 -20.42
N TRP D 117 -22.59 24.68 -21.69
CA TRP D 117 -22.28 23.56 -22.56
C TRP D 117 -20.78 23.39 -22.67
N VAL D 118 -20.33 22.15 -22.52
CA VAL D 118 -18.94 21.82 -22.81
C VAL D 118 -18.95 20.72 -23.86
N PRO D 119 -17.91 20.60 -24.67
CA PRO D 119 -17.82 19.46 -25.57
C PRO D 119 -17.33 18.23 -24.85
N ASP D 120 -17.86 17.09 -25.24
CA ASP D 120 -17.40 15.82 -24.71
C ASP D 120 -15.98 15.52 -25.19
N THR D 121 -15.10 15.23 -24.27
CA THR D 121 -13.72 15.00 -24.64
C THR D 121 -13.18 13.91 -23.74
N TYR D 122 -12.59 12.88 -24.31
CA TYR D 122 -12.04 11.83 -23.50
C TYR D 122 -10.73 11.34 -24.08
N PHE D 123 -10.01 10.59 -23.27
CA PHE D 123 -8.73 10.05 -23.66
C PHE D 123 -8.90 8.60 -24.02
N LEU D 124 -8.22 8.18 -25.08
CA LEU D 124 -8.53 6.89 -25.67
C LEU D 124 -7.72 5.76 -25.04
N ASN D 125 -6.43 5.97 -24.85
CA ASN D 125 -5.51 4.94 -24.40
C ASN D 125 -5.28 4.96 -22.91
N ASP D 126 -6.26 5.40 -22.14
CA ASP D 126 -6.13 5.53 -20.69
C ASP D 126 -6.65 4.30 -19.97
N LYS D 127 -6.35 4.22 -18.69
CA LYS D 127 -6.86 3.16 -17.85
C LYS D 127 -7.60 3.68 -16.64
N LYS D 128 -7.16 4.79 -16.08
CA LYS D 128 -7.82 5.40 -14.94
C LYS D 128 -7.39 6.86 -14.88
N SER D 129 -8.35 7.76 -14.71
CA SER D 129 -8.03 9.17 -14.64
C SER D 129 -9.03 9.85 -13.72
N PHE D 130 -8.70 11.07 -13.32
CA PHE D 130 -9.56 11.85 -12.44
C PHE D 130 -9.20 13.31 -12.57
N VAL D 131 -9.99 14.15 -11.91
CA VAL D 131 -9.79 15.58 -11.87
C VAL D 131 -9.48 15.95 -10.43
N HIS D 132 -8.45 16.78 -10.24
CA HIS D 132 -8.05 17.17 -8.90
C HIS D 132 -9.10 18.07 -8.26
N GLY D 133 -9.49 17.70 -7.04
CA GLY D 133 -10.55 18.38 -6.32
C GLY D 133 -10.10 18.85 -4.95
N VAL D 134 -8.92 19.46 -4.87
CA VAL D 134 -8.24 19.67 -3.59
C VAL D 134 -9.02 20.61 -2.69
N THR D 135 -9.20 21.86 -3.12
CA THR D 135 -10.12 22.74 -2.42
C THR D 135 -11.40 22.95 -3.20
N VAL D 136 -11.30 23.18 -4.49
CA VAL D 136 -12.41 23.08 -5.40
C VAL D 136 -12.01 22.15 -6.53
N LYS D 137 -12.93 21.93 -7.44
CA LYS D 137 -12.59 21.23 -8.67
C LYS D 137 -11.85 22.19 -9.58
N ASN D 138 -10.66 21.82 -10.01
CA ASN D 138 -9.77 22.73 -10.72
C ASN D 138 -10.24 22.89 -12.17
N ARG D 139 -11.19 23.80 -12.36
CA ARG D 139 -11.58 24.17 -13.72
C ARG D 139 -11.88 25.65 -13.76
N MET D 140 -11.66 26.24 -14.92
CA MET D 140 -11.68 27.68 -15.11
C MET D 140 -12.64 28.05 -16.22
N ILE D 141 -13.45 29.08 -15.98
CA ILE D 141 -14.34 29.65 -16.99
C ILE D 141 -13.90 31.08 -17.23
N ARG D 142 -13.69 31.42 -18.49
CA ARG D 142 -13.30 32.78 -18.86
C ARG D 142 -14.12 33.20 -20.07
N LEU D 143 -14.61 34.43 -20.05
CA LEU D 143 -15.50 34.89 -21.11
C LEU D 143 -14.91 36.08 -21.85
N HIS D 144 -15.55 36.41 -22.96
CA HIS D 144 -15.13 37.44 -23.90
C HIS D 144 -16.40 37.96 -24.56
N PRO D 145 -16.44 39.22 -25.01
CA PRO D 145 -17.72 39.76 -25.48
C PRO D 145 -18.17 39.18 -26.80
N ASP D 146 -17.28 38.64 -27.61
CA ASP D 146 -17.71 37.99 -28.84
C ASP D 146 -18.35 36.65 -28.57
N GLY D 147 -17.85 35.93 -27.57
CA GLY D 147 -18.35 34.60 -27.30
C GLY D 147 -17.26 33.56 -27.16
N THR D 148 -16.01 34.03 -27.15
CA THR D 148 -14.88 33.13 -27.00
C THR D 148 -14.81 32.63 -25.57
N VAL D 149 -14.89 31.31 -25.38
CA VAL D 149 -14.96 30.70 -24.07
C VAL D 149 -13.71 29.86 -23.85
N LEU D 150 -13.02 30.10 -22.74
CA LEU D 150 -11.84 29.34 -22.36
C LEU D 150 -12.19 28.42 -21.20
N TYR D 151 -11.79 27.15 -21.31
CA TYR D 151 -12.16 26.13 -20.34
C TYR D 151 -10.93 25.33 -19.95
N GLY D 152 -10.43 25.55 -18.75
CA GLY D 152 -9.24 24.89 -18.27
C GLY D 152 -9.56 23.71 -17.39
N LEU D 153 -8.62 22.77 -17.29
CA LEU D 153 -8.71 21.62 -16.42
C LEU D 153 -7.34 21.29 -15.86
N ARG D 154 -7.28 20.23 -15.06
CA ARG D 154 -6.01 19.74 -14.53
C ARG D 154 -6.21 18.26 -14.22
N ILE D 155 -5.73 17.40 -15.11
CA ILE D 155 -6.07 15.99 -15.11
C ILE D 155 -4.80 15.18 -14.95
N THR D 156 -4.84 14.20 -14.05
CA THR D 156 -3.81 13.18 -13.95
C THR D 156 -4.30 11.92 -14.64
N THR D 157 -3.51 11.42 -15.58
CA THR D 157 -3.94 10.36 -16.47
C THR D 157 -2.97 9.20 -16.43
N THR D 158 -3.48 8.00 -16.20
CA THR D 158 -2.70 6.77 -16.33
C THR D 158 -3.05 6.18 -17.69
N ALA D 159 -2.22 6.46 -18.68
CA ALA D 159 -2.45 6.02 -20.04
C ALA D 159 -1.55 4.85 -20.39
N ALA D 160 -2.10 3.87 -21.10
CA ALA D 160 -1.37 2.67 -21.47
C ALA D 160 -0.78 2.80 -22.85
N CYS D 161 0.43 2.25 -23.02
CA CYS D 161 1.10 2.21 -24.31
C CYS D 161 1.79 0.88 -24.47
N MET D 162 1.73 0.33 -25.68
CA MET D 162 2.37 -0.95 -25.92
C MET D 162 3.86 -0.79 -26.09
N MET D 163 4.60 -1.77 -25.61
CA MET D 163 6.04 -1.72 -25.66
C MET D 163 6.59 -2.89 -26.46
N ASP D 164 7.69 -2.64 -27.15
CA ASP D 164 8.45 -3.67 -27.83
C ASP D 164 9.74 -3.87 -27.06
N LEU D 165 9.98 -5.09 -26.63
CA LEU D 165 11.16 -5.40 -25.83
C LEU D 165 12.07 -6.40 -26.52
N ARG D 166 12.07 -6.38 -27.85
CA ARG D 166 13.06 -7.15 -28.59
C ARG D 166 14.46 -6.63 -28.32
N ARG D 167 14.65 -5.32 -28.44
CA ARG D 167 15.95 -4.71 -28.20
C ARG D 167 16.10 -4.22 -26.78
N TYR D 168 15.51 -4.90 -25.82
CA TYR D 168 15.67 -4.51 -24.41
C TYR D 168 17.10 -4.76 -23.99
N PRO D 169 17.76 -3.80 -23.35
CA PRO D 169 17.24 -2.49 -22.98
C PRO D 169 17.74 -1.38 -23.88
N LEU D 170 18.23 -1.72 -25.07
CA LEU D 170 18.75 -0.71 -25.99
C LEU D 170 17.65 -0.30 -26.97
N ASP D 171 16.55 0.18 -26.40
CA ASP D 171 15.29 0.32 -27.11
C ASP D 171 14.89 1.78 -27.25
N GLU D 172 13.93 2.00 -28.13
CA GLU D 172 13.26 3.30 -28.26
C GLU D 172 11.77 3.06 -28.18
N GLN D 173 11.12 3.70 -27.23
CA GLN D 173 9.68 3.54 -27.06
C GLN D 173 8.95 4.75 -27.58
N ASN D 174 7.80 4.50 -28.21
CA ASN D 174 6.93 5.53 -28.75
C ASN D 174 5.58 5.36 -28.05
N CYS D 175 5.44 5.97 -26.88
CA CYS D 175 4.18 5.99 -26.17
C CYS D 175 3.42 7.26 -26.50
N THR D 176 2.13 7.12 -26.77
CA THR D 176 1.33 8.17 -27.39
C THR D 176 0.22 8.60 -26.44
N LEU D 177 -0.64 9.49 -26.95
CA LEU D 177 -1.80 9.97 -26.22
C LEU D 177 -2.80 10.49 -27.24
N GLU D 178 -4.01 9.97 -27.23
CA GLU D 178 -5.00 10.34 -28.23
C GLU D 178 -6.26 10.91 -27.58
N ILE D 179 -6.84 11.88 -28.26
CA ILE D 179 -7.95 12.68 -27.75
C ILE D 179 -9.08 12.61 -28.76
N GLU D 180 -10.28 12.29 -28.29
CA GLU D 180 -11.44 12.19 -29.15
C GLU D 180 -12.64 12.91 -28.55
N SER D 181 -13.58 13.24 -29.43
CA SER D 181 -14.94 13.47 -28.99
C SER D 181 -15.64 12.13 -28.83
N TYR D 182 -16.79 12.15 -28.18
CA TYR D 182 -17.49 10.90 -27.92
C TYR D 182 -18.83 10.81 -28.62
N GLY D 183 -19.69 11.81 -28.48
CA GLY D 183 -21.01 11.70 -29.04
C GLY D 183 -21.15 12.34 -30.41
N TYR D 184 -20.40 13.41 -30.65
CA TYR D 184 -20.58 14.20 -31.85
C TYR D 184 -19.72 13.66 -32.98
N THR D 185 -20.28 13.68 -34.18
CA THR D 185 -19.53 13.26 -35.35
C THR D 185 -18.76 14.44 -35.91
N THR D 186 -18.10 14.22 -37.04
CA THR D 186 -17.34 15.28 -37.68
C THR D 186 -18.21 16.31 -38.37
N ASP D 187 -19.53 16.11 -38.40
CA ASP D 187 -20.42 17.13 -38.93
C ASP D 187 -20.79 18.18 -37.91
N ASP D 188 -20.28 18.07 -36.69
CA ASP D 188 -20.69 19.00 -35.64
C ASP D 188 -19.50 19.64 -34.95
N ILE D 189 -18.37 18.94 -34.91
CA ILE D 189 -17.27 19.34 -34.05
C ILE D 189 -15.97 19.20 -34.84
N GLU D 190 -15.02 20.11 -34.59
CA GLU D 190 -13.78 20.19 -35.39
C GLU D 190 -12.62 20.49 -34.46
N PHE D 191 -11.82 19.48 -34.14
CA PHE D 191 -10.63 19.67 -33.34
C PHE D 191 -9.51 20.27 -34.19
N TYR D 192 -8.69 21.12 -33.58
CA TYR D 192 -7.47 21.59 -34.21
C TYR D 192 -6.50 22.08 -33.15
N TRP D 193 -5.21 21.90 -33.43
CA TRP D 193 -4.18 22.45 -32.56
C TRP D 193 -3.99 23.93 -32.84
N ARG D 194 -3.47 24.64 -31.85
CA ARG D 194 -3.27 26.08 -31.98
C ARG D 194 -1.84 26.41 -32.43
N GLY D 195 -1.43 25.78 -33.54
CA GLY D 195 -0.10 26.01 -34.04
C GLY D 195 0.87 24.93 -33.62
N GLY D 196 1.57 24.34 -34.60
CA GLY D 196 2.43 23.21 -34.33
C GLY D 196 3.65 23.57 -33.50
N ASP D 197 4.09 24.82 -33.59
CA ASP D 197 5.14 25.32 -32.72
C ASP D 197 4.58 25.88 -31.43
N LYS D 198 3.40 25.42 -31.04
CA LYS D 198 2.71 25.93 -29.88
C LYS D 198 1.92 24.76 -29.32
N ALA D 199 1.10 25.03 -28.30
CA ALA D 199 0.03 24.18 -27.78
C ALA D 199 0.52 22.93 -27.06
N VAL D 200 1.83 22.67 -27.06
CA VAL D 200 2.45 21.68 -26.21
C VAL D 200 3.66 22.34 -25.61
N THR D 201 3.58 22.69 -24.33
CA THR D 201 4.69 23.32 -23.63
C THR D 201 5.03 22.47 -22.41
N GLY D 202 5.93 23.00 -21.58
CA GLY D 202 6.37 22.26 -20.41
C GLY D 202 7.18 21.04 -20.75
N VAL D 203 7.91 21.08 -21.86
CA VAL D 203 8.66 19.93 -22.32
C VAL D 203 9.84 19.65 -21.41
N GLU D 204 10.64 20.67 -21.17
CA GLU D 204 11.89 20.50 -20.43
C GLU D 204 11.66 20.31 -18.94
N ARG D 205 10.44 20.47 -18.46
CA ARG D 205 10.11 20.11 -17.09
C ARG D 205 10.13 18.61 -16.87
N ILE D 206 10.01 17.83 -17.94
CA ILE D 206 9.91 16.38 -17.81
C ILE D 206 11.24 15.82 -17.36
N GLU D 207 11.23 15.13 -16.22
CA GLU D 207 12.43 14.52 -15.69
C GLU D 207 12.11 13.06 -15.39
N LEU D 208 12.31 12.22 -16.40
CA LEU D 208 12.30 10.83 -15.95
C LEU D 208 13.69 10.44 -15.49
N PRO D 209 13.78 9.61 -14.46
CA PRO D 209 15.09 9.08 -14.09
C PRO D 209 15.60 8.12 -15.15
N GLN D 210 14.75 7.20 -15.58
CA GLN D 210 15.20 6.09 -16.40
C GLN D 210 15.30 6.46 -17.87
N PHE D 211 14.43 7.33 -18.37
CA PHE D 211 14.33 7.56 -19.80
C PHE D 211 14.88 8.92 -20.18
N SER D 212 14.67 9.29 -21.43
CA SER D 212 15.00 10.61 -21.93
C SER D 212 14.07 10.95 -23.09
N ILE D 213 13.80 12.24 -23.26
CA ILE D 213 12.82 12.74 -24.22
C ILE D 213 13.55 13.16 -25.49
N VAL D 214 12.96 12.85 -26.64
CA VAL D 214 13.62 13.15 -27.91
C VAL D 214 12.83 14.14 -28.74
N GLU D 215 11.59 13.82 -29.08
CA GLU D 215 10.95 14.47 -30.22
C GLU D 215 9.44 14.58 -29.95
N HIS D 216 8.81 15.58 -30.58
CA HIS D 216 7.37 15.75 -30.50
C HIS D 216 6.74 15.73 -31.89
N ARG D 217 5.54 15.15 -31.98
CA ARG D 217 4.77 15.18 -33.20
C ARG D 217 3.31 15.42 -32.85
N LEU D 218 2.60 16.07 -33.78
CA LEU D 218 1.20 16.44 -33.59
C LEU D 218 0.39 15.93 -34.77
N VAL D 219 -0.71 15.26 -34.49
CA VAL D 219 -1.47 14.52 -35.49
C VAL D 219 -2.90 15.04 -35.51
N SER D 220 -3.48 15.17 -36.70
CA SER D 220 -4.91 15.42 -36.88
C SER D 220 -5.46 14.43 -37.90
N ARG D 221 -6.38 13.59 -37.48
CA ARG D 221 -6.93 12.55 -38.35
C ARG D 221 -8.43 12.73 -38.58
N ASN D 222 -9.03 11.73 -39.21
CA ASN D 222 -10.48 11.55 -39.31
C ASN D 222 -10.74 10.06 -39.16
N VAL D 223 -10.94 9.61 -37.94
CA VAL D 223 -11.13 8.20 -37.64
C VAL D 223 -12.60 7.86 -37.81
N VAL D 224 -12.88 6.75 -38.50
CA VAL D 224 -14.26 6.38 -38.81
C VAL D 224 -14.60 5.10 -38.07
N PHE D 225 -15.65 5.17 -37.25
CA PHE D 225 -16.20 4.00 -36.59
C PHE D 225 -17.42 3.54 -37.36
N ALA D 226 -18.15 2.57 -36.77
CA ALA D 226 -19.35 2.05 -37.40
C ALA D 226 -20.47 3.09 -37.41
N THR D 227 -20.47 4.00 -36.45
CA THR D 227 -21.48 5.05 -36.45
C THR D 227 -21.14 6.12 -37.47
N GLY D 228 -20.01 6.79 -37.30
CA GLY D 228 -19.64 7.83 -38.24
C GLY D 228 -18.22 8.31 -38.01
N ALA D 229 -17.79 9.22 -38.87
CA ALA D 229 -16.43 9.73 -38.83
C ALA D 229 -16.26 10.68 -37.66
N TYR D 230 -15.26 10.42 -36.81
CA TYR D 230 -15.01 11.28 -35.62
C TYR D 230 -13.59 11.86 -35.70
N PRO D 231 -13.42 13.11 -35.23
CA PRO D 231 -12.11 13.75 -35.26
C PRO D 231 -11.22 13.25 -34.14
N ARG D 232 -9.91 13.48 -34.31
CA ARG D 232 -8.95 13.05 -33.31
C ARG D 232 -7.69 13.91 -33.41
N LEU D 233 -7.22 14.39 -32.26
CA LEU D 233 -5.87 14.92 -32.15
C LEU D 233 -5.05 13.98 -31.29
N SER D 234 -3.79 13.79 -31.67
CA SER D 234 -2.93 12.82 -31.00
C SER D 234 -1.62 13.46 -30.63
N LEU D 235 -1.11 13.09 -29.46
CA LEU D 235 0.18 13.52 -28.96
C LEU D 235 1.10 12.31 -28.86
N SER D 236 2.31 12.44 -29.39
CA SER D 236 3.24 11.32 -29.44
C SER D 236 4.65 11.84 -29.23
N PHE D 237 5.46 11.02 -28.54
CA PHE D 237 6.84 11.39 -28.25
C PHE D 237 7.65 10.15 -27.98
N ARG D 238 8.93 10.20 -28.34
CA ARG D 238 9.83 9.08 -28.17
C ARG D 238 10.31 8.96 -26.74
N LEU D 239 10.82 7.77 -26.41
CA LEU D 239 11.46 7.51 -25.13
C LEU D 239 12.72 6.72 -25.39
N LYS D 240 13.86 7.23 -24.94
CA LYS D 240 15.15 6.60 -25.14
C LYS D 240 15.69 6.16 -23.79
N ARG D 241 16.21 4.94 -23.74
CA ARG D 241 16.69 4.39 -22.48
C ARG D 241 18.04 4.99 -22.12
N ASN D 242 18.20 5.38 -20.87
CA ASN D 242 19.50 5.79 -20.37
C ASN D 242 20.33 4.54 -20.13
N ILE D 243 21.34 4.33 -20.97
CA ILE D 243 22.01 3.03 -21.00
C ILE D 243 23.00 2.86 -19.84
N GLY D 244 23.51 3.95 -19.28
CA GLY D 244 24.62 3.84 -18.37
C GLY D 244 24.30 3.40 -16.96
N TYR D 245 23.43 2.43 -16.82
CA TYR D 245 23.17 1.88 -15.50
C TYR D 245 23.23 0.37 -15.45
N PHE D 246 22.77 -0.31 -16.50
CA PHE D 246 22.63 -1.76 -16.44
C PHE D 246 23.95 -2.49 -16.59
N ILE D 247 25.00 -1.78 -16.99
CA ILE D 247 26.35 -2.34 -16.91
C ILE D 247 26.70 -2.65 -15.48
N LEU D 248 26.39 -1.71 -14.58
CA LEU D 248 26.58 -1.90 -13.16
C LEU D 248 25.74 -3.01 -12.59
N GLN D 249 24.59 -3.28 -13.20
CA GLN D 249 23.69 -4.29 -12.70
C GLN D 249 23.92 -5.65 -13.33
N THR D 250 23.91 -5.71 -14.64
CA THR D 250 23.88 -6.98 -15.34
C THR D 250 25.22 -7.38 -15.92
N TYR D 251 25.96 -6.42 -16.45
CA TYR D 251 27.08 -6.78 -17.31
C TYR D 251 28.34 -7.05 -16.52
N MET D 252 28.72 -6.12 -15.64
CA MET D 252 29.90 -6.31 -14.80
C MET D 252 29.91 -7.57 -13.93
N PRO D 253 28.79 -8.14 -13.47
CA PRO D 253 28.88 -9.53 -13.00
C PRO D 253 29.28 -10.48 -14.09
N SER D 254 28.59 -10.46 -15.23
CA SER D 254 28.85 -11.43 -16.28
C SER D 254 30.16 -11.18 -17.00
N ILE D 255 30.76 -10.00 -16.83
CA ILE D 255 32.12 -9.81 -17.32
C ILE D 255 33.10 -10.61 -16.46
N LEU D 256 32.98 -10.48 -15.14
CA LEU D 256 34.01 -10.98 -14.25
C LEU D 256 33.98 -12.48 -14.11
N ILE D 257 32.80 -13.10 -14.22
CA ILE D 257 32.69 -14.53 -14.04
C ILE D 257 33.33 -15.26 -15.22
N THR D 258 33.40 -14.61 -16.37
CA THR D 258 34.17 -15.15 -17.48
C THR D 258 35.66 -15.16 -17.14
N ILE D 259 36.13 -14.15 -16.43
CA ILE D 259 37.53 -14.12 -16.04
C ILE D 259 37.79 -15.09 -14.89
N LEU D 260 36.85 -15.19 -13.96
CA LEU D 260 36.98 -16.18 -12.89
C LEU D 260 36.80 -17.61 -13.41
N SER D 261 36.25 -17.78 -14.60
CA SER D 261 36.27 -19.08 -15.24
C SER D 261 37.60 -19.34 -15.94
N TRP D 262 38.53 -18.39 -15.90
CA TRP D 262 39.82 -18.55 -16.56
C TRP D 262 40.94 -18.77 -15.56
N VAL D 263 40.60 -18.90 -14.27
CA VAL D 263 41.62 -19.09 -13.24
C VAL D 263 42.25 -20.47 -13.35
N SER D 264 41.46 -21.46 -13.79
CA SER D 264 41.88 -22.85 -13.76
C SER D 264 43.01 -23.14 -14.74
N PHE D 265 43.13 -22.35 -15.81
CA PHE D 265 44.15 -22.62 -16.81
C PHE D 265 45.54 -22.35 -16.25
N TRP D 266 45.65 -21.35 -15.39
CA TRP D 266 46.91 -21.11 -14.71
C TRP D 266 47.04 -21.95 -13.45
N ILE D 267 46.00 -22.67 -13.06
CA ILE D 267 46.06 -23.60 -11.94
C ILE D 267 46.69 -24.90 -12.43
N ASN D 268 47.78 -25.31 -11.78
CA ASN D 268 48.35 -26.62 -12.04
C ASN D 268 47.46 -27.69 -11.39
N TYR D 269 47.36 -28.86 -12.06
CA TYR D 269 46.33 -29.86 -11.75
C TYR D 269 46.54 -30.57 -10.42
N ASP D 270 47.46 -30.16 -9.55
CA ASP D 270 47.60 -30.77 -8.24
C ASP D 270 46.37 -30.52 -7.38
N ALA D 271 45.68 -29.41 -7.59
CA ALA D 271 44.39 -29.17 -6.97
C ALA D 271 43.25 -29.65 -7.87
N SER D 272 43.35 -30.91 -8.33
CA SER D 272 42.30 -31.49 -9.15
C SER D 272 41.02 -31.73 -8.37
N ALA D 273 41.11 -31.84 -7.04
CA ALA D 273 39.92 -31.86 -6.23
C ALA D 273 39.40 -30.47 -5.94
N ALA D 274 40.18 -29.43 -6.22
CA ALA D 274 39.78 -28.06 -5.95
C ALA D 274 39.55 -27.23 -7.21
N ARG D 275 39.94 -27.74 -8.37
CA ARG D 275 39.59 -27.05 -9.62
C ARG D 275 38.10 -27.03 -9.84
N VAL D 276 37.43 -28.15 -9.54
CA VAL D 276 36.00 -28.30 -9.77
C VAL D 276 35.20 -27.37 -8.86
N ALA D 277 35.78 -27.03 -7.70
CA ALA D 277 35.15 -26.07 -6.79
C ALA D 277 34.99 -24.69 -7.43
N LEU D 278 35.89 -24.31 -8.32
CA LEU D 278 35.63 -23.16 -9.16
C LEU D 278 34.55 -23.49 -10.18
N GLY D 279 34.66 -24.65 -10.83
CA GLY D 279 33.80 -24.96 -11.96
C GLY D 279 32.37 -25.21 -11.57
N ILE D 280 32.12 -25.65 -10.34
CA ILE D 280 30.75 -25.75 -9.87
C ILE D 280 30.20 -24.37 -9.56
N THR D 281 31.02 -23.50 -8.98
CA THR D 281 30.55 -22.23 -8.45
C THR D 281 30.12 -21.28 -9.56
N THR D 282 30.89 -21.22 -10.64
CA THR D 282 30.61 -20.28 -11.72
C THR D 282 29.35 -20.67 -12.47
N VAL D 283 29.16 -21.98 -12.70
CA VAL D 283 27.93 -22.45 -13.31
C VAL D 283 26.76 -22.20 -12.37
N LEU D 284 26.99 -22.35 -11.07
CA LEU D 284 25.97 -22.01 -10.09
C LEU D 284 25.71 -20.51 -10.05
N THR D 285 26.75 -19.71 -10.26
CA THR D 285 26.62 -18.26 -10.15
C THR D 285 25.76 -17.72 -11.30
N MET D 286 25.93 -18.28 -12.50
CA MET D 286 25.11 -17.90 -13.63
C MET D 286 23.65 -18.27 -13.41
N THR D 287 23.40 -19.33 -12.65
CA THR D 287 22.03 -19.69 -12.33
C THR D 287 21.40 -18.67 -11.40
N THR D 288 22.19 -18.14 -10.47
CA THR D 288 21.69 -17.07 -9.61
C THR D 288 21.40 -15.81 -10.41
N ILE D 289 22.29 -15.47 -11.35
CA ILE D 289 22.07 -14.35 -12.25
C ILE D 289 20.88 -14.62 -13.14
N ASN D 290 20.66 -15.88 -13.50
CA ASN D 290 19.47 -16.24 -14.27
C ASN D 290 18.20 -16.06 -13.47
N THR D 291 18.28 -16.08 -12.14
CA THR D 291 17.09 -16.07 -11.30
C THR D 291 17.00 -14.85 -10.41
N HIS D 292 18.05 -14.52 -9.66
CA HIS D 292 17.95 -13.43 -8.70
C HIS D 292 17.93 -12.09 -9.41
N LEU D 293 18.68 -11.98 -10.52
CA LEU D 293 18.60 -10.77 -11.33
C LEU D 293 17.30 -10.73 -12.10
N ARG D 294 16.69 -11.89 -12.35
CA ARG D 294 15.39 -11.96 -13.00
C ARG D 294 14.29 -11.35 -12.16
N GLU D 295 14.49 -11.29 -10.84
CA GLU D 295 13.51 -10.69 -9.94
C GLU D 295 13.32 -9.20 -10.18
N THR D 296 14.31 -8.53 -10.77
CA THR D 296 14.23 -7.12 -11.08
C THR D 296 13.86 -6.87 -12.54
N LEU D 297 13.14 -7.79 -13.16
CA LEU D 297 12.92 -7.76 -14.60
C LEU D 297 11.44 -7.91 -14.89
N PRO D 298 10.98 -7.41 -16.06
CA PRO D 298 9.60 -7.66 -16.47
C PRO D 298 9.37 -9.08 -16.96
N LYS D 299 8.18 -9.34 -17.48
CA LYS D 299 7.81 -10.70 -17.89
C LYS D 299 7.17 -10.65 -19.27
N ILE D 300 7.91 -11.02 -20.30
CA ILE D 300 7.36 -11.19 -21.64
C ILE D 300 7.68 -12.61 -22.09
N PRO D 301 6.93 -13.14 -23.02
CA PRO D 301 7.25 -14.48 -23.54
C PRO D 301 8.39 -14.50 -24.54
N TYR D 302 8.48 -13.49 -25.40
CA TYR D 302 9.52 -13.55 -26.41
C TYR D 302 10.86 -13.17 -25.81
N VAL D 303 11.92 -13.49 -26.54
CA VAL D 303 13.27 -13.51 -25.98
C VAL D 303 13.87 -12.11 -26.01
N LYS D 304 14.26 -11.61 -24.84
CA LYS D 304 14.92 -10.32 -24.78
C LYS D 304 16.35 -10.41 -25.28
N ALA D 305 16.92 -9.24 -25.56
CA ALA D 305 18.28 -9.18 -26.09
C ALA D 305 19.31 -9.49 -25.01
N ILE D 306 18.98 -9.23 -23.75
CA ILE D 306 19.90 -9.60 -22.68
C ILE D 306 19.83 -11.09 -22.42
N ASP D 307 18.76 -11.76 -22.88
CA ASP D 307 18.64 -13.19 -22.65
C ASP D 307 19.58 -13.96 -23.56
N MET D 308 19.75 -13.50 -24.80
CA MET D 308 20.79 -14.06 -25.65
C MET D 308 22.17 -13.79 -25.09
N TYR D 309 22.34 -12.64 -24.44
CA TYR D 309 23.62 -12.33 -23.81
C TYR D 309 23.87 -13.23 -22.61
N LEU D 310 22.87 -13.42 -21.77
CA LEU D 310 23.03 -14.32 -20.64
C LEU D 310 23.05 -15.78 -21.08
N MET D 311 22.50 -16.08 -22.26
CA MET D 311 22.72 -17.40 -22.82
C MET D 311 24.17 -17.57 -23.22
N GLY D 312 24.81 -16.50 -23.72
CA GLY D 312 26.17 -16.63 -24.23
C GLY D 312 27.19 -16.82 -23.14
N CYS D 313 27.11 -16.04 -22.07
CA CYS D 313 28.06 -16.19 -20.98
C CYS D 313 27.79 -17.45 -20.17
N PHE D 314 26.59 -18.00 -20.24
CA PHE D 314 26.34 -19.27 -19.58
C PHE D 314 27.00 -20.41 -20.31
N VAL D 315 27.12 -20.32 -21.64
CA VAL D 315 27.70 -21.41 -22.42
C VAL D 315 29.20 -21.52 -22.16
N PHE D 316 29.87 -20.39 -21.99
CA PHE D 316 31.33 -20.43 -21.84
C PHE D 316 31.76 -21.02 -20.51
N VAL D 317 31.06 -20.68 -19.43
CA VAL D 317 31.37 -21.32 -18.16
C VAL D 317 30.86 -22.74 -18.12
N PHE D 318 29.90 -23.09 -18.98
CA PHE D 318 29.54 -24.48 -19.15
C PHE D 318 30.62 -25.24 -19.90
N LEU D 319 31.30 -24.58 -20.84
CA LEU D 319 32.37 -25.26 -21.55
C LEU D 319 33.69 -25.20 -20.80
N ALA D 320 33.86 -24.19 -19.94
CA ALA D 320 35.07 -24.13 -19.13
C ALA D 320 35.11 -25.24 -18.10
N LEU D 321 33.95 -25.68 -17.61
CA LEU D 321 33.93 -26.87 -16.77
C LEU D 321 34.14 -28.11 -17.62
N LEU D 322 33.78 -28.06 -18.90
CA LEU D 322 34.08 -29.17 -19.80
C LEU D 322 35.51 -29.16 -20.31
N GLU D 323 36.35 -28.23 -19.84
CA GLU D 323 37.78 -28.40 -20.01
C GLU D 323 38.28 -29.57 -19.16
N TYR D 324 38.06 -29.49 -17.85
CA TYR D 324 38.53 -30.52 -16.93
C TYR D 324 37.85 -31.86 -17.14
N ALA D 325 36.67 -31.88 -17.75
CA ALA D 325 35.98 -33.14 -18.01
C ALA D 325 36.72 -33.96 -19.06
N PHE D 326 37.28 -33.32 -20.07
CA PHE D 326 38.13 -34.06 -20.98
C PHE D 326 39.54 -34.22 -20.46
N VAL D 327 39.93 -33.49 -19.42
CA VAL D 327 41.23 -33.73 -18.80
C VAL D 327 41.25 -35.10 -18.14
N ASN D 328 40.30 -35.36 -17.26
CA ASN D 328 40.37 -36.51 -16.38
C ASN D 328 40.09 -37.84 -17.09
N TYR D 329 39.68 -37.82 -18.35
CA TYR D 329 39.47 -39.08 -19.05
C TYR D 329 40.69 -39.52 -19.83
N ILE D 330 41.50 -38.59 -20.33
CA ILE D 330 42.68 -38.96 -21.09
C ILE D 330 43.97 -38.46 -20.44
N PHE D 331 43.91 -38.01 -19.19
CA PHE D 331 45.15 -37.74 -18.47
C PHE D 331 45.89 -39.03 -18.17
N PHE D 332 45.15 -40.10 -17.90
CA PHE D 332 45.75 -41.40 -17.63
C PHE D 332 46.36 -42.00 -18.89
N SER D 333 45.81 -41.65 -20.06
CA SER D 333 46.41 -42.08 -21.32
C SER D 333 47.78 -41.43 -21.50
N GLN D 334 47.82 -40.10 -21.46
CA GLN D 334 49.08 -39.37 -21.46
C GLN D 334 48.88 -38.02 -20.79
N PRO D 335 49.85 -37.53 -20.03
CA PRO D 335 49.82 -36.13 -19.62
C PRO D 335 50.36 -35.19 -20.68
N ALA D 336 50.98 -35.72 -21.75
CA ALA D 336 51.52 -34.89 -22.81
C ALA D 336 50.41 -34.20 -23.58
N ARG D 337 49.28 -34.88 -23.76
CA ARG D 337 48.09 -34.21 -24.29
C ARG D 337 47.58 -33.18 -23.30
N ALA D 338 47.56 -33.54 -22.01
CA ALA D 338 47.10 -32.63 -20.97
C ALA D 338 48.08 -31.50 -20.73
N ALA D 339 49.34 -31.65 -21.16
CA ALA D 339 50.29 -30.56 -21.07
C ALA D 339 50.04 -29.50 -22.13
N ALA D 340 49.33 -29.84 -23.21
CA ALA D 340 49.11 -28.94 -24.32
C ALA D 340 47.73 -28.27 -24.29
N ILE D 341 46.84 -28.69 -23.38
CA ILE D 341 45.47 -28.19 -23.39
C ILE D 341 45.43 -26.71 -22.99
N ASP D 342 46.21 -26.33 -21.98
CA ASP D 342 46.27 -24.91 -21.64
C ASP D 342 47.05 -24.09 -22.65
N ARG D 343 47.79 -24.73 -23.56
CA ARG D 343 48.21 -24.03 -24.76
C ARG D 343 47.05 -23.85 -25.71
N TRP D 344 46.18 -24.87 -25.83
CA TRP D 344 44.95 -24.69 -26.61
C TRP D 344 43.97 -23.75 -25.90
N SER D 345 43.99 -23.72 -24.57
CA SER D 345 42.88 -23.12 -23.82
C SER D 345 42.93 -21.60 -23.88
N ARG D 346 43.98 -21.00 -23.35
CA ARG D 346 44.04 -19.55 -23.18
C ARG D 346 44.37 -18.81 -24.48
N ILE D 347 44.28 -19.47 -25.62
CA ILE D 347 44.34 -18.83 -26.91
C ILE D 347 43.01 -18.87 -27.64
N VAL D 348 41.97 -19.43 -27.01
CA VAL D 348 40.64 -19.53 -27.61
C VAL D 348 39.63 -18.70 -26.83
N PHE D 349 39.52 -18.93 -25.52
CA PHE D 349 38.55 -18.19 -24.71
C PHE D 349 38.80 -16.68 -24.67
N PRO D 350 40.03 -16.14 -24.63
CA PRO D 350 40.14 -14.69 -24.76
C PRO D 350 40.05 -14.17 -26.19
N PHE D 351 39.58 -14.97 -27.12
CA PHE D 351 39.24 -14.38 -28.40
C PHE D 351 37.83 -14.67 -28.84
N THR D 352 37.32 -15.87 -28.58
CA THR D 352 35.92 -16.17 -28.90
C THR D 352 34.97 -15.36 -28.04
N PHE D 353 35.34 -15.12 -26.78
CA PHE D 353 34.54 -14.24 -25.95
C PHE D 353 34.68 -12.79 -26.35
N SER D 354 35.85 -12.40 -26.83
CA SER D 354 36.03 -11.02 -27.26
C SER D 354 35.32 -10.77 -28.59
N LEU D 355 35.33 -11.76 -29.47
CA LEU D 355 34.54 -11.62 -30.70
C LEU D 355 33.06 -11.73 -30.42
N PHE D 356 32.69 -12.41 -29.33
CA PHE D 356 31.30 -12.44 -28.91
C PHE D 356 30.81 -11.07 -28.48
N ASN D 357 31.72 -10.23 -27.98
CA ASN D 357 31.34 -8.85 -27.67
C ASN D 357 31.08 -8.04 -28.93
N LEU D 358 31.92 -8.20 -29.93
CA LEU D 358 31.78 -7.38 -31.13
C LEU D 358 30.61 -7.82 -32.00
N VAL D 359 30.16 -9.06 -31.89
CA VAL D 359 28.87 -9.42 -32.46
C VAL D 359 27.75 -8.74 -31.69
N TYR D 360 27.87 -8.72 -30.37
CA TYR D 360 26.79 -8.23 -29.51
C TYR D 360 26.66 -6.73 -29.59
N TRP D 361 27.75 -6.00 -29.37
CA TRP D 361 27.71 -4.56 -29.21
C TRP D 361 27.71 -3.82 -30.53
N LEU D 362 27.53 -4.50 -31.66
CA LEU D 362 27.49 -3.80 -32.92
C LEU D 362 26.22 -4.14 -33.68
N TYR D 363 25.65 -5.31 -33.41
CA TYR D 363 24.37 -5.69 -34.03
C TYR D 363 23.23 -4.83 -33.52
N TYR D 364 23.39 -4.21 -32.35
CA TYR D 364 22.35 -3.39 -31.76
C TYR D 364 22.56 -1.91 -32.05
N VAL D 365 23.72 -1.37 -31.71
CA VAL D 365 23.99 0.02 -31.99
C VAL D 365 24.49 0.19 -33.41
N ASN E 45 -33.51 27.76 -36.90
CA ASN E 45 -33.14 28.32 -35.60
C ASN E 45 -33.07 27.26 -34.53
N ILE E 46 -32.36 27.58 -33.45
CA ILE E 46 -32.27 26.67 -32.32
C ILE E 46 -33.61 26.60 -31.59
N THR E 47 -34.33 27.72 -31.56
CA THR E 47 -35.55 27.86 -30.78
C THR E 47 -36.64 26.90 -31.25
N ILE E 48 -36.63 26.58 -32.54
CA ILE E 48 -37.61 25.67 -33.12
C ILE E 48 -37.50 24.29 -32.49
N PHE E 49 -36.27 23.84 -32.23
CA PHE E 49 -36.10 22.52 -31.66
C PHE E 49 -36.50 22.47 -30.21
N THR E 50 -36.38 23.58 -29.50
CA THR E 50 -36.58 23.57 -28.06
C THR E 50 -38.04 23.31 -27.71
N ARG E 51 -38.95 24.03 -28.39
CA ARG E 51 -40.37 23.79 -28.19
C ARG E 51 -40.76 22.39 -28.64
N ILE E 52 -40.11 21.87 -29.68
CA ILE E 52 -40.32 20.49 -30.05
C ILE E 52 -39.73 19.58 -29.01
N LEU E 53 -38.61 19.97 -28.40
CA LEU E 53 -38.02 19.16 -27.36
C LEU E 53 -38.85 19.20 -26.08
N ASP E 54 -39.09 20.41 -25.57
CA ASP E 54 -39.72 20.52 -24.27
C ASP E 54 -41.21 20.22 -24.33
N GLY E 55 -41.85 20.48 -25.46
CA GLY E 55 -43.21 20.02 -25.65
C GLY E 55 -43.32 18.51 -25.71
N LEU E 56 -42.23 17.84 -26.06
CA LEU E 56 -42.19 16.38 -26.03
C LEU E 56 -41.95 15.86 -24.63
N LEU E 57 -41.14 16.56 -23.83
CA LEU E 57 -40.78 16.06 -22.51
C LEU E 57 -41.91 16.20 -21.50
N ASP E 58 -42.92 16.99 -21.79
CA ASP E 58 -44.08 17.12 -20.90
C ASP E 58 -44.84 15.79 -20.85
N GLY E 59 -45.22 15.41 -19.64
CA GLY E 59 -46.01 14.20 -19.48
C GLY E 59 -45.27 12.90 -19.74
N TYR E 60 -43.95 12.93 -19.83
CA TYR E 60 -43.17 11.72 -20.05
C TYR E 60 -42.55 11.29 -18.74
N ASP E 61 -43.01 10.17 -18.21
CA ASP E 61 -42.35 9.57 -17.06
C ASP E 61 -41.13 8.81 -17.52
N ASN E 62 -40.16 8.69 -16.62
CA ASN E 62 -39.03 7.80 -16.86
C ASN E 62 -39.02 6.65 -15.87
N ARG E 63 -40.18 6.31 -15.34
CA ARG E 63 -40.32 5.19 -14.43
C ARG E 63 -40.97 3.99 -15.09
N LEU E 64 -41.37 4.11 -16.35
CA LEU E 64 -42.12 3.05 -17.02
C LEU E 64 -41.50 2.72 -18.36
N ARG E 65 -41.37 1.43 -18.65
CA ARG E 65 -40.98 1.02 -19.98
C ARG E 65 -42.14 1.23 -20.95
N PRO E 66 -41.86 1.44 -22.23
CA PRO E 66 -42.95 1.54 -23.20
C PRO E 66 -43.60 0.19 -23.43
N GLY E 67 -44.90 0.23 -23.71
CA GLY E 67 -45.68 -0.98 -23.90
C GLY E 67 -45.75 -1.78 -22.62
N LEU E 68 -46.08 -1.10 -21.52
CA LEU E 68 -46.05 -1.74 -20.21
C LEU E 68 -47.14 -2.80 -20.10
N GLY E 69 -48.40 -2.37 -20.20
CA GLY E 69 -49.45 -3.36 -20.33
C GLY E 69 -49.52 -3.96 -21.71
N GLU E 70 -48.87 -3.34 -22.67
CA GLU E 70 -48.90 -3.77 -24.07
C GLU E 70 -47.72 -4.70 -24.34
N ARG E 71 -47.41 -4.88 -25.62
CA ARG E 71 -46.49 -5.87 -26.14
C ARG E 71 -45.06 -5.70 -25.61
N ILE E 72 -44.26 -6.71 -25.90
CA ILE E 72 -42.92 -6.89 -25.33
C ILE E 72 -41.93 -5.98 -26.05
N THR E 73 -41.06 -5.34 -25.27
CA THR E 73 -40.01 -4.50 -25.83
C THR E 73 -38.82 -5.36 -26.25
N GLN E 74 -38.32 -5.13 -27.46
CA GLN E 74 -37.07 -5.72 -27.92
C GLN E 74 -35.95 -4.71 -27.81
N VAL E 75 -34.76 -5.20 -27.49
CA VAL E 75 -33.58 -4.36 -27.31
C VAL E 75 -32.47 -4.90 -28.18
N ARG E 76 -31.83 -4.03 -28.96
CA ARG E 76 -30.69 -4.42 -29.77
C ARG E 76 -29.40 -4.00 -29.07
N THR E 77 -28.38 -4.84 -29.21
CA THR E 77 -27.17 -4.76 -28.41
C THR E 77 -25.95 -4.88 -29.31
N ASP E 78 -24.99 -3.98 -29.12
CA ASP E 78 -23.77 -3.96 -29.92
C ASP E 78 -22.58 -3.84 -28.99
N ILE E 79 -21.54 -4.63 -29.26
CA ILE E 79 -20.33 -4.64 -28.45
C ILE E 79 -19.14 -4.42 -29.36
N TYR E 80 -18.28 -3.47 -29.00
CA TYR E 80 -17.05 -3.19 -29.74
C TYR E 80 -15.89 -3.21 -28.77
N VAL E 81 -15.08 -4.27 -28.83
CA VAL E 81 -13.96 -4.43 -27.91
C VAL E 81 -12.83 -3.51 -28.34
N THR E 82 -12.42 -2.61 -27.45
CA THR E 82 -11.37 -1.67 -27.78
C THR E 82 -9.98 -2.26 -27.56
N SER E 83 -9.67 -2.60 -26.32
CA SER E 83 -8.32 -3.06 -25.98
C SER E 83 -8.45 -4.06 -24.85
N PHE E 84 -8.27 -5.34 -25.17
CA PHE E 84 -8.35 -6.40 -24.18
C PHE E 84 -7.22 -6.26 -23.18
N GLY E 85 -7.49 -6.65 -21.93
CA GLY E 85 -6.56 -6.39 -20.86
C GLY E 85 -5.81 -7.62 -20.41
N PRO E 86 -4.90 -7.45 -19.44
CA PRO E 86 -4.11 -8.59 -18.98
C PRO E 86 -4.93 -9.54 -18.13
N VAL E 87 -4.40 -10.75 -17.98
CA VAL E 87 -5.06 -11.81 -17.23
C VAL E 87 -4.16 -12.18 -16.06
N SER E 88 -4.72 -12.17 -14.85
CA SER E 88 -4.02 -12.67 -13.68
C SER E 88 -4.42 -14.13 -13.45
N ASP E 89 -3.44 -15.01 -13.45
CA ASP E 89 -3.73 -16.42 -13.26
C ASP E 89 -4.09 -16.72 -11.82
N THR E 90 -3.58 -15.91 -10.89
CA THR E 90 -3.81 -16.16 -9.48
C THR E 90 -5.25 -15.91 -9.08
N GLU E 91 -5.89 -14.95 -9.73
CA GLU E 91 -7.20 -14.49 -9.30
C GLU E 91 -8.31 -14.82 -10.28
N MET E 92 -7.99 -15.52 -11.37
CA MET E 92 -8.95 -16.08 -12.32
C MET E 92 -9.81 -15.02 -13.00
N GLU E 93 -9.26 -13.84 -13.22
CA GLU E 93 -10.03 -12.72 -13.75
C GLU E 93 -9.29 -12.10 -14.92
N TYR E 94 -9.99 -11.27 -15.68
CA TYR E 94 -9.38 -10.60 -16.80
C TYR E 94 -10.03 -9.23 -17.00
N THR E 95 -9.25 -8.32 -17.57
CA THR E 95 -9.70 -6.97 -17.88
C THR E 95 -10.18 -6.92 -19.32
N ILE E 96 -11.29 -6.23 -19.55
CA ILE E 96 -11.80 -5.98 -20.90
C ILE E 96 -12.18 -4.51 -20.98
N ASP E 97 -12.07 -3.95 -22.18
CA ASP E 97 -12.37 -2.54 -22.42
C ASP E 97 -13.26 -2.47 -23.66
N VAL E 98 -14.51 -2.08 -23.47
CA VAL E 98 -15.50 -2.16 -24.53
C VAL E 98 -16.08 -0.78 -24.82
N PHE E 99 -16.66 -0.65 -26.01
CA PHE E 99 -17.56 0.45 -26.33
C PHE E 99 -18.94 -0.17 -26.40
N PHE E 100 -19.59 -0.27 -25.24
CA PHE E 100 -20.84 -1.01 -25.16
C PHE E 100 -21.99 -0.16 -25.68
N ARG E 101 -22.78 -0.74 -26.59
CA ARG E 101 -23.85 -0.01 -27.26
C ARG E 101 -25.18 -0.71 -27.08
N GLN E 102 -26.24 0.07 -27.00
CA GLN E 102 -27.60 -0.45 -26.89
C GLN E 102 -28.50 0.30 -27.86
N SER E 103 -29.59 -0.35 -28.26
CA SER E 103 -30.54 0.28 -29.16
C SER E 103 -31.92 -0.33 -28.98
N TRP E 104 -32.95 0.52 -29.05
CA TRP E 104 -34.33 0.08 -28.98
C TRP E 104 -35.21 1.12 -29.63
N LYS E 105 -36.49 0.80 -29.73
CA LYS E 105 -37.47 1.69 -30.33
C LYS E 105 -38.42 2.15 -29.24
N ASP E 106 -38.60 3.46 -29.14
CA ASP E 106 -39.66 4.05 -28.33
C ASP E 106 -40.76 4.56 -29.24
N GLU E 107 -41.97 4.53 -28.73
CA GLU E 107 -43.09 5.17 -29.41
C GLU E 107 -43.27 6.60 -28.96
N ARG E 108 -42.95 6.89 -27.70
CA ARG E 108 -43.28 8.17 -27.10
C ARG E 108 -42.28 9.26 -27.41
N LEU E 109 -41.48 9.13 -28.46
CA LEU E 109 -40.54 10.19 -28.81
C LEU E 109 -40.68 10.66 -30.25
N ARG E 110 -41.71 10.21 -30.96
CA ARG E 110 -41.88 10.57 -32.36
C ARG E 110 -42.25 12.04 -32.49
N PHE E 111 -41.83 12.64 -33.60
CA PHE E 111 -42.03 14.06 -33.80
C PHE E 111 -42.04 14.34 -35.30
N LYS E 112 -41.98 15.61 -35.66
CA LYS E 112 -41.93 16.04 -37.05
C LYS E 112 -40.99 17.24 -37.10
N GLY E 113 -39.72 16.96 -37.34
CA GLY E 113 -38.70 17.98 -37.31
C GLY E 113 -37.79 17.94 -38.51
N PRO E 114 -37.01 18.99 -38.70
CA PRO E 114 -36.19 19.08 -39.90
C PRO E 114 -34.94 18.20 -39.91
N MET E 115 -34.25 18.09 -38.78
CA MET E 115 -32.90 17.54 -38.80
C MET E 115 -32.90 16.02 -38.87
N GLN E 116 -33.77 15.38 -38.10
CA GLN E 116 -34.09 13.96 -38.03
C GLN E 116 -33.00 13.11 -37.37
N ARG E 117 -31.85 13.69 -37.01
CA ARG E 117 -30.84 12.99 -36.23
C ARG E 117 -30.32 13.94 -35.16
N LEU E 118 -30.48 13.58 -33.90
CA LEU E 118 -30.28 14.51 -32.79
C LEU E 118 -29.20 14.03 -31.83
N PRO E 119 -27.99 14.56 -31.92
CA PRO E 119 -26.99 14.32 -30.86
C PRO E 119 -27.27 15.22 -29.66
N LEU E 120 -27.35 14.63 -28.48
CA LEU E 120 -27.80 15.34 -27.30
C LEU E 120 -26.84 15.13 -26.14
N ASN E 121 -27.10 15.86 -25.06
CA ASN E 121 -26.22 15.88 -23.90
C ASN E 121 -26.36 14.60 -23.09
N ASN E 122 -25.41 14.38 -22.19
CA ASN E 122 -25.47 13.27 -21.24
C ASN E 122 -26.70 13.35 -20.37
N LEU E 123 -27.03 14.55 -19.89
CA LEU E 123 -27.96 14.66 -18.78
C LEU E 123 -29.39 14.33 -19.15
N LEU E 124 -29.70 14.18 -20.44
CA LEU E 124 -31.02 13.71 -20.79
C LEU E 124 -31.23 12.24 -20.46
N ALA E 125 -30.13 11.48 -20.32
CA ALA E 125 -30.25 10.08 -19.96
C ALA E 125 -30.83 9.90 -18.57
N SER E 126 -30.57 10.85 -17.67
CA SER E 126 -31.24 10.82 -16.38
C SER E 126 -32.71 11.13 -16.52
N LYS E 127 -33.09 11.90 -17.54
CA LYS E 127 -34.49 12.31 -17.66
C LYS E 127 -35.32 11.32 -18.46
N ILE E 128 -34.70 10.46 -19.25
CA ILE E 128 -35.42 9.51 -20.08
C ILE E 128 -35.18 8.12 -19.52
N TRP E 129 -35.88 7.14 -20.08
CA TRP E 129 -35.81 5.78 -19.59
C TRP E 129 -34.77 4.99 -20.37
N THR E 130 -33.92 4.27 -19.65
CA THR E 130 -33.06 3.26 -20.23
C THR E 130 -33.32 1.94 -19.54
N PRO E 131 -33.07 0.83 -20.20
CA PRO E 131 -33.04 -0.46 -19.51
C PRO E 131 -31.69 -0.62 -18.80
N ASP E 132 -31.56 -1.75 -18.11
CA ASP E 132 -30.43 -2.01 -17.24
C ASP E 132 -29.58 -3.15 -17.77
N THR E 133 -28.34 -3.21 -17.31
CA THR E 133 -27.44 -4.29 -17.70
C THR E 133 -26.40 -4.46 -16.62
N PHE E 134 -26.38 -5.64 -16.02
CA PHE E 134 -25.31 -6.05 -15.12
C PHE E 134 -24.42 -7.04 -15.88
N PHE E 135 -23.51 -7.67 -15.16
CA PHE E 135 -22.68 -8.72 -15.72
C PHE E 135 -22.55 -9.81 -14.68
N HIS E 136 -22.81 -11.06 -15.08
CA HIS E 136 -22.91 -12.16 -14.12
C HIS E 136 -21.58 -12.51 -13.48
N ASN E 137 -20.46 -12.00 -13.96
CA ASN E 137 -19.21 -12.17 -13.26
C ASN E 137 -18.44 -10.87 -13.11
N GLY E 138 -19.12 -9.74 -13.20
CA GLY E 138 -18.45 -8.46 -13.03
C GLY E 138 -18.00 -8.21 -11.61
N LYS E 139 -16.69 -8.30 -11.39
CA LYS E 139 -16.17 -8.08 -10.05
C LYS E 139 -16.01 -6.61 -9.75
N LYS E 140 -15.69 -5.80 -10.75
CA LYS E 140 -15.51 -4.36 -10.56
C LYS E 140 -15.61 -3.70 -11.92
N SER E 141 -16.38 -2.62 -12.00
CA SER E 141 -16.60 -1.93 -13.26
C SER E 141 -16.47 -0.44 -13.06
N ILE E 142 -16.08 0.26 -14.12
CA ILE E 142 -15.95 1.72 -14.09
C ILE E 142 -16.61 2.28 -15.32
N ALA E 143 -17.50 3.25 -15.14
CA ALA E 143 -18.00 4.08 -16.23
C ALA E 143 -17.43 5.47 -16.03
N HIS E 144 -16.49 5.85 -16.87
CA HIS E 144 -15.66 7.02 -16.64
C HIS E 144 -16.43 8.32 -16.83
N ASN E 145 -15.97 9.37 -16.14
CA ASN E 145 -16.58 10.69 -16.21
C ASN E 145 -15.50 11.77 -16.28
N MET E 146 -14.55 11.57 -17.20
CA MET E 146 -13.27 12.28 -17.19
C MET E 146 -13.44 13.77 -17.40
N THR E 147 -13.93 14.18 -18.56
CA THR E 147 -14.42 15.53 -18.73
C THR E 147 -15.92 15.59 -18.76
N THR E 148 -16.55 14.57 -19.32
CA THR E 148 -17.97 14.30 -19.23
C THR E 148 -18.13 12.83 -18.95
N PRO E 149 -19.28 12.40 -18.42
CA PRO E 149 -19.60 10.98 -18.43
C PRO E 149 -19.76 10.50 -19.86
N ASN E 150 -19.08 9.41 -20.20
CA ASN E 150 -19.00 8.93 -21.57
C ASN E 150 -20.31 8.24 -21.93
N LYS E 151 -21.30 9.05 -22.25
CA LYS E 151 -22.57 8.57 -22.73
C LYS E 151 -22.91 9.37 -23.97
N LEU E 152 -23.87 8.88 -24.75
CA LEU E 152 -24.37 9.69 -25.85
C LEU E 152 -25.84 9.38 -26.06
N LEU E 153 -26.55 10.36 -26.61
CA LEU E 153 -27.97 10.22 -26.90
C LEU E 153 -28.20 10.61 -28.35
N ARG E 154 -28.76 9.68 -29.12
CA ARG E 154 -29.01 9.90 -30.54
C ARG E 154 -30.43 9.46 -30.85
N LEU E 155 -31.15 10.32 -31.57
CA LEU E 155 -32.58 10.12 -31.80
C LEU E 155 -32.91 10.19 -33.27
N GLU E 156 -34.05 9.60 -33.63
CA GLU E 156 -34.57 9.62 -34.99
C GLU E 156 -36.06 9.89 -34.93
N ASP E 157 -36.71 9.89 -36.09
CA ASP E 157 -38.14 10.11 -36.13
C ASP E 157 -38.91 8.90 -35.61
N ASP E 158 -38.34 7.71 -35.78
CA ASP E 158 -38.94 6.50 -35.26
C ASP E 158 -39.03 6.52 -33.74
N GLY E 159 -38.13 7.22 -33.07
CA GLY E 159 -37.89 6.90 -31.69
C GLY E 159 -36.91 5.76 -31.57
N THR E 160 -35.98 5.66 -32.49
CA THR E 160 -34.88 4.73 -32.35
C THR E 160 -33.80 5.42 -31.54
N LEU E 161 -33.37 4.77 -30.46
CA LEU E 161 -32.44 5.38 -29.54
C LEU E 161 -31.06 4.73 -29.66
N LEU E 162 -30.05 5.55 -29.49
CA LEU E 162 -28.68 5.06 -29.44
C LEU E 162 -28.06 5.55 -28.14
N TYR E 163 -27.56 4.62 -27.35
CA TYR E 163 -27.14 4.93 -25.99
C TYR E 163 -25.92 4.06 -25.69
N THR E 164 -24.74 4.68 -25.72
CA THR E 164 -23.49 3.94 -25.62
C THR E 164 -22.73 4.33 -24.36
N MET E 165 -21.89 3.41 -23.89
CA MET E 165 -21.06 3.65 -22.71
C MET E 165 -19.66 3.12 -22.96
N ARG E 166 -18.67 3.69 -22.28
CA ARG E 166 -17.30 3.18 -22.30
C ARG E 166 -17.06 2.50 -20.97
N LEU E 167 -17.13 1.17 -20.97
CA LEU E 167 -16.93 0.43 -19.74
C LEU E 167 -15.47 0.02 -19.58
N THR E 168 -15.15 -0.47 -18.39
CA THR E 168 -13.85 -1.07 -18.10
C THR E 168 -14.10 -2.12 -17.04
N ILE E 169 -14.13 -3.38 -17.45
CA ILE E 169 -14.67 -4.47 -16.65
C ILE E 169 -13.55 -5.44 -16.31
N SER E 170 -13.41 -5.75 -15.02
CA SER E 170 -12.54 -6.82 -14.57
C SER E 170 -13.44 -7.99 -14.18
N ALA E 171 -13.80 -8.81 -15.16
CA ALA E 171 -14.65 -9.96 -14.91
C ALA E 171 -13.81 -11.22 -14.75
N GLU E 172 -14.43 -12.24 -14.16
CA GLU E 172 -13.73 -13.44 -13.76
C GLU E 172 -14.16 -14.65 -14.56
N CYS E 173 -13.27 -15.65 -14.59
CA CYS E 173 -13.57 -16.86 -15.30
C CYS E 173 -12.91 -18.02 -14.57
N PRO E 174 -13.60 -19.14 -14.42
CA PRO E 174 -12.99 -20.31 -13.80
C PRO E 174 -12.03 -20.97 -14.77
N MET E 175 -10.93 -21.49 -14.24
CA MET E 175 -9.91 -22.14 -15.06
C MET E 175 -9.70 -23.55 -14.58
N GLN E 176 -9.44 -24.45 -15.51
CA GLN E 176 -9.03 -25.81 -15.21
C GLN E 176 -7.58 -25.93 -15.63
N LEU E 177 -6.68 -25.87 -14.65
CA LEU E 177 -5.25 -25.87 -14.92
C LEU E 177 -4.64 -27.25 -14.90
N GLU E 178 -5.40 -28.28 -15.25
CA GLU E 178 -4.88 -29.64 -15.20
C GLU E 178 -3.82 -29.89 -16.25
N ASP E 179 -3.80 -29.14 -17.34
CA ASP E 179 -2.80 -29.31 -18.38
C ASP E 179 -1.88 -28.10 -18.47
N PHE E 180 -1.61 -27.45 -17.35
CA PHE E 180 -0.71 -26.30 -17.36
C PHE E 180 0.71 -26.75 -17.67
N PRO E 181 1.47 -25.96 -18.44
CA PRO E 181 1.16 -24.75 -19.20
C PRO E 181 0.86 -25.06 -20.65
N MET E 182 -0.05 -25.99 -20.88
CA MET E 182 -0.51 -26.28 -22.23
C MET E 182 -2.00 -26.01 -22.37
N ASP E 183 -2.51 -24.95 -21.74
CA ASP E 183 -3.94 -24.83 -21.63
C ASP E 183 -4.56 -24.13 -22.83
N ALA E 184 -5.84 -24.42 -23.03
CA ALA E 184 -6.66 -23.75 -24.03
C ALA E 184 -8.08 -23.78 -23.50
N HIS E 185 -8.50 -22.70 -22.84
CA HIS E 185 -9.77 -22.66 -22.15
C HIS E 185 -10.52 -21.39 -22.53
N ALA E 186 -11.82 -21.40 -22.22
CA ALA E 186 -12.75 -20.35 -22.63
C ALA E 186 -13.15 -19.53 -21.42
N CYS E 187 -12.87 -18.23 -21.46
CA CYS E 187 -13.34 -17.34 -20.41
C CYS E 187 -14.47 -16.51 -20.96
N PRO E 188 -15.72 -16.84 -20.68
CA PRO E 188 -16.84 -16.15 -21.33
C PRO E 188 -17.11 -14.82 -20.65
N LEU E 189 -18.16 -14.17 -21.13
CA LEU E 189 -18.64 -12.90 -20.60
C LEU E 189 -20.15 -12.88 -20.78
N LYS E 190 -20.86 -13.29 -19.75
CA LYS E 190 -22.31 -13.34 -19.81
C LYS E 190 -22.90 -12.05 -19.28
N PHE E 191 -24.02 -11.65 -19.87
CA PHE E 191 -24.84 -10.62 -19.25
C PHE E 191 -26.28 -10.83 -19.64
N GLY E 192 -27.16 -10.18 -18.88
CA GLY E 192 -28.58 -10.35 -19.07
C GLY E 192 -29.31 -9.18 -18.45
N SER E 193 -30.63 -9.22 -18.60
CA SER E 193 -31.46 -8.15 -18.08
C SER E 193 -31.74 -8.36 -16.61
N TYR E 194 -31.43 -7.35 -15.82
CA TYR E 194 -31.89 -7.28 -14.46
C TYR E 194 -33.33 -6.77 -14.46
N ALA E 195 -34.09 -7.16 -13.45
CA ALA E 195 -35.39 -6.60 -13.08
C ALA E 195 -36.49 -6.78 -14.12
N TYR E 196 -36.30 -7.63 -15.12
CA TYR E 196 -37.32 -7.78 -16.14
C TYR E 196 -37.40 -9.22 -16.58
N PRO E 197 -38.56 -9.83 -16.55
CA PRO E 197 -38.68 -11.22 -17.00
C PRO E 197 -38.74 -11.33 -18.51
N ASN E 198 -38.98 -12.55 -18.99
CA ASN E 198 -39.04 -12.82 -20.42
C ASN E 198 -40.17 -12.07 -21.08
N SER E 199 -41.30 -11.97 -20.40
CA SER E 199 -42.50 -11.41 -21.00
C SER E 199 -42.48 -9.89 -21.09
N GLU E 200 -41.36 -9.25 -20.81
CA GLU E 200 -41.28 -7.80 -20.93
C GLU E 200 -40.14 -7.31 -21.81
N VAL E 201 -38.94 -7.88 -21.67
CA VAL E 201 -37.75 -7.37 -22.35
C VAL E 201 -37.04 -8.55 -23.00
N VAL E 202 -36.69 -8.42 -24.28
CA VAL E 202 -35.96 -9.44 -25.02
C VAL E 202 -34.72 -8.80 -25.62
N TYR E 203 -33.55 -9.41 -25.38
CA TYR E 203 -32.31 -8.93 -25.97
C TYR E 203 -32.05 -9.64 -27.29
N VAL E 204 -31.68 -8.86 -28.31
CA VAL E 204 -31.38 -9.37 -29.65
C VAL E 204 -30.06 -8.73 -30.09
N TRP E 205 -29.20 -9.50 -30.72
CA TRP E 205 -27.99 -8.95 -31.32
C TRP E 205 -28.34 -8.01 -32.46
N THR E 206 -27.52 -6.99 -32.65
CA THR E 206 -27.84 -5.93 -33.60
C THR E 206 -27.69 -6.41 -35.03
N ASN E 207 -26.48 -6.79 -35.41
CA ASN E 207 -26.23 -7.34 -36.73
C ASN E 207 -26.65 -8.82 -36.75
N GLY E 208 -26.21 -9.53 -37.78
CA GLY E 208 -26.26 -10.97 -37.74
C GLY E 208 -25.35 -11.53 -36.66
N SER E 209 -25.49 -12.85 -36.44
CA SER E 209 -24.79 -13.53 -35.35
C SER E 209 -23.28 -13.52 -35.52
N THR E 210 -22.78 -13.25 -36.73
CA THR E 210 -21.35 -13.11 -36.92
C THR E 210 -20.88 -11.69 -36.63
N LYS E 211 -21.47 -10.72 -37.33
CA LYS E 211 -20.93 -9.37 -37.35
C LYS E 211 -21.19 -8.56 -36.10
N SER E 212 -21.90 -9.11 -35.12
CA SER E 212 -22.37 -8.28 -34.02
C SER E 212 -21.30 -7.98 -32.99
N VAL E 213 -20.19 -8.71 -32.98
CA VAL E 213 -19.10 -8.46 -32.05
C VAL E 213 -17.84 -8.19 -32.86
N VAL E 214 -17.20 -7.06 -32.61
CA VAL E 214 -16.03 -6.65 -33.37
C VAL E 214 -14.85 -6.52 -32.43
N VAL E 215 -13.82 -7.30 -32.67
CA VAL E 215 -12.56 -7.15 -31.97
C VAL E 215 -11.74 -6.14 -32.75
N ALA E 216 -10.92 -5.36 -32.03
CA ALA E 216 -10.03 -4.43 -32.70
C ALA E 216 -8.79 -5.15 -33.19
N GLU E 217 -7.96 -4.41 -33.92
CA GLU E 217 -6.78 -5.03 -34.52
C GLU E 217 -5.65 -5.13 -33.50
N ASP E 218 -5.14 -3.99 -33.04
CA ASP E 218 -3.91 -3.99 -32.27
C ASP E 218 -4.12 -4.10 -30.76
N GLY E 219 -5.33 -3.83 -30.28
CA GLY E 219 -5.60 -3.74 -28.85
C GLY E 219 -5.46 -5.04 -28.09
N SER E 220 -5.37 -6.17 -28.78
CA SER E 220 -5.14 -7.44 -28.12
C SER E 220 -3.71 -7.48 -27.59
N ARG E 221 -3.51 -7.02 -26.36
CA ARG E 221 -2.17 -7.01 -25.77
C ARG E 221 -1.88 -8.30 -25.00
N LEU E 222 -2.17 -9.41 -25.65
CA LEU E 222 -1.91 -10.71 -25.06
C LEU E 222 -0.43 -11.03 -25.11
N ASN E 223 0.30 -10.58 -24.10
CA ASN E 223 1.66 -11.03 -23.88
C ASN E 223 1.60 -12.52 -23.63
N GLN E 224 1.02 -12.88 -22.49
CA GLN E 224 1.10 -14.23 -21.97
C GLN E 224 0.28 -15.21 -22.81
N TYR E 225 -0.81 -14.75 -23.41
CA TYR E 225 -1.75 -15.65 -24.04
C TYR E 225 -1.83 -15.36 -25.53
N HIS E 226 -2.81 -15.98 -26.18
CA HIS E 226 -3.05 -15.77 -27.60
C HIS E 226 -4.53 -15.97 -27.89
N LEU E 227 -5.08 -15.13 -28.76
CA LEU E 227 -6.51 -15.11 -29.05
C LEU E 227 -6.83 -16.07 -30.18
N MET E 228 -7.92 -16.83 -30.02
CA MET E 228 -8.25 -17.88 -30.98
C MET E 228 -9.54 -17.60 -31.75
N GLY E 229 -10.67 -17.43 -31.07
CA GLY E 229 -11.91 -17.32 -31.80
C GLY E 229 -13.01 -16.76 -30.93
N GLN E 230 -14.18 -16.57 -31.56
CA GLN E 230 -15.32 -15.96 -30.91
C GLN E 230 -16.54 -16.84 -31.10
N THR E 231 -17.44 -16.81 -30.13
CA THR E 231 -18.67 -17.59 -30.20
C THR E 231 -19.73 -16.89 -29.37
N VAL E 232 -20.88 -16.63 -29.96
CA VAL E 232 -21.98 -15.97 -29.28
C VAL E 232 -23.12 -16.96 -29.08
N GLY E 233 -24.04 -16.61 -28.18
CA GLY E 233 -25.16 -17.49 -27.89
C GLY E 233 -26.14 -16.82 -26.96
N THR E 234 -27.38 -17.29 -27.03
CA THR E 234 -28.49 -16.75 -26.24
C THR E 234 -29.15 -17.86 -25.45
N GLU E 235 -29.59 -17.55 -24.24
CA GLU E 235 -30.16 -18.55 -23.35
C GLU E 235 -31.36 -17.97 -22.61
N ASN E 236 -32.01 -18.83 -21.82
CA ASN E 236 -33.02 -18.43 -20.86
C ASN E 236 -32.60 -19.06 -19.53
N ILE E 237 -32.13 -18.27 -18.58
CA ILE E 237 -31.80 -18.81 -17.26
C ILE E 237 -32.99 -18.58 -16.33
N SER E 238 -33.46 -19.65 -15.71
CA SER E 238 -34.54 -19.57 -14.73
C SER E 238 -33.93 -19.38 -13.35
N THR E 239 -34.30 -18.29 -12.69
CA THR E 239 -33.90 -18.02 -11.33
C THR E 239 -35.13 -17.93 -10.43
N SER E 240 -34.92 -17.48 -9.20
CA SER E 240 -35.98 -17.47 -8.20
C SER E 240 -37.06 -16.46 -8.54
N THR E 241 -36.67 -15.30 -9.07
CA THR E 241 -37.65 -14.28 -9.39
C THR E 241 -38.44 -14.64 -10.62
N GLY E 242 -37.76 -14.76 -11.75
CA GLY E 242 -38.41 -15.13 -12.99
C GLY E 242 -37.39 -15.49 -14.04
N GLU E 243 -37.87 -16.13 -15.09
CA GLU E 243 -36.99 -16.56 -16.17
C GLU E 243 -36.57 -15.36 -17.01
N TYR E 244 -35.28 -15.25 -17.27
CA TYR E 244 -34.72 -14.05 -17.89
C TYR E 244 -34.10 -14.37 -19.24
N THR E 245 -33.47 -13.37 -19.84
CA THR E 245 -32.79 -13.50 -21.12
C THR E 245 -31.31 -13.20 -20.93
N ILE E 246 -30.46 -13.99 -21.59
CA ILE E 246 -29.03 -14.01 -21.29
C ILE E 246 -28.24 -13.88 -22.58
N MET E 247 -27.27 -12.97 -22.61
CA MET E 247 -26.27 -12.91 -23.66
C MET E 247 -25.00 -13.63 -23.22
N THR E 248 -24.23 -14.09 -24.20
CA THR E 248 -23.04 -14.90 -23.93
C THR E 248 -21.99 -14.65 -25.01
N ALA E 249 -20.76 -14.37 -24.60
CA ALA E 249 -19.65 -14.20 -25.53
C ALA E 249 -18.45 -14.99 -25.04
N HIS E 250 -18.21 -16.16 -25.62
CA HIS E 250 -17.03 -16.94 -25.29
C HIS E 250 -15.78 -16.30 -25.88
N PHE E 251 -14.63 -16.67 -25.32
CA PHE E 251 -13.34 -16.25 -25.85
C PHE E 251 -12.37 -17.39 -25.65
N HIS E 252 -11.90 -17.99 -26.74
CA HIS E 252 -10.93 -19.07 -26.64
C HIS E 252 -9.52 -18.50 -26.57
N LEU E 253 -8.76 -18.96 -25.58
CA LEU E 253 -7.40 -18.47 -25.38
C LEU E 253 -6.42 -19.62 -25.48
N LYS E 254 -5.15 -19.27 -25.67
CA LYS E 254 -4.09 -20.25 -25.75
C LYS E 254 -2.80 -19.60 -25.30
N ARG E 255 -2.02 -20.35 -24.52
CA ARG E 255 -0.83 -19.80 -23.91
C ARG E 255 0.34 -19.80 -24.88
N LYS E 256 1.13 -18.73 -24.83
CA LYS E 256 2.39 -18.65 -25.57
C LYS E 256 3.37 -19.62 -24.95
N ILE E 257 3.58 -20.77 -25.60
CA ILE E 257 4.43 -21.79 -25.01
C ILE E 257 5.91 -21.44 -25.10
N GLY E 258 6.28 -20.54 -26.00
CA GLY E 258 7.68 -20.27 -26.26
C GLY E 258 8.42 -19.47 -25.21
N TYR E 259 7.94 -19.48 -23.98
CA TYR E 259 8.64 -18.86 -22.88
C TYR E 259 9.19 -19.85 -21.87
N PHE E 260 8.34 -20.75 -21.39
CA PHE E 260 8.70 -21.63 -20.29
C PHE E 260 9.67 -22.73 -20.70
N VAL E 261 9.90 -22.91 -21.99
CA VAL E 261 10.98 -23.79 -22.43
C VAL E 261 12.32 -23.24 -21.97
N ILE E 262 12.66 -22.03 -22.42
CA ILE E 262 13.90 -21.42 -22.00
C ILE E 262 13.83 -20.86 -20.59
N GLN E 263 12.63 -20.67 -20.06
CA GLN E 263 12.53 -20.17 -18.69
C GLN E 263 12.79 -21.28 -17.69
N THR E 264 12.24 -22.46 -17.95
CA THR E 264 12.28 -23.55 -16.99
C THR E 264 12.98 -24.78 -17.54
N TYR E 265 12.66 -25.18 -18.76
CA TYR E 265 12.96 -26.54 -19.17
C TYR E 265 14.41 -26.75 -19.59
N LEU E 266 15.15 -25.69 -19.90
CA LEU E 266 16.57 -25.89 -20.20
C LEU E 266 17.38 -26.24 -18.95
N PRO E 267 17.41 -25.44 -17.86
CA PRO E 267 18.30 -25.80 -16.75
C PRO E 267 17.85 -27.02 -15.99
N CYS E 268 16.62 -27.48 -16.19
CA CYS E 268 16.28 -28.86 -15.88
C CYS E 268 17.18 -29.80 -16.64
N ILE E 269 17.09 -29.75 -17.97
CA ILE E 269 17.79 -30.71 -18.81
C ILE E 269 19.29 -30.44 -18.77
N MET E 270 19.69 -29.20 -18.51
CA MET E 270 21.11 -28.90 -18.33
C MET E 270 21.66 -29.59 -17.08
N THR E 271 20.92 -29.52 -15.97
CA THR E 271 21.37 -30.18 -14.75
C THR E 271 21.29 -31.69 -14.90
N VAL E 272 20.34 -32.19 -15.69
CA VAL E 272 20.26 -33.62 -15.98
C VAL E 272 21.51 -34.08 -16.73
N ILE E 273 21.86 -33.37 -17.80
CA ILE E 273 23.04 -33.72 -18.56
C ILE E 273 24.31 -33.40 -17.78
N LEU E 274 24.24 -32.44 -16.84
CA LEU E 274 25.33 -32.23 -15.90
C LEU E 274 25.55 -33.44 -15.03
N SER E 275 24.49 -34.16 -14.70
CA SER E 275 24.67 -35.40 -13.98
C SER E 275 25.01 -36.55 -14.91
N GLN E 276 24.47 -36.57 -16.13
CA GLN E 276 24.60 -37.75 -16.97
C GLN E 276 25.94 -37.82 -17.69
N VAL E 277 26.51 -36.69 -18.10
CA VAL E 277 27.86 -36.70 -18.65
C VAL E 277 28.87 -37.00 -17.56
N SER E 278 28.55 -36.68 -16.30
CA SER E 278 29.43 -36.92 -15.17
C SER E 278 29.70 -38.39 -14.88
N PHE E 279 28.98 -39.31 -15.52
CA PHE E 279 29.33 -40.72 -15.44
C PHE E 279 30.67 -41.00 -16.09
N TRP E 280 31.00 -40.24 -17.12
CA TRP E 280 32.25 -40.40 -17.85
C TRP E 280 33.45 -39.80 -17.12
N LEU E 281 33.32 -39.48 -15.83
CA LEU E 281 34.42 -38.98 -15.03
C LEU E 281 35.13 -40.12 -14.32
N ASN E 282 36.27 -39.78 -13.71
CA ASN E 282 37.16 -40.80 -13.16
C ASN E 282 36.60 -41.35 -11.87
N ARG E 283 36.63 -42.67 -11.77
CA ARG E 283 36.29 -43.36 -10.53
C ARG E 283 37.30 -43.06 -9.43
N GLU E 284 38.52 -42.67 -9.80
CA GLU E 284 39.54 -42.36 -8.83
C GLU E 284 39.49 -40.92 -8.37
N SER E 285 38.48 -40.17 -8.79
CA SER E 285 38.28 -38.80 -8.31
C SER E 285 37.57 -38.89 -6.97
N VAL E 286 38.33 -39.22 -5.93
CA VAL E 286 37.73 -39.74 -4.72
C VAL E 286 37.13 -38.64 -3.82
N PRO E 287 37.82 -37.53 -3.51
CA PRO E 287 37.13 -36.46 -2.77
C PRO E 287 36.36 -35.53 -3.68
N ALA E 288 36.49 -35.73 -5.00
CA ALA E 288 36.01 -34.74 -5.96
C ALA E 288 34.51 -34.85 -6.15
N ARG E 289 34.03 -36.00 -6.63
CA ARG E 289 32.63 -36.18 -6.92
C ARG E 289 31.78 -36.25 -5.67
N THR E 290 32.39 -36.28 -4.49
CA THR E 290 31.69 -36.03 -3.23
C THR E 290 30.95 -34.71 -3.29
N VAL E 291 31.68 -33.63 -3.58
CA VAL E 291 31.08 -32.31 -3.59
C VAL E 291 30.16 -32.16 -4.78
N PHE E 292 30.47 -32.85 -5.89
CA PHE E 292 29.80 -32.62 -7.17
C PHE E 292 28.34 -33.03 -7.13
N GLY E 293 28.08 -34.29 -6.81
CA GLY E 293 26.73 -34.82 -6.82
C GLY E 293 25.81 -34.22 -5.77
N VAL E 294 26.36 -33.53 -4.79
CA VAL E 294 25.54 -32.81 -3.80
C VAL E 294 24.84 -31.63 -4.45
N THR E 295 25.62 -30.74 -5.07
CA THR E 295 25.09 -29.48 -5.58
C THR E 295 24.16 -29.71 -6.77
N THR E 296 24.36 -30.80 -7.49
CA THR E 296 23.44 -31.18 -8.56
C THR E 296 22.05 -31.49 -8.05
N VAL E 297 21.91 -31.80 -6.76
CA VAL E 297 20.60 -31.85 -6.15
C VAL E 297 20.18 -30.46 -5.68
N LEU E 298 21.14 -29.63 -5.23
CA LEU E 298 20.83 -28.27 -4.79
C LEU E 298 20.34 -27.40 -5.93
N THR E 299 21.05 -27.44 -7.05
CA THR E 299 20.64 -26.69 -8.24
C THR E 299 19.29 -27.18 -8.75
N MET E 300 19.08 -28.49 -8.71
CA MET E 300 17.79 -29.08 -9.02
C MET E 300 16.72 -28.60 -8.04
N THR E 301 17.09 -28.36 -6.78
CA THR E 301 16.13 -27.88 -5.81
C THR E 301 15.84 -26.40 -6.01
N THR E 302 16.89 -25.59 -6.18
CA THR E 302 16.71 -24.15 -6.37
C THR E 302 16.00 -23.83 -7.68
N LEU E 303 16.12 -24.70 -8.68
CA LEU E 303 15.32 -24.54 -9.88
C LEU E 303 13.85 -24.80 -9.60
N SER E 304 13.56 -25.85 -8.82
CA SER E 304 12.19 -26.10 -8.38
C SER E 304 11.67 -25.01 -7.46
N ILE E 305 12.56 -24.28 -6.80
CA ILE E 305 12.16 -23.09 -6.05
C ILE E 305 11.68 -22.00 -7.00
N SER E 306 12.48 -21.69 -8.01
CA SER E 306 12.06 -20.69 -8.99
C SER E 306 10.91 -21.20 -9.85
N ALA E 307 10.80 -22.52 -10.00
CA ALA E 307 9.62 -23.08 -10.66
C ALA E 307 8.37 -22.85 -9.84
N ARG E 308 8.47 -22.95 -8.53
CA ARG E 308 7.36 -22.65 -7.66
C ARG E 308 7.31 -21.19 -7.26
N ASN E 309 8.20 -20.37 -7.82
CA ASN E 309 8.12 -18.93 -7.56
C ASN E 309 6.91 -18.33 -8.25
N SER E 310 6.87 -18.38 -9.57
CA SER E 310 5.82 -17.73 -10.34
C SER E 310 4.58 -18.61 -10.51
N LEU E 311 4.64 -19.86 -10.08
CA LEU E 311 3.50 -20.74 -10.23
C LEU E 311 2.38 -20.34 -9.28
N PRO E 312 1.16 -20.14 -9.77
CA PRO E 312 0.04 -19.85 -8.88
C PRO E 312 -0.42 -21.10 -8.16
N LYS E 313 -1.06 -20.87 -7.02
CA LYS E 313 -1.47 -21.97 -6.14
C LYS E 313 -2.70 -22.68 -6.70
N VAL E 314 -2.61 -24.00 -6.80
CA VAL E 314 -3.74 -24.84 -7.13
C VAL E 314 -3.78 -25.99 -6.14
N ALA E 315 -4.71 -26.91 -6.38
CA ALA E 315 -4.78 -28.17 -5.67
C ALA E 315 -4.81 -29.31 -6.66
N TYR E 316 -3.95 -29.23 -7.66
CA TYR E 316 -4.00 -30.12 -8.80
C TYR E 316 -2.74 -30.96 -8.90
N ALA E 317 -2.76 -31.85 -9.90
CA ALA E 317 -1.58 -32.57 -10.34
C ALA E 317 -1.13 -31.92 -11.65
N THR E 318 -0.37 -30.84 -11.52
CA THR E 318 0.00 -30.05 -12.68
C THR E 318 1.08 -30.75 -13.50
N ALA E 319 0.97 -30.63 -14.82
CA ALA E 319 1.90 -31.30 -15.73
C ALA E 319 3.30 -30.72 -15.66
N MET E 320 3.47 -29.51 -15.13
CA MET E 320 4.82 -29.00 -14.93
C MET E 320 5.47 -29.70 -13.75
N ASP E 321 4.76 -29.78 -12.62
CA ASP E 321 5.26 -30.51 -11.46
C ASP E 321 5.42 -31.99 -11.78
N TRP E 322 4.53 -32.53 -12.61
CA TRP E 322 4.64 -33.88 -13.14
C TRP E 322 5.91 -34.06 -13.98
N PHE E 323 6.47 -32.97 -14.50
CA PHE E 323 7.74 -32.98 -15.19
C PHE E 323 8.91 -32.57 -14.30
N ILE E 324 8.66 -31.78 -13.26
CA ILE E 324 9.73 -31.39 -12.34
C ILE E 324 10.23 -32.60 -11.58
N ALA E 325 9.30 -33.42 -11.07
CA ALA E 325 9.66 -34.51 -10.17
C ALA E 325 10.48 -35.58 -10.86
N VAL E 326 10.15 -35.93 -12.11
CA VAL E 326 10.96 -36.86 -12.88
C VAL E 326 12.33 -36.27 -13.14
N CYS E 327 12.38 -34.98 -13.48
CA CYS E 327 13.65 -34.27 -13.56
C CYS E 327 14.32 -34.22 -12.19
N TYR E 328 13.53 -34.11 -11.12
CA TYR E 328 14.10 -34.06 -9.77
C TYR E 328 14.57 -35.43 -9.31
N ALA E 329 13.95 -36.49 -9.78
CA ALA E 329 14.27 -37.83 -9.30
C ALA E 329 15.54 -38.41 -9.93
N PHE E 330 16.09 -37.80 -10.96
CA PHE E 330 17.19 -38.48 -11.63
C PHE E 330 18.54 -38.12 -11.05
N VAL E 331 18.75 -36.89 -10.57
CA VAL E 331 19.91 -36.65 -9.74
C VAL E 331 19.72 -37.28 -8.39
N PHE E 332 18.47 -37.53 -8.01
CA PHE E 332 18.20 -38.37 -6.85
C PHE E 332 18.61 -39.81 -7.12
N SER E 333 18.35 -40.30 -8.33
CA SER E 333 18.62 -41.71 -8.62
C SER E 333 20.09 -41.93 -8.97
N ALA E 334 20.65 -41.07 -9.82
CA ALA E 334 22.03 -41.27 -10.25
C ALA E 334 23.04 -40.89 -9.17
N LEU E 335 22.59 -40.28 -8.08
CA LEU E 335 23.44 -40.16 -6.92
C LEU E 335 23.80 -41.52 -6.36
N ILE E 336 22.82 -42.44 -6.36
CA ILE E 336 23.01 -43.78 -5.80
C ILE E 336 24.01 -44.57 -6.61
N GLU E 337 24.04 -44.35 -7.93
CA GLU E 337 25.04 -44.98 -8.80
C GLU E 337 26.45 -44.57 -8.42
N PHE E 338 26.63 -43.34 -7.93
CA PHE E 338 27.95 -43.03 -7.42
C PHE E 338 28.09 -43.39 -5.96
N ALA E 339 27.04 -43.16 -5.17
CA ALA E 339 27.14 -43.38 -3.73
C ALA E 339 27.25 -44.84 -3.37
N THR E 340 26.96 -45.76 -4.29
CA THR E 340 27.20 -47.17 -4.02
C THR E 340 28.69 -47.50 -3.99
N VAL E 341 29.54 -46.69 -4.62
CA VAL E 341 30.91 -47.07 -4.89
C VAL E 341 31.77 -47.02 -3.63
N ASN E 342 31.46 -46.07 -2.72
CA ASN E 342 32.17 -45.94 -1.45
C ASN E 342 32.07 -47.23 -0.62
N TYR E 343 30.90 -47.86 -0.61
CA TYR E 343 30.74 -49.15 0.05
C TYR E 343 31.39 -50.28 -0.73
N PHE E 344 31.69 -50.05 -2.01
CA PHE E 344 31.86 -51.13 -2.97
C PHE E 344 33.27 -51.31 -3.49
N THR E 345 33.90 -50.24 -3.95
CA THR E 345 35.10 -50.40 -4.77
C THR E 345 36.33 -50.79 -3.95
N LYS E 346 36.30 -50.64 -2.64
CA LYS E 346 37.37 -51.19 -1.82
C LYS E 346 37.13 -52.65 -1.51
N SER E 347 35.87 -53.06 -1.45
CA SER E 347 35.55 -54.48 -1.32
C SER E 347 35.91 -55.23 -2.58
N GLN E 348 35.29 -54.85 -3.69
CA GLN E 348 35.60 -55.47 -4.97
C GLN E 348 35.34 -54.47 -6.09
N PRO E 349 36.38 -53.98 -6.76
CA PRO E 349 36.19 -53.13 -7.93
C PRO E 349 35.98 -53.89 -9.24
N ALA E 350 35.70 -55.19 -9.19
CA ALA E 350 35.51 -55.95 -10.42
C ALA E 350 34.11 -55.73 -10.98
N ARG E 351 33.08 -55.82 -10.15
CA ARG E 351 31.71 -55.61 -10.60
C ARG E 351 31.39 -54.14 -10.85
N ALA E 352 32.26 -53.22 -10.43
CA ALA E 352 32.12 -51.82 -10.83
C ALA E 352 32.32 -51.63 -12.32
N ALA E 353 33.07 -52.53 -12.96
CA ALA E 353 33.18 -52.54 -14.41
C ALA E 353 31.96 -53.17 -15.09
N LYS E 354 31.12 -53.88 -14.35
CA LYS E 354 29.93 -54.43 -14.96
C LYS E 354 28.86 -53.37 -15.13
N ILE E 355 28.38 -52.83 -14.02
CA ILE E 355 27.15 -52.05 -14.04
C ILE E 355 27.39 -50.56 -14.28
N ASP E 356 28.48 -50.00 -13.76
CA ASP E 356 28.72 -48.57 -13.96
C ASP E 356 29.11 -48.28 -15.41
N LYS E 357 29.70 -49.25 -16.10
CA LYS E 357 29.88 -49.09 -17.53
C LYS E 357 28.56 -49.22 -18.27
N MET E 358 27.63 -50.00 -17.73
CA MET E 358 26.28 -50.01 -18.27
C MET E 358 25.53 -48.73 -17.94
N SER E 359 25.93 -48.02 -16.87
CA SER E 359 25.23 -46.82 -16.42
C SER E 359 25.32 -45.69 -17.42
N ARG E 360 26.36 -45.68 -18.24
CA ARG E 360 26.51 -44.68 -19.28
C ARG E 360 25.58 -44.91 -20.46
N ILE E 361 24.94 -46.06 -20.58
CA ILE E 361 24.03 -46.29 -21.69
C ILE E 361 22.63 -46.68 -21.20
N VAL E 362 22.27 -46.24 -20.00
CA VAL E 362 20.93 -46.49 -19.48
C VAL E 362 20.24 -45.18 -19.13
N PHE E 363 20.85 -44.41 -18.25
CA PHE E 363 20.20 -43.21 -17.73
C PHE E 363 20.07 -42.09 -18.76
N PRO E 364 21.04 -41.84 -19.66
CA PRO E 364 20.72 -40.94 -20.79
C PRO E 364 19.77 -41.54 -21.80
N VAL E 365 19.59 -42.86 -21.83
CA VAL E 365 18.58 -43.42 -22.74
C VAL E 365 17.20 -43.20 -22.18
N LEU E 366 16.99 -43.56 -20.90
CA LEU E 366 15.64 -43.56 -20.34
C LEU E 366 15.11 -42.15 -20.12
N PHE E 367 15.99 -41.19 -19.81
CA PHE E 367 15.57 -39.82 -19.79
C PHE E 367 15.19 -39.34 -21.19
N GLY E 368 15.95 -39.77 -22.20
CA GLY E 368 15.65 -39.38 -23.57
C GLY E 368 14.40 -40.02 -24.11
N THR E 369 14.06 -41.22 -23.65
CA THR E 369 12.78 -41.80 -24.02
C THR E 369 11.64 -41.13 -23.29
N PHE E 370 11.91 -40.56 -22.11
CA PHE E 370 10.85 -39.94 -21.34
C PHE E 370 10.33 -38.69 -22.00
N ASN E 371 11.24 -37.85 -22.51
CA ASN E 371 10.85 -36.59 -23.13
C ASN E 371 10.07 -36.81 -24.41
N LEU E 372 10.29 -37.93 -25.09
CA LEU E 372 9.47 -38.24 -26.24
C LEU E 372 8.06 -38.64 -25.83
N VAL E 373 7.91 -39.28 -24.68
CA VAL E 373 6.58 -39.62 -24.18
C VAL E 373 5.86 -38.38 -23.70
N TYR E 374 6.61 -37.45 -23.10
CA TYR E 374 6.01 -36.30 -22.42
C TYR E 374 5.40 -35.32 -23.40
N TRP E 375 6.18 -34.87 -24.38
CA TRP E 375 5.69 -33.89 -25.33
C TRP E 375 4.67 -34.47 -26.29
N ALA E 376 4.61 -35.78 -26.41
CA ALA E 376 3.57 -36.41 -27.22
C ALA E 376 2.21 -36.31 -26.54
N THR E 377 2.18 -36.13 -25.23
CA THR E 377 0.93 -36.17 -24.50
C THR E 377 0.12 -34.89 -24.69
N TYR E 378 0.79 -33.74 -24.73
CA TYR E 378 0.12 -32.48 -24.55
C TYR E 378 0.01 -31.60 -25.78
N LEU E 379 0.87 -31.80 -26.77
CA LEU E 379 0.86 -30.91 -27.93
C LEU E 379 -0.31 -31.14 -28.88
N ASN E 380 -1.12 -32.16 -28.65
CA ASN E 380 -2.15 -32.52 -29.61
C ASN E 380 -3.54 -32.68 -29.02
N ARG E 381 -3.77 -32.18 -27.80
CA ARG E 381 -5.10 -32.28 -27.22
C ARG E 381 -5.92 -31.06 -27.61
N ASN F 33 -53.47 0.21 -21.30
CA ASN F 33 -53.41 1.63 -21.61
C ASN F 33 -52.29 2.29 -20.84
N MET F 34 -51.72 3.33 -21.43
CA MET F 34 -50.72 4.14 -20.76
C MET F 34 -51.34 5.15 -19.81
N SER F 35 -52.60 5.50 -20.04
CA SER F 35 -53.20 6.65 -19.36
C SER F 35 -53.47 6.38 -17.89
N PHE F 36 -53.92 5.16 -17.57
CA PHE F 36 -54.33 4.83 -16.21
C PHE F 36 -53.15 4.85 -15.26
N VAL F 37 -52.00 4.39 -15.73
CA VAL F 37 -50.95 3.97 -14.82
C VAL F 37 -50.21 5.16 -14.25
N LYS F 38 -50.03 6.21 -15.05
CA LYS F 38 -49.24 7.36 -14.60
C LYS F 38 -49.94 8.11 -13.49
N GLU F 39 -51.24 8.33 -13.63
CA GLU F 39 -51.96 8.97 -12.55
C GLU F 39 -52.19 8.03 -11.38
N THR F 40 -52.08 6.72 -11.60
CA THR F 40 -52.24 5.77 -10.51
C THR F 40 -51.05 5.83 -9.58
N VAL F 41 -49.84 5.90 -10.13
CA VAL F 41 -48.64 5.98 -9.32
C VAL F 41 -48.58 7.30 -8.59
N ASP F 42 -49.05 8.37 -9.22
CA ASP F 42 -49.03 9.68 -8.59
C ASP F 42 -50.01 9.77 -7.44
N LYS F 43 -51.12 9.04 -7.51
CA LYS F 43 -51.99 8.94 -6.33
C LYS F 43 -51.31 8.15 -5.23
N LEU F 44 -50.46 7.20 -5.59
CA LEU F 44 -49.74 6.43 -4.59
C LEU F 44 -48.59 7.20 -3.96
N LEU F 45 -48.19 8.32 -4.53
CA LEU F 45 -47.08 9.06 -3.97
C LEU F 45 -47.43 10.47 -3.54
N LYS F 46 -48.59 10.98 -3.89
CA LYS F 46 -49.01 12.28 -3.39
C LYS F 46 -49.34 12.14 -1.91
N GLY F 47 -48.59 12.84 -1.07
CA GLY F 47 -48.76 12.72 0.35
C GLY F 47 -48.16 11.48 0.97
N TYR F 48 -47.45 10.66 0.20
CA TYR F 48 -46.76 9.52 0.77
C TYR F 48 -45.57 10.02 1.57
N ASP F 49 -45.55 9.79 2.87
CA ASP F 49 -44.40 10.13 3.66
C ASP F 49 -43.33 9.06 3.46
N ILE F 50 -42.07 9.51 3.46
CA ILE F 50 -40.94 8.58 3.40
C ILE F 50 -40.31 8.40 4.78
N ARG F 51 -40.63 9.25 5.73
CA ARG F 51 -39.90 9.20 6.99
C ARG F 51 -40.39 8.11 7.94
N LEU F 52 -41.50 7.44 7.65
CA LEU F 52 -42.09 6.52 8.61
C LEU F 52 -42.28 5.14 8.02
N ARG F 53 -42.12 4.12 8.86
CA ARG F 53 -42.35 2.74 8.50
C ARG F 53 -43.84 2.45 8.52
N PRO F 54 -44.31 1.48 7.73
CA PRO F 54 -45.75 1.26 7.69
C PRO F 54 -46.23 0.55 8.94
N ASP F 55 -47.51 0.80 9.27
CA ASP F 55 -48.17 0.35 10.50
C ASP F 55 -47.42 0.84 11.73
N PHE F 56 -47.30 2.15 11.82
CA PHE F 56 -46.37 2.78 12.75
C PHE F 56 -46.80 2.61 14.20
N GLY F 57 -48.05 2.94 14.50
CA GLY F 57 -48.53 2.76 15.85
C GLY F 57 -48.90 1.33 16.15
N GLY F 58 -49.28 0.56 15.14
CA GLY F 58 -49.86 -0.75 15.35
C GLY F 58 -48.84 -1.86 15.48
N PRO F 59 -49.13 -2.99 14.86
CA PRO F 59 -48.28 -4.17 15.01
C PRO F 59 -46.97 -3.99 14.28
N PRO F 60 -45.94 -4.75 14.65
CA PRO F 60 -44.66 -4.63 13.94
C PRO F 60 -44.77 -5.21 12.54
N VAL F 61 -43.84 -4.76 11.69
CA VAL F 61 -43.82 -5.24 10.31
C VAL F 61 -43.20 -6.63 10.29
N CYS F 62 -43.54 -7.41 9.25
CA CYS F 62 -43.15 -8.81 9.17
C CYS F 62 -42.39 -9.01 7.86
N VAL F 63 -41.07 -8.79 7.90
CA VAL F 63 -40.23 -8.77 6.70
C VAL F 63 -39.53 -10.11 6.54
N GLY F 64 -39.68 -10.71 5.36
CA GLY F 64 -38.99 -11.94 5.02
C GLY F 64 -37.84 -11.65 4.07
N MET F 65 -36.83 -12.52 4.10
CA MET F 65 -35.67 -12.34 3.25
C MET F 65 -35.37 -13.60 2.46
N ASN F 66 -34.38 -13.48 1.57
CA ASN F 66 -34.07 -14.49 0.57
C ASN F 66 -32.70 -14.19 -0.01
N ILE F 67 -31.81 -15.18 -0.01
CA ILE F 67 -30.43 -14.98 -0.45
C ILE F 67 -30.10 -16.03 -1.50
N ASP F 68 -29.58 -15.58 -2.64
CA ASP F 68 -29.00 -16.45 -3.64
C ASP F 68 -27.53 -16.07 -3.81
N ILE F 69 -26.65 -17.05 -3.72
CA ILE F 69 -25.21 -16.82 -3.73
C ILE F 69 -24.68 -17.04 -5.14
N ALA F 70 -23.95 -16.06 -5.66
CA ALA F 70 -23.30 -16.26 -6.94
C ALA F 70 -22.03 -17.07 -6.80
N SER F 71 -21.05 -16.54 -6.05
CA SER F 71 -19.77 -17.21 -5.91
C SER F 71 -19.05 -16.65 -4.68
N ILE F 72 -18.06 -17.42 -4.21
CA ILE F 72 -17.14 -16.98 -3.17
C ILE F 72 -15.78 -16.83 -3.82
N ASP F 73 -15.20 -15.64 -3.67
CA ASP F 73 -13.99 -15.34 -4.43
C ASP F 73 -12.75 -15.98 -3.81
N MET F 74 -12.40 -15.58 -2.60
CA MET F 74 -11.12 -15.98 -2.04
C MET F 74 -11.21 -15.93 -0.53
N VAL F 75 -10.32 -16.70 0.10
CA VAL F 75 -10.25 -16.78 1.55
C VAL F 75 -8.83 -16.47 1.97
N SER F 76 -8.66 -15.40 2.72
CA SER F 76 -7.35 -14.97 3.18
C SER F 76 -7.17 -15.38 4.63
N GLU F 77 -6.29 -16.35 4.88
CA GLU F 77 -5.91 -16.65 6.24
C GLU F 77 -5.05 -15.56 6.84
N VAL F 78 -4.41 -14.74 6.01
CA VAL F 78 -3.65 -13.62 6.51
C VAL F 78 -4.56 -12.60 7.15
N ASN F 79 -5.68 -12.29 6.49
CA ASN F 79 -6.56 -11.24 6.98
C ASN F 79 -7.79 -11.79 7.71
N MET F 80 -7.96 -13.11 7.73
CA MET F 80 -9.08 -13.81 8.37
C MET F 80 -10.43 -13.30 7.89
N ASP F 81 -10.66 -13.47 6.59
CA ASP F 81 -11.86 -12.96 5.95
C ASP F 81 -12.09 -13.70 4.65
N TYR F 82 -13.23 -13.41 4.02
CA TYR F 82 -13.54 -14.02 2.76
C TYR F 82 -14.45 -13.08 1.98
N THR F 83 -14.60 -13.34 0.69
CA THR F 83 -15.32 -12.43 -0.19
C THR F 83 -16.29 -13.21 -1.04
N LEU F 84 -17.58 -12.87 -0.94
CA LEU F 84 -18.61 -13.49 -1.75
C LEU F 84 -19.41 -12.42 -2.45
N THR F 85 -20.38 -12.87 -3.26
CA THR F 85 -21.28 -12.00 -3.99
C THR F 85 -22.65 -12.67 -4.02
N MET F 86 -23.66 -11.97 -3.56
CA MET F 86 -24.97 -12.59 -3.36
C MET F 86 -26.05 -11.84 -4.12
N TYR F 87 -27.22 -12.46 -4.17
CA TYR F 87 -28.46 -11.82 -4.57
C TYR F 87 -29.32 -11.69 -3.32
N PHE F 88 -29.67 -10.48 -2.96
CA PHE F 88 -30.32 -10.21 -1.69
C PHE F 88 -31.73 -9.70 -1.95
N GLN F 89 -32.72 -10.38 -1.38
CA GLN F 89 -34.12 -10.08 -1.66
C GLN F 89 -34.88 -9.91 -0.36
N GLN F 90 -35.98 -9.16 -0.42
CA GLN F 90 -36.78 -8.86 0.75
C GLN F 90 -38.25 -8.77 0.38
N TYR F 91 -39.12 -9.15 1.31
CA TYR F 91 -40.55 -8.89 1.24
C TYR F 91 -40.94 -7.93 2.36
N TRP F 92 -42.00 -7.17 2.13
CA TRP F 92 -42.83 -6.64 3.21
C TRP F 92 -44.19 -6.28 2.62
N ARG F 93 -45.06 -5.70 3.45
CA ARG F 93 -46.44 -5.47 3.03
C ARG F 93 -46.90 -4.11 3.54
N ASP F 94 -46.93 -3.13 2.64
CA ASP F 94 -47.42 -1.80 2.97
C ASP F 94 -48.84 -1.64 2.48
N LYS F 95 -49.72 -1.23 3.39
CA LYS F 95 -51.07 -0.88 2.99
C LYS F 95 -51.14 0.49 2.32
N ARG F 96 -50.10 1.31 2.46
CA ARG F 96 -50.12 2.60 1.78
C ARG F 96 -50.00 2.46 0.27
N LEU F 97 -49.52 1.33 -0.21
CA LEU F 97 -49.35 1.11 -1.64
C LEU F 97 -50.28 -0.03 -2.04
N ALA F 98 -51.46 0.32 -2.55
CA ALA F 98 -52.41 -0.72 -2.96
C ALA F 98 -53.23 -0.18 -4.13
N TYR F 99 -52.79 -0.49 -5.34
CA TYR F 99 -53.59 -0.19 -6.50
C TYR F 99 -54.71 -1.21 -6.63
N SER F 100 -55.73 -0.85 -7.40
CA SER F 100 -56.88 -1.72 -7.52
C SER F 100 -57.28 -1.97 -8.97
N GLY F 101 -57.07 -0.99 -9.83
CA GLY F 101 -57.67 -1.05 -11.13
C GLY F 101 -56.95 -1.86 -12.18
N ILE F 102 -55.81 -2.45 -11.86
CA ILE F 102 -54.95 -3.10 -12.84
C ILE F 102 -54.78 -4.56 -12.43
N PRO F 103 -55.11 -5.52 -13.28
CA PRO F 103 -54.91 -6.93 -12.93
C PRO F 103 -53.47 -7.37 -12.98
N LEU F 104 -52.61 -6.61 -13.62
CA LEU F 104 -51.22 -7.00 -13.77
C LEU F 104 -50.45 -6.82 -12.47
N ASN F 105 -49.26 -7.41 -12.42
CA ASN F 105 -48.33 -7.23 -11.31
C ASN F 105 -47.15 -6.43 -11.79
N LEU F 106 -46.94 -5.26 -11.18
CA LEU F 106 -46.16 -4.18 -11.75
C LEU F 106 -44.67 -4.43 -11.65
N THR F 107 -43.91 -3.54 -12.27
CA THR F 107 -42.46 -3.59 -12.27
C THR F 107 -41.96 -2.18 -12.56
N LEU F 108 -41.19 -1.61 -11.65
CA LEU F 108 -40.78 -0.22 -11.79
C LEU F 108 -39.27 -0.11 -11.93
N ASP F 109 -38.84 1.11 -12.23
CA ASP F 109 -37.43 1.42 -12.38
C ASP F 109 -36.81 1.68 -11.01
N ASN F 110 -35.50 1.49 -10.92
CA ASN F 110 -34.81 1.59 -9.65
C ASN F 110 -34.72 3.01 -9.10
N ARG F 111 -35.04 4.04 -9.89
CA ARG F 111 -35.01 5.37 -9.30
C ARG F 111 -36.18 5.66 -8.39
N VAL F 112 -37.21 4.81 -8.36
CA VAL F 112 -38.32 5.02 -7.43
C VAL F 112 -37.94 4.60 -6.02
N ALA F 113 -36.82 3.90 -5.86
CA ALA F 113 -36.37 3.46 -4.55
C ALA F 113 -35.97 4.62 -3.65
N ASP F 114 -35.61 5.76 -4.22
CA ASP F 114 -35.33 6.93 -3.40
C ASP F 114 -36.59 7.64 -2.96
N GLN F 115 -37.77 7.16 -3.36
CA GLN F 115 -39.02 7.77 -2.98
C GLN F 115 -39.91 6.78 -2.25
N LEU F 116 -39.33 5.71 -1.70
CA LEU F 116 -40.07 4.73 -0.94
C LEU F 116 -39.36 4.45 0.38
N TRP F 117 -39.98 3.63 1.21
CA TRP F 117 -39.37 3.21 2.44
C TRP F 117 -38.73 1.84 2.26
N VAL F 118 -37.50 1.72 2.74
CA VAL F 118 -36.85 0.41 2.81
C VAL F 118 -36.47 0.19 4.27
N PRO F 119 -36.37 -1.05 4.72
CA PRO F 119 -35.84 -1.30 6.07
C PRO F 119 -34.33 -1.22 6.07
N ASP F 120 -33.79 -0.70 7.16
CA ASP F 120 -32.35 -0.68 7.34
C ASP F 120 -31.82 -2.09 7.54
N THR F 121 -30.81 -2.46 6.77
CA THR F 121 -30.29 -3.81 6.85
C THR F 121 -28.81 -3.74 6.63
N TYR F 122 -28.03 -4.31 7.53
CA TYR F 122 -26.60 -4.28 7.35
C TYR F 122 -26.00 -5.61 7.76
N PHE F 123 -24.75 -5.79 7.39
CA PHE F 123 -24.02 -7.01 7.68
C PHE F 123 -23.09 -6.74 8.84
N LEU F 124 -22.99 -7.70 9.74
CA LEU F 124 -22.34 -7.44 11.01
C LEU F 124 -20.85 -7.72 10.96
N ASN F 125 -20.45 -8.84 10.37
CA ASN F 125 -19.07 -9.30 10.39
C ASN F 125 -18.30 -8.89 9.13
N ASP F 126 -18.65 -7.78 8.52
CA ASP F 126 -18.04 -7.33 7.28
C ASP F 126 -16.90 -6.36 7.55
N LYS F 127 -16.14 -6.10 6.50
CA LYS F 127 -15.08 -5.11 6.58
C LYS F 127 -15.20 -4.05 5.50
N LYS F 128 -15.68 -4.42 4.32
CA LYS F 128 -15.88 -3.47 3.24
C LYS F 128 -16.87 -4.09 2.27
N SER F 129 -17.86 -3.32 1.85
CA SER F 129 -18.85 -3.82 0.92
C SER F 129 -19.34 -2.67 0.05
N PHE F 130 -20.01 -3.03 -1.03
CA PHE F 130 -20.54 -2.04 -1.96
C PHE F 130 -21.65 -2.67 -2.77
N VAL F 131 -22.30 -1.84 -3.57
CA VAL F 131 -23.37 -2.26 -4.48
C VAL F 131 -22.88 -2.02 -5.89
N HIS F 132 -23.07 -3.01 -6.76
CA HIS F 132 -22.61 -2.89 -8.14
C HIS F 132 -23.42 -1.85 -8.89
N GLY F 133 -22.70 -0.94 -9.55
CA GLY F 133 -23.30 0.18 -10.24
C GLY F 133 -22.88 0.25 -11.70
N VAL F 134 -22.90 -0.90 -12.39
CA VAL F 134 -22.22 -1.02 -13.69
C VAL F 134 -22.84 -0.12 -14.74
N THR F 135 -24.11 -0.35 -15.06
CA THR F 135 -24.84 0.59 -15.88
C THR F 135 -25.83 1.40 -15.09
N VAL F 136 -26.60 0.74 -14.22
CA VAL F 136 -27.34 1.39 -13.17
C VAL F 136 -26.97 0.73 -11.87
N LYS F 137 -27.56 1.23 -10.79
CA LYS F 137 -27.45 0.55 -9.51
C LYS F 137 -28.38 -0.65 -9.53
N ASN F 138 -27.83 -1.84 -9.26
CA ASN F 138 -28.58 -3.08 -9.43
C ASN F 138 -29.55 -3.26 -8.28
N ARG F 139 -30.72 -2.66 -8.41
CA ARG F 139 -31.78 -2.93 -7.46
C ARG F 139 -33.11 -2.93 -8.20
N MET F 140 -34.05 -3.70 -7.66
CA MET F 140 -35.30 -4.02 -8.34
C MET F 140 -36.47 -3.67 -7.43
N ILE F 141 -37.48 -3.04 -8.01
CA ILE F 141 -38.74 -2.74 -7.33
C ILE F 141 -39.84 -3.49 -8.06
N ARG F 142 -40.63 -4.24 -7.32
CA ARG F 142 -41.74 -4.98 -7.88
C ARG F 142 -42.95 -4.82 -6.97
N LEU F 143 -44.12 -4.58 -7.56
CA LEU F 143 -45.30 -4.29 -6.77
C LEU F 143 -46.39 -5.34 -7.02
N HIS F 144 -47.41 -5.27 -6.18
CA HIS F 144 -48.52 -6.20 -6.12
C HIS F 144 -49.71 -5.43 -5.58
N PRO F 145 -50.95 -5.79 -5.94
CA PRO F 145 -52.08 -4.94 -5.57
C PRO F 145 -52.38 -4.95 -4.08
N ASP F 146 -52.00 -6.00 -3.36
CA ASP F 146 -52.23 -5.98 -1.92
C ASP F 146 -51.25 -5.07 -1.21
N GLY F 147 -50.02 -4.99 -1.70
CA GLY F 147 -49.00 -4.20 -1.05
C GLY F 147 -47.71 -4.94 -0.84
N THR F 148 -47.62 -6.14 -1.40
CA THR F 148 -46.40 -6.92 -1.29
C THR F 148 -45.31 -6.32 -2.16
N VAL F 149 -44.20 -5.95 -1.54
CA VAL F 149 -43.11 -5.24 -2.21
C VAL F 149 -41.88 -6.12 -2.20
N LEU F 150 -41.29 -6.33 -3.38
CA LEU F 150 -40.07 -7.10 -3.53
C LEU F 150 -38.92 -6.16 -3.84
N TYR F 151 -37.81 -6.34 -3.14
CA TYR F 151 -36.67 -5.43 -3.22
C TYR F 151 -35.39 -6.24 -3.37
N GLY F 152 -34.82 -6.24 -4.57
CA GLY F 152 -33.63 -7.00 -4.85
C GLY F 152 -32.38 -6.14 -4.81
N LEU F 153 -31.25 -6.78 -4.57
CA LEU F 153 -29.94 -6.12 -4.59
C LEU F 153 -28.92 -7.08 -5.17
N ARG F 154 -27.67 -6.62 -5.22
CA ARG F 154 -26.56 -7.45 -5.67
C ARG F 154 -25.30 -6.89 -5.02
N ILE F 155 -24.84 -7.54 -3.95
CA ILE F 155 -23.84 -6.98 -3.05
C ILE F 155 -22.63 -7.91 -3.03
N THR F 156 -21.44 -7.33 -3.18
CA THR F 156 -20.20 -8.04 -2.93
C THR F 156 -19.69 -7.66 -1.56
N THR F 157 -19.43 -8.66 -0.72
CA THR F 157 -19.15 -8.44 0.69
C THR F 157 -17.84 -9.10 1.08
N THR F 158 -16.96 -8.33 1.70
CA THR F 158 -15.75 -8.86 2.31
C THR F 158 -16.03 -9.00 3.80
N ALA F 159 -16.40 -10.20 4.22
CA ALA F 159 -16.78 -10.46 5.60
C ALA F 159 -15.67 -11.21 6.32
N ALA F 160 -15.41 -10.82 7.57
CA ALA F 160 -14.35 -11.41 8.36
C ALA F 160 -14.88 -12.53 9.22
N CYS F 161 -14.08 -13.58 9.38
CA CYS F 161 -14.40 -14.69 10.25
C CYS F 161 -13.14 -15.15 10.97
N MET F 162 -13.28 -15.49 12.24
CA MET F 162 -12.14 -15.92 13.01
C MET F 162 -11.80 -17.36 12.69
N MET F 163 -10.51 -17.66 12.69
CA MET F 163 -10.04 -18.99 12.35
C MET F 163 -9.27 -19.59 13.50
N ASP F 164 -9.39 -20.90 13.64
CA ASP F 164 -8.60 -21.67 14.58
C ASP F 164 -7.60 -22.50 13.77
N LEU F 165 -6.32 -22.32 14.07
CA LEU F 165 -5.27 -23.00 13.32
C LEU F 165 -4.45 -23.91 14.21
N ARG F 166 -5.09 -24.47 15.24
CA ARG F 166 -4.44 -25.51 16.03
C ARG F 166 -4.22 -26.74 15.18
N ARG F 167 -5.26 -27.20 14.48
CA ARG F 167 -5.17 -28.38 13.63
C ARG F 167 -4.84 -28.02 12.19
N TYR F 168 -4.06 -26.97 11.97
CA TYR F 168 -3.66 -26.63 10.61
C TYR F 168 -2.73 -27.69 10.06
N PRO F 169 -2.97 -28.20 8.85
CA PRO F 169 -4.04 -27.81 7.95
C PRO F 169 -5.17 -28.82 7.91
N LEU F 170 -5.27 -29.68 8.92
CA LEU F 170 -6.32 -30.70 8.94
C LEU F 170 -7.51 -30.19 9.75
N ASP F 171 -8.03 -29.05 9.29
CA ASP F 171 -8.94 -28.23 10.07
C ASP F 171 -10.32 -28.19 9.46
N GLU F 172 -11.28 -27.72 10.25
CA GLU F 172 -12.61 -27.41 9.78
C GLU F 172 -12.93 -25.99 10.22
N GLN F 173 -13.26 -25.13 9.27
CA GLN F 173 -13.57 -23.75 9.57
C GLN F 173 -15.07 -23.51 9.47
N ASN F 174 -15.58 -22.70 10.39
CA ASN F 174 -16.99 -22.32 10.45
C ASN F 174 -17.01 -20.80 10.31
N CYS F 175 -17.02 -20.31 9.09
CA CYS F 175 -17.17 -18.88 8.83
C CYS F 175 -18.63 -18.57 8.55
N THR F 176 -19.12 -17.49 9.15
CA THR F 176 -20.53 -17.21 9.24
C THR F 176 -20.86 -15.91 8.51
N LEU F 177 -22.12 -15.50 8.62
CA LEU F 177 -22.60 -14.25 8.06
C LEU F 177 -23.86 -13.86 8.81
N GLU F 178 -23.88 -12.67 9.39
CA GLU F 178 -25.02 -12.25 10.20
C GLU F 178 -25.63 -10.96 9.67
N ILE F 179 -26.95 -10.89 9.81
CA ILE F 179 -27.76 -9.83 9.22
C ILE F 179 -28.59 -9.21 10.32
N GLU F 180 -28.55 -7.88 10.43
CA GLU F 180 -29.30 -7.18 11.44
C GLU F 180 -30.03 -5.99 10.86
N SER F 181 -31.06 -5.55 11.58
CA SER F 181 -31.55 -4.20 11.44
C SER F 181 -30.66 -3.27 12.26
N TYR F 182 -30.79 -1.98 12.01
CA TYR F 182 -29.92 -1.02 12.67
C TYR F 182 -30.66 -0.09 13.61
N GLY F 183 -31.72 0.56 13.14
CA GLY F 183 -32.40 1.53 13.96
C GLY F 183 -33.58 0.99 14.71
N TYR F 184 -34.28 0.04 14.11
CA TYR F 184 -35.55 -0.43 14.65
C TYR F 184 -35.32 -1.56 15.64
N THR F 185 -36.11 -1.56 16.70
CA THR F 185 -36.03 -2.62 17.69
C THR F 185 -36.96 -3.76 17.27
N THR F 186 -37.08 -4.76 18.13
CA THR F 186 -37.94 -5.89 17.84
C THR F 186 -39.41 -5.56 18.00
N ASP F 187 -39.76 -4.37 18.46
CA ASP F 187 -41.15 -3.96 18.52
C ASP F 187 -41.66 -3.41 17.21
N ASP F 188 -40.81 -3.34 16.18
CA ASP F 188 -41.22 -2.71 14.94
C ASP F 188 -40.98 -3.61 13.74
N ILE F 189 -39.97 -4.49 13.83
CA ILE F 189 -39.49 -5.21 12.66
C ILE F 189 -39.26 -6.66 13.04
N GLU F 190 -39.52 -7.58 12.11
CA GLU F 190 -39.51 -9.02 12.38
C GLU F 190 -38.89 -9.75 11.19
N PHE F 191 -37.63 -10.15 11.32
CA PHE F 191 -36.97 -10.93 10.30
C PHE F 191 -37.43 -12.38 10.35
N TYR F 192 -37.52 -13.02 9.19
CA TYR F 192 -37.76 -14.45 9.12
C TYR F 192 -37.29 -14.98 7.78
N TRP F 193 -36.81 -16.22 7.78
CA TRP F 193 -36.46 -16.89 6.54
C TRP F 193 -37.71 -17.44 5.88
N ARG F 194 -37.64 -17.62 4.56
CA ARG F 194 -38.78 -18.11 3.79
C ARG F 194 -38.73 -19.63 3.62
N GLY F 195 -38.58 -20.33 4.74
CA GLY F 195 -38.51 -21.78 4.69
C GLY F 195 -37.08 -22.29 4.73
N GLY F 196 -36.82 -23.20 5.67
CA GLY F 196 -35.45 -23.67 5.89
C GLY F 196 -34.91 -24.49 4.74
N ASP F 197 -35.79 -25.15 3.99
CA ASP F 197 -35.41 -25.83 2.76
C ASP F 197 -35.46 -24.89 1.57
N LYS F 198 -35.34 -23.59 1.81
CA LYS F 198 -35.48 -22.60 0.78
C LYS F 198 -34.55 -21.45 1.18
N ALA F 199 -34.61 -20.36 0.44
CA ALA F 199 -34.06 -19.03 0.77
C ALA F 199 -32.55 -18.96 0.80
N VAL F 200 -31.87 -20.09 0.62
CA VAL F 200 -30.44 -20.12 0.37
C VAL F 200 -30.24 -21.09 -0.79
N THR F 201 -29.96 -20.56 -1.96
CA THR F 201 -29.73 -21.38 -3.14
C THR F 201 -28.35 -21.05 -3.70
N GLY F 202 -28.05 -21.61 -4.87
CA GLY F 202 -26.76 -21.39 -5.48
C GLY F 202 -25.62 -22.04 -4.72
N VAL F 203 -25.92 -23.15 -4.05
CA VAL F 203 -24.92 -23.81 -3.20
C VAL F 203 -23.84 -24.45 -4.05
N GLU F 204 -24.25 -25.26 -5.02
CA GLU F 204 -23.31 -26.04 -5.80
C GLU F 204 -22.55 -25.21 -6.81
N ARG F 205 -22.91 -23.94 -6.98
CA ARG F 205 -22.10 -23.03 -7.78
C ARG F 205 -20.79 -22.68 -7.11
N ILE F 206 -20.69 -22.88 -5.78
CA ILE F 206 -19.51 -22.48 -5.04
C ILE F 206 -18.35 -23.39 -5.41
N GLU F 207 -17.28 -22.80 -5.91
CA GLU F 207 -16.09 -23.55 -6.27
C GLU F 207 -14.90 -22.88 -5.59
N LEU F 208 -14.62 -23.32 -4.38
CA LEU F 208 -13.31 -22.89 -3.95
C LEU F 208 -12.25 -23.88 -4.41
N PRO F 209 -11.08 -23.40 -4.78
CA PRO F 209 -9.99 -24.33 -5.08
C PRO F 209 -9.52 -25.05 -3.83
N GLN F 210 -9.30 -24.29 -2.76
CA GLN F 210 -8.62 -24.82 -1.60
C GLN F 210 -9.57 -25.58 -0.68
N PHE F 211 -10.81 -25.16 -0.58
CA PHE F 211 -11.71 -25.68 0.45
C PHE F 211 -12.79 -26.57 -0.16
N SER F 212 -13.74 -26.96 0.67
CA SER F 212 -14.91 -27.69 0.23
C SER F 212 -16.06 -27.39 1.18
N ILE F 213 -17.28 -27.45 0.64
CA ILE F 213 -18.49 -27.05 1.36
C ILE F 213 -19.15 -28.28 1.94
N VAL F 214 -19.65 -28.17 3.17
CA VAL F 214 -20.24 -29.32 3.83
C VAL F 214 -21.72 -29.13 4.10
N GLU F 215 -22.08 -28.10 4.87
CA GLU F 215 -23.37 -28.09 5.55
C GLU F 215 -23.89 -26.66 5.63
N HIS F 216 -25.21 -26.52 5.72
CA HIS F 216 -25.86 -25.23 5.92
C HIS F 216 -26.71 -25.23 7.17
N ARG F 217 -26.73 -24.09 7.86
CA ARG F 217 -27.61 -23.89 9.00
C ARG F 217 -28.18 -22.48 8.94
N LEU F 218 -29.39 -22.33 9.47
CA LEU F 218 -30.12 -21.07 9.45
C LEU F 218 -30.57 -20.73 10.86
N VAL F 219 -30.30 -19.51 11.30
CA VAL F 219 -30.45 -19.11 12.69
C VAL F 219 -31.40 -17.92 12.75
N SER F 220 -32.28 -17.90 13.76
CA SER F 220 -33.09 -16.74 14.10
C SER F 220 -32.98 -16.49 15.60
N ARG F 221 -32.45 -15.34 15.98
CA ARG F 221 -32.23 -15.02 17.38
C ARG F 221 -33.02 -13.79 17.82
N ASN F 222 -32.73 -13.33 19.03
CA ASN F 222 -33.17 -12.03 19.56
C ASN F 222 -32.01 -11.48 20.36
N VAL F 223 -31.15 -10.73 19.70
CA VAL F 223 -29.94 -10.18 20.31
C VAL F 223 -30.29 -8.88 21.00
N VAL F 224 -29.82 -8.70 22.23
CA VAL F 224 -30.18 -7.54 23.02
C VAL F 224 -28.93 -6.70 23.25
N PHE F 225 -28.98 -5.45 22.82
CA PHE F 225 -27.94 -4.47 23.11
C PHE F 225 -28.38 -3.60 24.27
N ALA F 226 -27.59 -2.56 24.53
CA ALA F 226 -27.92 -1.63 25.61
C ALA F 226 -29.16 -0.82 25.30
N THR F 227 -29.45 -0.59 24.03
CA THR F 227 -30.67 0.13 23.67
C THR F 227 -31.89 -0.78 23.79
N GLY F 228 -31.92 -1.85 23.01
CA GLY F 228 -33.06 -2.73 23.07
C GLY F 228 -32.81 -3.99 22.27
N ALA F 229 -33.78 -4.89 22.32
CA ALA F 229 -33.68 -6.18 21.67
C ALA F 229 -33.83 -6.04 20.16
N TYR F 230 -32.89 -6.59 19.42
CA TYR F 230 -32.88 -6.50 17.97
C TYR F 230 -32.99 -7.90 17.36
N PRO F 231 -33.61 -8.03 16.20
CA PRO F 231 -33.65 -9.33 15.52
C PRO F 231 -32.39 -9.59 14.72
N ARG F 232 -32.19 -10.86 14.40
CA ARG F 232 -31.01 -11.26 13.62
C ARG F 232 -31.29 -12.57 12.91
N LEU F 233 -30.96 -12.61 11.62
CA LEU F 233 -30.84 -13.87 10.90
C LEU F 233 -29.38 -14.09 10.56
N SER F 234 -28.93 -15.34 10.66
CA SER F 234 -27.53 -15.68 10.48
C SER F 234 -27.39 -16.82 9.50
N LEU F 235 -26.35 -16.73 8.67
CA LEU F 235 -25.99 -17.77 7.71
C LEU F 235 -24.64 -18.33 8.10
N SER F 236 -24.55 -19.65 8.15
CA SER F 236 -23.33 -20.31 8.59
C SER F 236 -23.11 -21.58 7.78
N PHE F 237 -21.84 -21.88 7.52
CA PHE F 237 -21.50 -23.06 6.75
C PHE F 237 -20.07 -23.46 7.05
N ARG F 238 -19.81 -24.77 6.98
CA ARG F 238 -18.50 -25.32 7.27
C ARG F 238 -17.55 -25.15 6.09
N LEU F 239 -16.26 -25.26 6.38
CA LEU F 239 -15.22 -25.26 5.37
C LEU F 239 -14.23 -26.36 5.71
N LYS F 240 -14.03 -27.29 4.79
CA LYS F 240 -13.13 -28.41 5.00
C LYS F 240 -11.94 -28.28 4.05
N ARG F 241 -10.75 -28.50 4.58
CA ARG F 241 -9.54 -28.33 3.79
C ARG F 241 -9.36 -29.50 2.84
N ASN F 242 -9.02 -29.21 1.59
CA ASN F 242 -8.65 -30.25 0.65
C ASN F 242 -7.22 -30.67 0.98
N ILE F 243 -7.07 -31.88 1.51
CA ILE F 243 -5.80 -32.26 2.09
C ILE F 243 -4.76 -32.65 1.05
N GLY F 244 -5.18 -33.07 -0.14
CA GLY F 244 -4.25 -33.68 -1.07
C GLY F 244 -3.36 -32.74 -1.84
N TYR F 245 -2.84 -31.72 -1.20
CA TYR F 245 -1.87 -30.87 -1.86
C TYR F 245 -0.61 -30.63 -1.04
N PHE F 246 -0.73 -30.53 0.27
CA PHE F 246 0.40 -30.13 1.08
C PHE F 246 1.41 -31.25 1.29
N ILE F 247 1.04 -32.48 0.94
CA ILE F 247 2.02 -33.55 0.88
C ILE F 247 3.07 -33.23 -0.17
N LEU F 248 2.62 -32.75 -1.33
CA LEU F 248 3.51 -32.32 -2.39
C LEU F 248 4.36 -31.13 -1.99
N GLN F 249 3.87 -30.30 -1.08
CA GLN F 249 4.58 -29.11 -0.68
C GLN F 249 5.46 -29.34 0.53
N THR F 250 4.90 -29.85 1.60
CA THR F 250 5.58 -29.87 2.88
C THR F 250 6.13 -31.23 3.23
N TYR F 251 5.39 -32.29 2.92
CA TYR F 251 5.68 -33.58 3.54
C TYR F 251 6.74 -34.34 2.76
N MET F 252 6.54 -34.49 1.45
CA MET F 252 7.51 -35.17 0.61
C MET F 252 8.94 -34.61 0.63
N PRO F 253 9.19 -33.32 0.87
CA PRO F 253 10.56 -32.96 1.27
C PRO F 253 10.97 -33.59 2.57
N SER F 254 10.17 -33.45 3.62
CA SER F 254 10.56 -33.93 4.94
C SER F 254 10.51 -35.44 5.04
N ILE F 255 9.86 -36.12 4.09
CA ILE F 255 9.98 -37.57 4.04
C ILE F 255 11.38 -37.96 3.57
N LEU F 256 11.85 -37.34 2.49
CA LEU F 256 13.05 -37.82 1.82
C LEU F 256 14.32 -37.46 2.58
N ILE F 257 14.31 -36.34 3.29
CA ILE F 257 15.52 -35.91 3.99
C ILE F 257 15.79 -36.84 5.17
N THR F 258 14.75 -37.48 5.70
CA THR F 258 14.95 -38.54 6.69
C THR F 258 15.68 -39.72 6.08
N ILE F 259 15.36 -40.04 4.82
CA ILE F 259 16.03 -41.14 4.16
C ILE F 259 17.45 -40.74 3.74
N LEU F 260 17.62 -39.49 3.29
CA LEU F 260 18.96 -39.01 2.99
C LEU F 260 19.81 -38.81 4.24
N SER F 261 19.18 -38.76 5.41
CA SER F 261 19.93 -38.82 6.64
C SER F 261 20.30 -40.24 7.02
N TRP F 262 19.91 -41.23 6.24
CA TRP F 262 20.20 -42.62 6.52
C TRP F 262 21.27 -43.18 5.58
N VAL F 263 21.84 -42.33 4.73
CA VAL F 263 22.84 -42.79 3.78
C VAL F 263 24.13 -43.15 4.50
N SER F 264 24.43 -42.46 5.59
CA SER F 264 25.72 -42.58 6.27
C SER F 264 25.92 -43.93 6.93
N PHE F 265 24.82 -44.62 7.29
CA PHE F 265 24.95 -45.88 7.98
C PHE F 265 25.51 -46.95 7.05
N TRP F 266 25.16 -46.89 5.78
CA TRP F 266 25.74 -47.77 4.79
C TRP F 266 27.05 -47.24 4.25
N ILE F 267 27.42 -46.03 4.61
CA ILE F 267 28.71 -45.46 4.24
C ILE F 267 29.77 -45.98 5.21
N ASN F 268 30.80 -46.63 4.67
CA ASN F 268 31.94 -47.01 5.48
C ASN F 268 32.78 -45.77 5.79
N TYR F 269 33.37 -45.74 7.00
CA TYR F 269 33.94 -44.51 7.58
C TYR F 269 35.21 -44.03 6.89
N ASP F 270 35.62 -44.59 5.74
CA ASP F 270 36.78 -44.07 5.03
C ASP F 270 36.53 -42.66 4.51
N ALA F 271 35.28 -42.33 4.21
CA ALA F 271 34.90 -40.96 3.90
C ALA F 271 34.45 -40.21 5.16
N SER F 272 35.28 -40.26 6.20
CA SER F 272 34.98 -39.56 7.44
C SER F 272 35.07 -38.05 7.28
N ALA F 273 35.80 -37.58 6.27
CA ALA F 273 35.76 -36.17 5.92
C ALA F 273 34.58 -35.83 5.04
N ALA F 274 33.90 -36.83 4.49
CA ALA F 274 32.78 -36.61 3.59
C ALA F 274 31.44 -37.05 4.16
N ARG F 275 31.44 -37.78 5.27
CA ARG F 275 30.19 -38.10 5.95
C ARG F 275 29.52 -36.85 6.48
N VAL F 276 30.31 -35.94 7.03
CA VAL F 276 29.79 -34.72 7.65
C VAL F 276 29.18 -33.80 6.61
N ALA F 277 29.65 -33.91 5.35
CA ALA F 277 29.08 -33.14 4.25
C ALA F 277 27.62 -33.50 4.01
N LEU F 278 27.23 -34.75 4.26
CA LEU F 278 25.81 -35.05 4.34
C LEU F 278 25.20 -34.43 5.59
N GLY F 279 25.88 -34.60 6.74
CA GLY F 279 25.28 -34.23 8.01
C GLY F 279 25.14 -32.73 8.20
N ILE F 280 25.97 -31.95 7.53
CA ILE F 280 25.77 -30.50 7.56
C ILE F 280 24.59 -30.12 6.67
N THR F 281 24.47 -30.79 5.52
CA THR F 281 23.52 -30.37 4.50
C THR F 281 22.08 -30.60 4.94
N THR F 282 21.81 -31.76 5.55
CA THR F 282 20.45 -32.09 5.94
C THR F 282 19.95 -31.20 7.06
N VAL F 283 20.82 -30.90 8.03
CA VAL F 283 20.46 -29.95 9.08
C VAL F 283 20.26 -28.56 8.48
N LEU F 284 21.08 -28.21 7.48
CA LEU F 284 20.89 -26.96 6.78
C LEU F 284 19.61 -26.98 5.95
N THR F 285 19.25 -28.14 5.40
CA THR F 285 18.08 -28.24 4.54
C THR F 285 16.80 -28.02 5.33
N MET F 286 16.76 -28.56 6.55
CA MET F 286 15.61 -28.35 7.43
C MET F 286 15.47 -26.89 7.81
N THR F 287 16.59 -26.16 7.89
CA THR F 287 16.53 -24.75 8.18
C THR F 287 15.90 -23.99 7.02
N THR F 288 16.20 -24.41 5.79
CA THR F 288 15.56 -23.81 4.62
C THR F 288 14.06 -24.10 4.61
N ILE F 289 13.69 -25.33 4.94
CA ILE F 289 12.29 -25.70 5.07
C ILE F 289 11.65 -24.94 6.21
N ASN F 290 12.42 -24.66 7.27
CA ASN F 290 11.90 -23.86 8.35
C ASN F 290 11.66 -22.41 7.95
N THR F 291 12.32 -21.95 6.89
CA THR F 291 12.27 -20.55 6.51
C THR F 291 11.68 -20.31 5.13
N HIS F 292 12.15 -21.01 4.11
CA HIS F 292 11.68 -20.72 2.76
C HIS F 292 10.26 -21.24 2.56
N LEU F 293 9.94 -22.37 3.19
CA LEU F 293 8.56 -22.84 3.16
C LEU F 293 7.67 -21.99 4.05
N ARG F 294 8.28 -21.35 5.07
CA ARG F 294 7.55 -20.44 5.93
C ARG F 294 7.04 -19.20 5.18
N GLU F 295 7.68 -18.86 4.07
CA GLU F 295 7.26 -17.72 3.25
C GLU F 295 5.87 -17.92 2.64
N THR F 296 5.42 -19.17 2.49
CA THR F 296 4.11 -19.48 1.95
C THR F 296 3.10 -19.78 3.05
N LEU F 297 3.29 -19.22 4.22
CA LEU F 297 2.52 -19.60 5.40
C LEU F 297 1.94 -18.37 6.08
N PRO F 298 0.84 -18.52 6.82
CA PRO F 298 0.34 -17.41 7.63
C PRO F 298 1.16 -17.15 8.86
N LYS F 299 0.70 -16.24 9.72
CA LYS F 299 1.45 -15.84 10.91
C LYS F 299 0.52 -15.82 12.12
N ILE F 300 0.63 -16.84 12.95
CA ILE F 300 -0.06 -16.87 14.24
C ILE F 300 0.99 -17.09 15.32
N PRO F 301 0.70 -16.70 16.55
CA PRO F 301 1.66 -16.96 17.63
C PRO F 301 1.62 -18.37 18.15
N TYR F 302 0.45 -18.98 18.22
CA TYR F 302 0.41 -20.31 18.81
C TYR F 302 0.87 -21.35 17.79
N VAL F 303 1.18 -22.54 18.29
CA VAL F 303 1.95 -23.51 17.53
C VAL F 303 1.04 -24.31 16.62
N LYS F 304 1.33 -24.28 15.32
CA LYS F 304 0.57 -25.07 14.37
C LYS F 304 0.93 -26.54 14.47
N ALA F 305 0.06 -27.38 13.89
CA ALA F 305 0.28 -28.81 13.93
C ALA F 305 1.40 -29.25 13.02
N ILE F 306 1.67 -28.49 11.96
CA ILE F 306 2.80 -28.81 11.11
C ILE F 306 4.10 -28.38 11.77
N ASP F 307 4.02 -27.49 12.76
CA ASP F 307 5.23 -27.04 13.42
C ASP F 307 5.78 -28.11 14.35
N MET F 308 4.90 -28.85 15.02
CA MET F 308 5.33 -30.03 15.76
C MET F 308 5.88 -31.09 14.82
N TYR F 309 5.33 -31.18 13.62
CA TYR F 309 5.84 -32.12 12.64
C TYR F 309 7.22 -31.71 12.15
N LEU F 310 7.39 -30.43 11.83
CA LEU F 310 8.71 -29.97 11.43
C LEU F 310 9.68 -29.90 12.59
N MET F 311 9.16 -29.83 13.82
CA MET F 311 10.05 -30.03 14.95
C MET F 311 10.53 -31.46 15.02
N GLY F 312 9.67 -32.42 14.65
CA GLY F 312 10.04 -33.82 14.79
C GLY F 312 11.09 -34.26 13.80
N CYS F 313 10.92 -33.90 12.53
CA CYS F 313 11.90 -34.27 11.53
C CYS F 313 13.20 -33.49 11.68
N PHE F 314 13.16 -32.34 12.33
CA PHE F 314 14.39 -31.62 12.59
C PHE F 314 15.22 -32.31 13.66
N VAL F 315 14.57 -32.97 14.61
CA VAL F 315 15.30 -33.61 15.70
C VAL F 315 16.06 -34.83 15.20
N PHE F 316 15.48 -35.58 14.25
CA PHE F 316 16.11 -36.82 13.81
C PHE F 316 17.37 -36.55 13.00
N VAL F 317 17.34 -35.55 12.13
CA VAL F 317 18.56 -35.21 11.41
C VAL F 317 19.54 -34.47 12.32
N PHE F 318 19.06 -33.91 13.42
CA PHE F 318 19.98 -33.40 14.43
C PHE F 318 20.63 -34.54 15.19
N LEU F 319 19.92 -35.64 15.39
CA LEU F 319 20.52 -36.77 16.07
C LEU F 319 21.31 -37.66 15.12
N ALA F 320 20.96 -37.65 13.83
CA ALA F 320 21.74 -38.41 12.87
C ALA F 320 23.12 -37.83 12.68
N LEU F 321 23.27 -36.52 12.83
CA LEU F 321 24.61 -35.96 12.85
C LEU F 321 25.30 -36.26 14.17
N LEU F 322 24.53 -36.47 15.24
CA LEU F 322 25.12 -36.91 16.51
C LEU F 322 25.40 -38.40 16.54
N GLU F 323 25.18 -39.13 15.45
CA GLU F 323 25.76 -40.45 15.32
C GLU F 323 27.28 -40.34 15.20
N TYR F 324 27.75 -39.62 14.18
CA TYR F 324 29.17 -39.49 13.92
C TYR F 324 29.91 -38.73 15.02
N ALA F 325 29.20 -37.92 15.79
CA ALA F 325 29.83 -37.19 16.88
C ALA F 325 30.29 -38.13 18.00
N PHE F 326 29.50 -39.16 18.29
CA PHE F 326 29.99 -40.16 19.22
C PHE F 326 30.88 -41.19 18.56
N VAL F 327 30.93 -41.24 17.23
CA VAL F 327 31.89 -42.11 16.56
C VAL F 327 33.30 -41.62 16.82
N ASN F 328 33.57 -40.36 16.50
CA ASN F 328 34.93 -39.87 16.45
C ASN F 328 35.55 -39.66 17.83
N TYR F 329 34.80 -39.81 18.91
CA TYR F 329 35.41 -39.68 20.22
C TYR F 329 35.86 -41.01 20.79
N ILE F 330 35.18 -42.11 20.45
CA ILE F 330 35.55 -43.42 20.98
C ILE F 330 35.93 -44.40 19.87
N PHE F 331 36.13 -43.91 18.64
CA PHE F 331 36.71 -44.78 17.62
C PHE F 331 38.16 -45.10 17.94
N PHE F 332 38.87 -44.13 18.51
CA PHE F 332 40.26 -44.33 18.90
C PHE F 332 40.38 -45.28 20.08
N SER F 333 39.35 -45.33 20.94
CA SER F 333 39.33 -46.31 22.02
C SER F 333 39.23 -47.71 21.46
N GLN F 334 38.19 -47.97 20.66
CA GLN F 334 38.08 -49.23 19.94
C GLN F 334 37.23 -49.01 18.70
N PRO F 335 37.54 -49.67 17.59
CA PRO F 335 36.60 -49.73 16.47
C PRO F 335 35.55 -50.80 16.65
N ALA F 336 35.71 -51.70 17.63
CA ALA F 336 34.74 -52.75 17.87
C ALA F 336 33.42 -52.20 18.37
N ARG F 337 33.46 -51.14 19.16
CA ARG F 337 32.24 -50.40 19.48
C ARG F 337 31.69 -49.72 18.24
N ALA F 338 32.57 -49.11 17.43
CA ALA F 338 32.14 -48.44 16.21
C ALA F 338 31.72 -49.43 15.14
N ALA F 339 32.11 -50.70 15.26
CA ALA F 339 31.61 -51.71 14.34
C ALA F 339 30.17 -52.11 14.64
N ALA F 340 29.69 -51.84 15.85
CA ALA F 340 28.36 -52.26 16.25
C ALA F 340 27.33 -51.13 16.21
N ILE F 341 27.76 -49.89 15.95
CA ILE F 341 26.85 -48.76 15.98
C ILE F 341 25.84 -48.82 14.85
N ASP F 342 26.29 -49.17 13.65
CA ASP F 342 25.33 -49.34 12.57
C ASP F 342 24.49 -50.59 12.70
N ARG F 343 24.85 -51.51 13.60
CA ARG F 343 23.88 -52.50 14.04
C ARG F 343 22.87 -51.87 14.98
N TRP F 344 23.31 -50.97 15.86
CA TRP F 344 22.36 -50.21 16.67
C TRP F 344 21.57 -49.21 15.82
N SER F 345 22.17 -48.69 14.74
CA SER F 345 21.62 -47.50 14.08
C SER F 345 20.39 -47.83 13.26
N ARG F 346 20.55 -48.66 12.24
CA ARG F 346 19.49 -48.91 11.28
C ARG F 346 18.40 -49.86 11.80
N ILE F 347 18.37 -50.13 13.09
CA ILE F 347 17.26 -50.82 13.73
C ILE F 347 16.47 -49.91 14.64
N VAL F 348 16.82 -48.63 14.72
CA VAL F 348 16.14 -47.66 15.56
C VAL F 348 15.46 -46.57 14.74
N PHE F 349 16.22 -45.92 13.86
CA PHE F 349 15.65 -44.85 13.04
C PHE F 349 14.54 -45.32 12.09
N PRO F 350 14.58 -46.50 11.46
CA PRO F 350 13.39 -46.92 10.71
C PRO F 350 12.28 -47.51 11.56
N PHE F 351 12.30 -47.32 12.85
CA PHE F 351 11.10 -47.64 13.61
C PHE F 351 10.61 -46.49 14.47
N THR F 352 11.52 -45.72 15.06
CA THR F 352 11.09 -44.55 15.82
C THR F 352 10.50 -43.48 14.92
N PHE F 353 11.01 -43.35 13.70
CA PHE F 353 10.41 -42.44 12.74
C PHE F 353 9.11 -43.00 12.20
N SER F 354 9.01 -44.31 12.07
CA SER F 354 7.76 -44.89 11.59
C SER F 354 6.68 -44.83 12.66
N LEU F 355 7.06 -45.03 13.92
CA LEU F 355 6.10 -44.84 14.99
C LEU F 355 5.76 -43.37 15.20
N PHE F 356 6.68 -42.48 14.81
CA PHE F 356 6.39 -41.05 14.84
C PHE F 356 5.31 -40.69 13.84
N ASN F 357 5.19 -41.45 12.76
CA ASN F 357 4.10 -41.23 11.82
C ASN F 357 2.76 -41.64 12.42
N LEU F 358 2.74 -42.79 13.09
CA LEU F 358 1.46 -43.28 13.60
C LEU F 358 0.97 -42.51 14.82
N VAL F 359 1.86 -41.84 15.54
CA VAL F 359 1.41 -40.86 16.51
C VAL F 359 0.80 -39.66 15.79
N TYR F 360 1.44 -39.23 14.71
CA TYR F 360 1.06 -38.00 14.03
C TYR F 360 -0.24 -38.18 13.25
N TRP F 361 -0.31 -39.20 12.41
CA TRP F 361 -1.41 -39.35 11.48
C TRP F 361 -2.62 -40.02 12.09
N LEU F 362 -2.67 -40.20 13.41
CA LEU F 362 -3.84 -40.79 14.02
C LEU F 362 -4.39 -39.90 15.12
N TYR F 363 -3.53 -39.08 15.71
CA TYR F 363 -3.99 -38.12 16.71
C TYR F 363 -4.86 -37.03 16.11
N TYR F 364 -4.75 -36.82 14.80
CA TYR F 364 -5.52 -35.79 14.12
C TYR F 364 -6.77 -36.36 13.47
N VAL F 365 -6.62 -37.36 12.60
CA VAL F 365 -7.77 -37.96 11.96
C VAL F 365 -8.38 -39.01 12.87
N ASN G 33 -31.06 36.62 21.57
CA ASN G 33 -32.34 36.18 21.03
C ASN G 33 -32.11 35.34 19.78
N MET G 34 -33.03 34.41 19.56
CA MET G 34 -33.02 33.61 18.34
C MET G 34 -33.64 34.36 17.17
N SER G 35 -34.49 35.34 17.46
CA SER G 35 -35.34 35.92 16.42
C SER G 35 -34.55 36.80 15.46
N PHE G 36 -33.58 37.55 15.98
CA PHE G 36 -32.85 38.51 15.15
C PHE G 36 -32.00 37.81 14.10
N VAL G 37 -31.42 36.67 14.48
CA VAL G 37 -30.29 36.17 13.73
C VAL G 37 -30.73 35.50 12.44
N LYS G 38 -31.89 34.83 12.46
CA LYS G 38 -32.33 34.08 11.29
C LYS G 38 -32.71 35.00 10.15
N GLU G 39 -33.42 36.08 10.44
CA GLU G 39 -33.72 37.04 9.39
C GLU G 39 -32.50 37.87 9.03
N THR G 40 -31.50 37.93 9.90
CA THR G 40 -30.28 38.68 9.57
C THR G 40 -29.47 37.95 8.51
N VAL G 41 -29.35 36.63 8.64
CA VAL G 41 -28.61 35.84 7.67
C VAL G 41 -29.34 35.84 6.33
N ASP G 42 -30.67 35.81 6.37
CA ASP G 42 -31.44 35.80 5.14
C ASP G 42 -31.35 37.12 4.39
N LYS G 43 -31.20 38.23 5.11
CA LYS G 43 -30.90 39.48 4.43
C LYS G 43 -29.50 39.44 3.82
N LEU G 44 -28.59 38.71 4.42
CA LEU G 44 -27.25 38.61 3.87
C LEU G 44 -27.17 37.68 2.68
N LEU G 45 -28.20 36.88 2.42
CA LEU G 45 -28.14 35.95 1.30
C LEU G 45 -29.22 36.16 0.27
N LYS G 46 -30.22 36.99 0.56
CA LYS G 46 -31.20 37.32 -0.47
C LYS G 46 -30.56 38.22 -1.50
N GLY G 47 -30.46 37.73 -2.73
CA GLY G 47 -29.79 38.47 -3.77
C GLY G 47 -28.29 38.40 -3.74
N TYR G 48 -27.71 37.62 -2.83
CA TYR G 48 -26.26 37.42 -2.83
C TYR G 48 -25.88 36.55 -4.02
N ASP G 49 -25.11 37.11 -4.93
CA ASP G 49 -24.61 36.31 -6.03
C ASP G 49 -23.44 35.46 -5.54
N ILE G 50 -23.35 34.25 -6.08
CA ILE G 50 -22.21 33.37 -5.78
C ILE G 50 -21.21 33.37 -6.93
N ARG G 51 -21.59 33.88 -8.09
CA ARG G 51 -20.72 33.72 -9.24
C ARG G 51 -19.59 34.73 -9.30
N LEU G 52 -19.57 35.75 -8.43
CA LEU G 52 -18.60 36.82 -8.57
C LEU G 52 -17.81 37.02 -7.28
N ARG G 53 -16.54 37.40 -7.45
CA ARG G 53 -15.65 37.72 -6.35
C ARG G 53 -15.95 39.12 -5.85
N PRO G 54 -15.69 39.43 -4.59
CA PRO G 54 -16.05 40.75 -4.09
C PRO G 54 -15.08 41.79 -4.60
N ASP G 55 -15.60 43.03 -4.69
CA ASP G 55 -14.92 44.19 -5.28
C ASP G 55 -14.49 43.89 -6.71
N PHE G 56 -15.47 43.58 -7.54
CA PHE G 56 -15.23 42.98 -8.86
C PHE G 56 -14.60 43.97 -9.81
N GLY G 57 -15.18 45.16 -9.95
CA GLY G 57 -14.60 46.16 -10.81
C GLY G 57 -13.43 46.86 -10.19
N GLY G 58 -13.40 46.96 -8.86
CA GLY G 58 -12.45 47.80 -8.19
C GLY G 58 -11.12 47.14 -7.92
N PRO G 59 -10.57 47.38 -6.73
CA PRO G 59 -9.24 46.90 -6.41
C PRO G 59 -9.24 45.39 -6.22
N PRO G 60 -8.09 44.74 -6.35
CA PRO G 60 -8.03 43.29 -6.14
C PRO G 60 -8.23 42.94 -4.67
N VAL G 61 -8.65 41.70 -4.45
CA VAL G 61 -8.86 41.24 -3.09
C VAL G 61 -7.51 40.92 -2.45
N CYS G 62 -7.47 40.97 -1.13
CA CYS G 62 -6.22 40.85 -0.37
C CYS G 62 -6.38 39.69 0.60
N VAL G 63 -6.07 38.48 0.15
CA VAL G 63 -6.31 37.25 0.91
C VAL G 63 -5.03 36.79 1.61
N GLY G 64 -5.13 36.58 2.92
CA GLY G 64 -4.03 36.06 3.71
C GLY G 64 -4.28 34.60 4.03
N MET G 65 -3.19 33.87 4.25
CA MET G 65 -3.29 32.45 4.57
C MET G 65 -2.52 32.11 5.82
N ASN G 66 -2.66 30.85 6.23
CA ASN G 66 -2.18 30.37 7.52
C ASN G 66 -2.19 28.85 7.51
N ILE G 67 -1.06 28.23 7.84
CA ILE G 67 -0.91 26.78 7.76
C ILE G 67 -0.42 26.27 9.11
N ASP G 68 -1.11 25.27 9.65
CA ASP G 68 -0.64 24.51 10.79
C ASP G 68 -0.50 23.06 10.38
N ILE G 69 0.67 22.48 10.64
CA ILE G 69 0.99 21.13 10.18
C ILE G 69 0.75 20.15 11.31
N ALA G 70 -0.03 19.10 11.02
CA ALA G 70 -0.22 18.05 12.01
C ALA G 70 0.98 17.11 12.03
N SER G 71 1.24 16.43 10.92
CA SER G 71 2.32 15.45 10.88
C SER G 71 2.67 15.17 9.43
N ILE G 72 3.86 14.61 9.23
CA ILE G 72 4.32 14.11 7.94
C ILE G 72 4.38 12.60 8.05
N ASP G 73 3.70 11.90 7.15
CA ASP G 73 3.55 10.47 7.31
C ASP G 73 4.79 9.71 6.88
N MET G 74 5.14 9.79 5.60
CA MET G 74 6.19 8.93 5.08
C MET G 74 6.80 9.58 3.86
N VAL G 75 8.03 9.17 3.56
CA VAL G 75 8.79 9.69 2.43
C VAL G 75 9.23 8.52 1.60
N SER G 76 8.76 8.45 0.36
CA SER G 76 9.09 7.37 -0.55
C SER G 76 10.14 7.85 -1.53
N GLU G 77 11.36 7.33 -1.40
CA GLU G 77 12.37 7.58 -2.43
C GLU G 77 12.06 6.83 -3.71
N VAL G 78 11.25 5.78 -3.63
CA VAL G 78 10.83 5.07 -4.83
C VAL G 78 9.95 5.96 -5.69
N ASN G 79 8.99 6.65 -5.08
CA ASN G 79 8.05 7.44 -5.83
C ASN G 79 8.38 8.93 -5.84
N MET G 80 9.40 9.34 -5.08
CA MET G 80 9.85 10.74 -4.96
C MET G 80 8.72 11.67 -4.53
N ASP G 81 8.21 11.40 -3.35
CA ASP G 81 7.06 12.14 -2.83
C ASP G 81 7.00 11.99 -1.32
N TYR G 82 6.07 12.71 -0.71
CA TYR G 82 5.87 12.62 0.72
C TYR G 82 4.43 12.95 1.02
N THR G 83 4.00 12.64 2.24
CA THR G 83 2.61 12.77 2.63
C THR G 83 2.50 13.47 3.96
N LEU G 84 1.81 14.60 4.00
CA LEU G 84 1.58 15.33 5.22
C LEU G 84 0.09 15.58 5.39
N THR G 85 -0.25 16.21 6.51
CA THR G 85 -1.62 16.59 6.83
C THR G 85 -1.58 17.93 7.54
N MET G 86 -2.32 18.90 7.03
CA MET G 86 -2.19 20.27 7.51
C MET G 86 -3.54 20.81 7.97
N TYR G 87 -3.48 21.96 8.62
CA TYR G 87 -4.63 22.81 8.87
C TYR G 87 -4.49 24.04 8.02
N PHE G 88 -5.44 24.27 7.13
CA PHE G 88 -5.32 25.30 6.12
C PHE G 88 -6.37 26.38 6.38
N GLN G 89 -5.92 27.62 6.53
CA GLN G 89 -6.79 28.72 6.92
C GLN G 89 -6.62 29.88 5.95
N GLN G 90 -7.66 30.71 5.85
CA GLN G 90 -7.66 31.84 4.93
C GLN G 90 -8.43 33.00 5.52
N TYR G 91 -8.02 34.21 5.19
CA TYR G 91 -8.80 35.43 5.43
C TYR G 91 -9.21 36.04 4.10
N TRP G 92 -10.32 36.77 4.12
CA TRP G 92 -10.57 37.84 3.16
C TRP G 92 -11.62 38.76 3.75
N ARG G 93 -12.03 39.77 2.97
CA ARG G 93 -12.91 40.81 3.49
C ARG G 93 -13.96 41.16 2.46
N ASP G 94 -15.17 40.67 2.64
CA ASP G 94 -16.28 40.98 1.76
C ASP G 94 -17.16 42.04 2.40
N LYS G 95 -17.41 43.11 1.65
CA LYS G 95 -18.36 44.11 2.10
C LYS G 95 -19.80 43.66 1.90
N ARG G 96 -20.04 42.63 1.11
CA ARG G 96 -21.39 42.13 0.94
C ARG G 96 -21.91 41.47 2.20
N LEU G 97 -21.03 41.05 3.09
CA LEU G 97 -21.44 40.39 4.32
C LEU G 97 -21.04 41.28 5.48
N ALA G 98 -21.97 42.08 5.98
CA ALA G 98 -21.65 42.97 7.10
C ALA G 98 -22.92 43.16 7.94
N TYR G 99 -23.04 42.35 8.97
CA TYR G 99 -24.11 42.57 9.94
C TYR G 99 -23.74 43.72 10.86
N SER G 100 -24.75 44.26 11.52
CA SER G 100 -24.51 45.43 12.37
C SER G 100 -25.10 45.26 13.76
N GLY G 101 -26.21 44.56 13.85
CA GLY G 101 -26.97 44.60 15.09
C GLY G 101 -26.52 43.69 16.19
N ILE G 102 -25.48 42.89 16.00
CA ILE G 102 -25.08 41.86 16.94
C ILE G 102 -23.64 42.15 17.36
N PRO G 103 -23.37 42.29 18.66
CA PRO G 103 -21.99 42.51 19.10
C PRO G 103 -21.13 41.27 19.04
N LEU G 104 -21.72 40.09 18.94
CA LEU G 104 -20.96 38.86 18.96
C LEU G 104 -20.26 38.64 17.63
N ASN G 105 -19.32 37.69 17.62
CA ASN G 105 -18.63 37.26 16.43
C ASN G 105 -19.07 35.85 16.09
N LEU G 106 -19.67 35.68 14.92
CA LEU G 106 -20.52 34.56 14.59
C LEU G 106 -19.73 33.29 14.31
N THR G 107 -20.47 32.20 14.14
CA THR G 107 -19.91 30.89 13.83
C THR G 107 -20.99 30.08 13.18
N LEU G 108 -20.77 29.63 11.95
CA LEU G 108 -21.81 28.96 11.20
C LEU G 108 -21.43 27.52 10.91
N ASP G 109 -22.40 26.78 10.38
CA ASP G 109 -22.21 25.40 10.00
C ASP G 109 -21.57 25.32 8.61
N ASN G 110 -20.90 24.21 8.33
CA ASN G 110 -20.16 24.06 7.09
C ASN G 110 -21.05 23.93 5.86
N ARG G 111 -22.35 23.72 6.00
CA ARG G 111 -23.16 23.67 4.80
C ARG G 111 -23.40 25.04 4.17
N VAL G 112 -23.08 26.13 4.86
CA VAL G 112 -23.23 27.45 4.26
C VAL G 112 -22.12 27.74 3.27
N ALA G 113 -21.07 26.92 3.25
CA ALA G 113 -19.96 27.10 2.33
C ALA G 113 -20.35 26.88 0.88
N ASP G 114 -21.40 26.12 0.63
CA ASP G 114 -21.89 25.97 -0.72
C ASP G 114 -22.73 27.15 -1.18
N GLN G 115 -22.94 28.14 -0.31
CA GLN G 115 -23.72 29.31 -0.66
C GLN G 115 -22.91 30.59 -0.50
N LEU G 116 -21.59 30.48 -0.49
CA LEU G 116 -20.70 31.62 -0.39
C LEU G 116 -19.63 31.54 -1.45
N TRP G 117 -18.82 32.58 -1.53
CA TRP G 117 -17.69 32.58 -2.44
C TRP G 117 -16.42 32.19 -1.70
N VAL G 118 -15.66 31.29 -2.30
CA VAL G 118 -14.33 30.98 -1.79
C VAL G 118 -13.35 31.23 -2.93
N PRO G 119 -12.10 31.55 -2.64
CA PRO G 119 -11.11 31.64 -3.71
C PRO G 119 -10.62 30.27 -4.10
N ASP G 120 -10.35 30.11 -5.38
CA ASP G 120 -9.77 28.88 -5.88
C ASP G 120 -8.33 28.74 -5.40
N THR G 121 -8.01 27.61 -4.81
CA THR G 121 -6.68 27.42 -4.25
C THR G 121 -6.30 25.98 -4.46
N TYR G 122 -5.15 25.73 -5.05
CA TYR G 122 -4.73 24.36 -5.26
C TYR G 122 -3.24 24.23 -5.00
N PHE G 123 -2.82 22.99 -4.89
CA PHE G 123 -1.43 22.69 -4.63
C PHE G 123 -0.78 22.24 -5.92
N LEU G 124 0.44 22.68 -6.14
CA LEU G 124 1.04 22.54 -7.47
C LEU G 124 1.78 21.22 -7.62
N ASN G 125 2.57 20.84 -6.63
CA ASN G 125 3.45 19.69 -6.72
C ASN G 125 2.84 18.44 -6.11
N ASP G 126 1.53 18.31 -6.14
CA ASP G 126 0.82 17.19 -5.53
C ASP G 126 0.56 16.09 -6.55
N LYS G 127 0.16 14.94 -6.02
CA LYS G 127 -0.23 13.82 -6.88
C LYS G 127 -1.63 13.33 -6.57
N LYS G 128 -2.03 13.36 -5.31
CA LYS G 128 -3.36 12.94 -4.90
C LYS G 128 -3.65 13.58 -3.56
N SER G 129 -4.84 14.17 -3.41
CA SER G 129 -5.20 14.79 -2.15
C SER G 129 -6.70 14.68 -1.98
N PHE G 130 -7.15 14.93 -0.75
CA PHE G 130 -8.57 14.86 -0.43
C PHE G 130 -8.82 15.66 0.84
N VAL G 131 -10.09 15.78 1.17
CA VAL G 131 -10.54 16.47 2.38
C VAL G 131 -11.20 15.44 3.27
N HIS G 132 -10.85 15.45 4.56
CA HIS G 132 -11.40 14.48 5.49
C HIS G 132 -12.88 14.72 5.72
N GLY G 133 -13.66 13.66 5.58
CA GLY G 133 -15.10 13.70 5.66
C GLY G 133 -15.67 12.75 6.69
N VAL G 134 -15.06 12.71 7.88
CA VAL G 134 -15.28 11.62 8.83
C VAL G 134 -16.71 11.61 9.33
N THR G 135 -17.13 12.67 10.00
CA THR G 135 -18.54 12.82 10.32
C THR G 135 -19.20 13.89 9.47
N VAL G 136 -18.55 15.03 9.32
CA VAL G 136 -18.88 15.99 8.29
C VAL G 136 -17.62 16.30 7.52
N LYS G 137 -17.75 17.15 6.52
CA LYS G 137 -16.59 17.67 5.84
C LYS G 137 -15.95 18.73 6.72
N ASN G 138 -14.67 18.56 7.03
CA ASN G 138 -14.00 19.39 8.02
C ASN G 138 -13.68 20.74 7.42
N ARG G 139 -14.65 21.64 7.48
CA ARG G 139 -14.40 23.03 7.11
C ARG G 139 -15.21 23.94 8.01
N MET G 140 -14.67 25.13 8.22
CA MET G 140 -15.18 26.05 9.22
C MET G 140 -15.48 27.40 8.59
N ILE G 141 -16.62 27.97 8.94
CA ILE G 141 -17.01 29.32 8.53
C ILE G 141 -17.13 30.17 9.78
N ARG G 142 -16.47 31.31 9.78
CA ARG G 142 -16.53 32.23 10.90
C ARG G 142 -16.68 33.63 10.36
N LEU G 143 -17.56 34.42 10.98
CA LEU G 143 -17.88 35.74 10.46
C LEU G 143 -17.54 36.82 11.48
N HIS G 144 -17.57 38.06 11.01
CA HIS G 144 -17.18 39.25 11.74
C HIS G 144 -18.02 40.39 11.16
N PRO G 145 -18.33 41.43 11.94
CA PRO G 145 -19.26 42.45 11.43
C PRO G 145 -18.70 43.31 10.32
N ASP G 146 -17.38 43.44 10.23
CA ASP G 146 -16.82 44.20 9.11
C ASP G 146 -16.89 43.41 7.82
N GLY G 147 -16.73 42.10 7.88
CA GLY G 147 -16.72 41.29 6.68
C GLY G 147 -15.54 40.34 6.62
N THR G 148 -14.79 40.26 7.71
CA THR G 148 -13.66 39.36 7.76
C THR G 148 -14.15 37.92 7.87
N VAL G 149 -13.77 37.09 6.90
CA VAL G 149 -14.25 35.73 6.80
C VAL G 149 -13.08 34.77 6.99
N LEU G 150 -13.23 33.83 7.92
CA LEU G 150 -12.23 32.80 8.18
C LEU G 150 -12.72 31.47 7.64
N TYR G 151 -11.84 30.78 6.90
CA TYR G 151 -12.22 29.55 6.21
C TYR G 151 -11.17 28.49 6.48
N GLY G 152 -11.50 27.51 7.31
CA GLY G 152 -10.57 26.46 7.67
C GLY G 152 -10.80 25.20 6.87
N LEU G 153 -9.75 24.38 6.78
CA LEU G 153 -9.81 23.08 6.13
C LEU G 153 -8.93 22.10 6.88
N ARG G 154 -8.87 20.88 6.37
CA ARG G 154 -8.00 19.85 6.92
C ARG G 154 -7.72 18.86 5.80
N ILE G 155 -6.54 18.99 5.19
CA ILE G 155 -6.22 18.32 3.93
C ILE G 155 -5.02 17.42 4.15
N THR G 156 -5.12 16.18 3.67
CA THR G 156 -3.98 15.28 3.56
C THR G 156 -3.49 15.29 2.13
N THR G 157 -2.20 15.57 1.94
CA THR G 157 -1.64 15.83 0.63
C THR G 157 -0.46 14.92 0.37
N THR G 158 -0.48 14.23 -0.75
CA THR G 158 0.67 13.47 -1.24
C THR G 158 1.35 14.33 -2.30
N ALA G 159 2.38 15.05 -1.89
CA ALA G 159 3.08 15.98 -2.77
C ALA G 159 4.42 15.39 -3.19
N ALA G 160 4.75 15.58 -4.46
CA ALA G 160 5.98 15.04 -5.02
C ALA G 160 7.09 16.07 -4.99
N CYS G 161 8.31 15.59 -4.73
CA CYS G 161 9.50 16.43 -4.74
C CYS G 161 10.64 15.66 -5.36
N MET G 162 11.44 16.34 -6.16
CA MET G 162 12.56 15.69 -6.81
C MET G 162 13.71 15.52 -5.84
N MET G 163 14.42 14.42 -5.98
CA MET G 163 15.52 14.11 -5.09
C MET G 163 16.82 13.97 -5.86
N ASP G 164 17.90 14.37 -5.23
CA ASP G 164 19.24 14.18 -5.74
C ASP G 164 19.91 13.12 -4.89
N LEU G 165 20.37 12.05 -5.51
CA LEU G 165 20.96 10.93 -4.79
C LEU G 165 22.40 10.72 -5.20
N ARG G 166 23.09 11.79 -5.58
CA ARG G 166 24.52 11.71 -5.78
C ARG G 166 25.23 11.41 -4.47
N ARG G 167 24.91 12.16 -3.42
CA ARG G 167 25.52 11.96 -2.11
C ARG G 167 24.70 11.04 -1.23
N TYR G 168 24.02 10.05 -1.81
CA TYR G 168 23.28 9.10 -1.00
C TYR G 168 24.24 8.25 -0.19
N PRO G 169 24.01 8.09 1.11
CA PRO G 169 22.91 8.63 1.88
C PRO G 169 23.31 9.82 2.73
N LEU G 170 24.42 10.46 2.42
CA LEU G 170 24.88 11.60 3.20
C LEU G 170 24.39 12.90 2.55
N ASP G 171 23.08 12.98 2.40
CA ASP G 171 22.44 13.95 1.55
C ASP G 171 21.61 14.96 2.35
N GLU G 172 21.26 16.04 1.67
CA GLU G 172 20.29 17.00 2.18
C GLU G 172 19.22 17.20 1.13
N GLN G 173 17.97 16.96 1.50
CA GLN G 173 16.87 17.10 0.58
C GLN G 173 16.09 18.38 0.87
N ASN G 174 15.66 19.04 -0.19
CA ASN G 174 14.86 20.25 -0.11
C ASN G 174 13.56 19.95 -0.84
N CYS G 175 12.60 19.38 -0.12
CA CYS G 175 11.26 19.15 -0.65
C CYS G 175 10.35 20.30 -0.26
N THR G 176 9.57 20.77 -1.23
CA THR G 176 8.86 22.03 -1.10
C THR G 176 7.36 21.80 -1.17
N LEU G 177 6.61 22.91 -1.18
CA LEU G 177 5.17 22.89 -1.31
C LEU G 177 4.73 24.25 -1.82
N GLU G 178 4.02 24.27 -2.94
CA GLU G 178 3.63 25.53 -3.55
C GLU G 178 2.12 25.65 -3.69
N ILE G 179 1.63 26.87 -3.54
CA ILE G 179 0.21 27.18 -3.45
C ILE G 179 -0.10 28.24 -4.48
N GLU G 180 -1.12 28.00 -5.31
CA GLU G 180 -1.50 28.95 -6.33
C GLU G 180 -3.01 29.15 -6.34
N SER G 181 -3.41 30.28 -6.92
CA SER G 181 -4.75 30.42 -7.44
C SER G 181 -4.83 29.75 -8.81
N TYR G 182 -6.04 29.53 -9.28
CA TYR G 182 -6.20 28.83 -10.54
C TYR G 182 -6.80 29.70 -11.64
N GLY G 183 -7.93 30.35 -11.37
CA GLY G 183 -8.60 31.09 -12.40
C GLY G 183 -8.26 32.56 -12.42
N TYR G 184 -7.99 33.13 -11.26
CA TYR G 184 -7.83 34.56 -11.14
C TYR G 184 -6.38 34.96 -11.37
N THR G 185 -6.19 36.08 -12.05
CA THR G 185 -4.85 36.60 -12.26
C THR G 185 -4.46 37.48 -11.09
N THR G 186 -3.29 38.10 -11.21
CA THR G 186 -2.82 38.98 -10.15
C THR G 186 -3.54 40.30 -10.12
N ASP G 187 -4.43 40.58 -11.06
CA ASP G 187 -5.24 41.79 -11.01
C ASP G 187 -6.47 41.63 -10.14
N ASP G 188 -6.67 40.46 -9.55
CA ASP G 188 -7.89 40.22 -8.80
C ASP G 188 -7.62 39.70 -7.40
N ILE G 189 -6.50 38.99 -7.22
CA ILE G 189 -6.27 38.23 -6.01
C ILE G 189 -4.82 38.45 -5.56
N GLU G 190 -4.60 38.49 -4.25
CA GLU G 190 -3.29 38.85 -3.69
C GLU G 190 -3.01 37.96 -2.48
N PHE G 191 -2.16 36.96 -2.66
CA PHE G 191 -1.75 36.11 -1.56
C PHE G 191 -0.71 36.82 -0.71
N TYR G 192 -0.75 36.57 0.61
CA TYR G 192 0.31 37.02 1.50
C TYR G 192 0.30 36.18 2.76
N TRP G 193 1.49 35.97 3.32
CA TRP G 193 1.60 35.29 4.60
C TRP G 193 1.30 36.27 5.73
N ARG G 194 0.88 35.73 6.87
CA ARG G 194 0.53 36.55 8.02
C ARG G 194 1.70 36.72 8.98
N GLY G 195 2.84 37.15 8.43
CA GLY G 195 4.02 37.33 9.24
C GLY G 195 4.97 36.15 9.15
N GLY G 196 6.24 36.44 8.84
CA GLY G 196 7.21 35.39 8.60
C GLY G 196 7.56 34.61 9.85
N ASP G 197 7.43 35.23 11.02
CA ASP G 197 7.56 34.53 12.29
C ASP G 197 6.25 33.95 12.75
N LYS G 198 5.35 33.69 11.82
CA LYS G 198 4.02 33.22 12.12
C LYS G 198 3.61 32.34 10.95
N ALA G 199 2.36 31.89 10.97
CA ALA G 199 1.62 31.29 9.85
C ALA G 199 2.12 29.90 9.44
N VAL G 200 3.21 29.44 10.03
CA VAL G 200 3.65 28.05 9.92
C VAL G 200 3.99 27.61 11.34
N THR G 201 3.13 26.80 11.92
CA THR G 201 3.34 26.28 13.26
C THR G 201 3.33 24.76 13.21
N GLY G 202 3.35 24.14 14.39
CA GLY G 202 3.38 22.70 14.45
C GLY G 202 4.67 22.10 13.94
N VAL G 203 5.77 22.82 14.07
CA VAL G 203 7.04 22.37 13.52
C VAL G 203 7.58 21.19 14.30
N GLU G 204 7.65 21.33 15.62
CA GLU G 204 8.28 20.33 16.45
C GLU G 204 7.42 19.09 16.63
N ARG G 205 6.18 19.12 16.16
CA ARG G 205 5.37 17.91 16.11
C ARG G 205 5.87 16.92 15.08
N ILE G 206 6.65 17.38 14.10
CA ILE G 206 7.09 16.54 13.01
C ILE G 206 8.09 15.52 13.53
N GLU G 207 7.77 14.24 13.36
CA GLU G 207 8.66 13.17 13.78
C GLU G 207 8.86 12.24 12.59
N LEU G 208 9.86 12.53 11.79
CA LEU G 208 10.17 11.44 10.90
C LEU G 208 11.15 10.50 11.57
N PRO G 209 11.02 9.20 11.33
CA PRO G 209 12.04 8.28 11.83
C PRO G 209 13.36 8.47 11.11
N GLN G 210 13.30 8.55 9.79
CA GLN G 210 14.51 8.49 8.99
C GLN G 210 15.20 9.84 8.87
N PHE G 211 14.45 10.93 8.86
CA PHE G 211 15.01 12.23 8.53
C PHE G 211 15.07 13.12 9.75
N SER G 212 15.42 14.39 9.52
CA SER G 212 15.39 15.41 10.55
C SER G 212 15.15 16.76 9.89
N ILE G 213 14.53 17.66 10.64
CA ILE G 213 14.08 18.95 10.13
C ILE G 213 15.11 20.01 10.49
N VAL G 214 15.38 20.92 9.57
CA VAL G 214 16.41 21.92 9.80
C VAL G 214 15.84 23.33 9.82
N GLU G 215 15.22 23.76 8.73
CA GLU G 215 15.05 25.18 8.48
C GLU G 215 13.73 25.42 7.74
N HIS G 216 13.17 26.62 7.91
CA HIS G 216 11.97 27.04 7.19
C HIS G 216 12.22 28.29 6.38
N ARG G 217 11.60 28.37 5.21
CA ARG G 217 11.63 29.57 4.40
C ARG G 217 10.25 29.80 3.80
N LEU G 218 9.93 31.07 3.58
CA LEU G 218 8.63 31.48 3.07
C LEU G 218 8.83 32.37 1.86
N VAL G 219 8.11 32.07 0.78
CA VAL G 219 8.36 32.68 -0.52
C VAL G 219 7.07 33.34 -1.01
N SER G 220 7.20 34.52 -1.62
CA SER G 220 6.11 35.17 -2.34
C SER G 220 6.62 35.61 -3.71
N ARG G 221 6.05 35.06 -4.77
CA ARG G 221 6.50 35.35 -6.13
C ARG G 221 5.41 36.01 -6.95
N ASN G 222 5.69 36.13 -8.25
CA ASN G 222 4.71 36.50 -9.28
C ASN G 222 5.04 35.65 -10.51
N VAL G 223 4.44 34.47 -10.59
CA VAL G 223 4.72 33.52 -11.65
C VAL G 223 3.83 33.86 -12.84
N VAL G 224 4.42 33.89 -14.04
CA VAL G 224 3.69 34.31 -15.23
C VAL G 224 3.56 33.11 -16.16
N PHE G 225 2.33 32.76 -16.49
CA PHE G 225 2.03 31.75 -17.50
C PHE G 225 1.69 32.43 -18.81
N ALA G 226 1.24 31.63 -19.77
CA ALA G 226 0.86 32.17 -21.07
C ALA G 226 -0.40 33.03 -20.98
N THR G 227 -1.26 32.75 -20.02
CA THR G 227 -2.45 33.58 -19.85
C THR G 227 -2.10 34.89 -19.15
N GLY G 228 -1.59 34.81 -17.93
CA GLY G 228 -1.26 36.03 -17.22
C GLY G 228 -0.50 35.73 -15.95
N ALA G 229 -0.10 36.80 -15.27
CA ALA G 229 0.71 36.68 -14.07
C ALA G 229 -0.16 36.21 -12.89
N TYR G 230 0.31 35.17 -12.21
CA TYR G 230 -0.41 34.58 -11.10
C TYR G 230 0.40 34.71 -9.82
N PRO G 231 -0.23 34.83 -8.68
CA PRO G 231 0.51 34.86 -7.41
C PRO G 231 0.81 33.45 -6.92
N ARG G 232 1.78 33.37 -6.01
CA ARG G 232 2.17 32.09 -5.44
C ARG G 232 2.82 32.30 -4.08
N LEU G 233 2.40 31.52 -3.10
CA LEU G 233 3.15 31.35 -1.86
C LEU G 233 3.71 29.95 -1.82
N SER G 234 4.93 29.82 -1.32
CA SER G 234 5.62 28.55 -1.32
C SER G 234 6.18 28.24 0.06
N LEU G 235 6.10 26.97 0.44
CA LEU G 235 6.64 26.47 1.69
C LEU G 235 7.77 25.50 1.38
N SER G 236 8.91 25.69 2.04
CA SER G 236 10.09 24.88 1.76
C SER G 236 10.84 24.61 3.05
N PHE G 237 11.42 23.42 3.13
CA PHE G 237 12.16 23.03 4.32
C PHE G 237 13.14 21.92 3.97
N ARG G 238 14.28 21.91 4.67
CA ARG G 238 15.33 20.94 4.43
C ARG G 238 15.00 19.60 5.07
N LEU G 239 15.69 18.57 4.59
CA LEU G 239 15.61 17.24 5.17
C LEU G 239 17.02 16.68 5.26
N LYS G 240 17.44 16.31 6.46
CA LYS G 240 18.78 15.79 6.70
C LYS G 240 18.67 14.32 7.12
N ARG G 241 19.52 13.49 6.53
CA ARG G 241 19.46 12.07 6.79
C ARG G 241 20.06 11.76 8.14
N ASN G 242 19.38 10.90 8.92
CA ASN G 242 19.94 10.39 10.15
C ASN G 242 20.95 9.32 9.79
N ILE G 243 22.22 9.61 9.99
CA ILE G 243 23.26 8.76 9.42
C ILE G 243 23.48 7.49 10.24
N GLY G 244 23.14 7.48 11.52
CA GLY G 244 23.56 6.40 12.39
C GLY G 244 22.77 5.12 12.28
N TYR G 245 22.42 4.71 11.09
CA TYR G 245 21.78 3.43 10.93
C TYR G 245 22.40 2.57 9.85
N PHE G 246 22.87 3.16 8.76
CA PHE G 246 23.32 2.38 7.62
C PHE G 246 24.68 1.76 7.83
N ILE G 247 25.40 2.18 8.87
CA ILE G 247 26.61 1.48 9.28
C ILE G 247 26.25 0.06 9.70
N LEU G 248 25.18 -0.08 10.47
CA LEU G 248 24.67 -1.37 10.89
C LEU G 248 24.19 -2.20 9.72
N GLN G 249 23.75 -1.56 8.65
CA GLN G 249 23.20 -2.26 7.51
C GLN G 249 24.26 -2.55 6.45
N THR G 250 24.95 -1.53 6.01
CA THR G 250 25.80 -1.65 4.83
C THR G 250 27.27 -1.74 5.17
N TYR G 251 27.72 -1.00 6.17
CA TYR G 251 29.15 -0.78 6.31
C TYR G 251 29.81 -1.90 7.11
N MET G 252 29.26 -2.20 8.28
CA MET G 252 29.80 -3.29 9.11
C MET G 252 29.87 -4.66 8.45
N PRO G 253 29.02 -5.05 7.49
CA PRO G 253 29.39 -6.20 6.65
C PRO G 253 30.65 -5.93 5.87
N SER G 254 30.70 -4.83 5.13
CA SER G 254 31.83 -4.57 4.24
C SER G 254 33.10 -4.21 5.00
N ILE G 255 32.99 -3.87 6.28
CA ILE G 255 34.19 -3.72 7.09
C ILE G 255 34.81 -5.09 7.35
N LEU G 256 33.99 -6.05 7.77
CA LEU G 256 34.52 -7.31 8.29
C LEU G 256 35.02 -8.22 7.19
N ILE G 257 34.43 -8.16 6.00
CA ILE G 257 34.83 -9.04 4.93
C ILE G 257 36.21 -8.66 4.42
N THR G 258 36.60 -7.40 4.58
CA THR G 258 37.99 -6.99 4.32
C THR G 258 38.93 -7.67 5.30
N ILE G 259 38.51 -7.82 6.55
CA ILE G 259 39.36 -8.48 7.54
C ILE G 259 39.35 -9.99 7.32
N LEU G 260 38.20 -10.56 6.96
CA LEU G 260 38.15 -11.97 6.62
C LEU G 260 38.86 -12.27 5.31
N SER G 261 39.11 -11.27 4.49
CA SER G 261 40.00 -11.45 3.35
C SER G 261 41.46 -11.38 3.74
N TRP G 262 41.77 -11.15 5.01
CA TRP G 262 43.15 -11.04 5.47
C TRP G 262 43.56 -12.26 6.29
N VAL G 263 42.70 -13.26 6.37
CA VAL G 263 43.00 -14.47 7.15
C VAL G 263 44.09 -15.26 6.47
N SER G 264 44.12 -15.25 5.14
CA SER G 264 45.00 -16.13 4.37
C SER G 264 46.47 -15.80 4.53
N PHE G 265 46.79 -14.54 4.87
CA PHE G 265 48.19 -14.15 4.97
C PHE G 265 48.84 -14.82 6.18
N TRP G 266 48.09 -15.01 7.25
CA TRP G 266 48.58 -15.75 8.39
C TRP G 266 48.37 -17.25 8.23
N ILE G 267 47.67 -17.67 7.19
CA ILE G 267 47.51 -19.08 6.88
C ILE G 267 48.76 -19.55 6.13
N ASN G 268 49.42 -20.57 6.68
CA ASN G 268 50.51 -21.22 5.96
C ASN G 268 49.95 -22.08 4.85
N TYR G 269 50.68 -22.15 3.72
CA TYR G 269 50.14 -22.67 2.45
C TYR G 269 49.90 -24.17 2.44
N ASP G 270 49.99 -24.88 3.57
CA ASP G 270 49.66 -26.31 3.59
C ASP G 270 48.19 -26.55 3.30
N ALA G 271 47.32 -25.59 3.64
CA ALA G 271 45.93 -25.63 3.23
C ALA G 271 45.73 -24.87 1.92
N SER G 272 46.55 -25.21 0.91
CA SER G 272 46.42 -24.57 -0.39
C SER G 272 45.15 -25.00 -1.11
N ALA G 273 44.58 -26.14 -0.74
CA ALA G 273 43.26 -26.50 -1.22
C ALA G 273 42.15 -25.84 -0.42
N ALA G 274 42.48 -25.27 0.74
CA ALA G 274 41.48 -24.65 1.60
C ALA G 274 41.62 -23.14 1.69
N ARG G 275 42.71 -22.57 1.20
CA ARG G 275 42.82 -21.12 1.12
C ARG G 275 41.79 -20.53 0.17
N VAL G 276 41.58 -21.20 -0.97
CA VAL G 276 40.68 -20.73 -2.00
C VAL G 276 39.24 -20.75 -1.52
N ALA G 277 38.93 -21.65 -0.57
CA ALA G 277 37.61 -21.69 0.03
C ALA G 277 37.26 -20.40 0.76
N LEU G 278 38.25 -19.72 1.33
CA LEU G 278 38.02 -18.35 1.76
C LEU G 278 37.85 -17.43 0.56
N GLY G 279 38.75 -17.57 -0.42
CA GLY G 279 38.80 -16.61 -1.51
C GLY G 279 37.62 -16.68 -2.45
N ILE G 280 36.98 -17.83 -2.54
CA ILE G 280 35.74 -17.91 -3.29
C ILE G 280 34.61 -17.27 -2.52
N THR G 281 34.58 -17.49 -1.21
CA THR G 281 33.44 -17.11 -0.38
C THR G 281 33.30 -15.59 -0.27
N THR G 282 34.43 -14.89 -0.08
CA THR G 282 34.38 -13.45 0.11
C THR G 282 33.97 -12.73 -1.16
N VAL G 283 34.47 -13.18 -2.31
CA VAL G 283 34.04 -12.64 -3.58
C VAL G 283 32.58 -12.95 -3.82
N LEU G 284 32.15 -14.13 -3.39
CA LEU G 284 30.73 -14.47 -3.46
C LEU G 284 29.91 -13.64 -2.50
N THR G 285 30.48 -13.31 -1.34
CA THR G 285 29.74 -12.57 -0.32
C THR G 285 29.47 -11.14 -0.77
N MET G 286 30.45 -10.53 -1.45
CA MET G 286 30.25 -9.21 -2.01
C MET G 286 29.18 -9.19 -3.08
N THR G 287 29.03 -10.31 -3.79
CA THR G 287 27.97 -10.40 -4.79
C THR G 287 26.61 -10.44 -4.12
N THR G 288 26.50 -11.10 -2.98
CA THR G 288 25.26 -11.08 -2.23
C THR G 288 24.95 -9.70 -1.70
N ILE G 289 25.96 -8.99 -1.20
CA ILE G 289 25.81 -7.62 -0.78
C ILE G 289 25.47 -6.73 -1.97
N ASN G 290 26.00 -7.07 -3.14
CA ASN G 290 25.65 -6.33 -4.35
C ASN G 290 24.20 -6.54 -4.75
N THR G 291 23.58 -7.63 -4.30
CA THR G 291 22.25 -8.00 -4.76
C THR G 291 21.22 -8.05 -3.64
N HIS G 292 21.51 -8.74 -2.55
CA HIS G 292 20.49 -8.89 -1.51
C HIS G 292 20.31 -7.60 -0.74
N LEU G 293 21.39 -6.84 -0.54
CA LEU G 293 21.27 -5.52 0.06
C LEU G 293 20.67 -4.53 -0.92
N ARG G 294 20.81 -4.80 -2.22
CA ARG G 294 20.19 -3.98 -3.25
C ARG G 294 18.67 -4.04 -3.20
N GLU G 295 18.12 -5.12 -2.64
CA GLU G 295 16.67 -5.26 -2.52
C GLU G 295 16.05 -4.22 -1.59
N THR G 296 16.83 -3.65 -0.69
CA THR G 296 16.37 -2.61 0.22
C THR G 296 16.74 -1.22 -0.26
N LEU G 297 16.89 -1.03 -1.56
CA LEU G 297 17.45 0.19 -2.11
C LEU G 297 16.53 0.75 -3.19
N PRO G 298 16.60 2.06 -3.44
CA PRO G 298 15.87 2.62 -4.59
C PRO G 298 16.51 2.30 -5.92
N LYS G 299 15.99 2.89 -6.98
CA LYS G 299 16.47 2.60 -8.33
C LYS G 299 16.67 3.90 -9.10
N ILE G 300 17.92 4.33 -9.24
CA ILE G 300 18.26 5.45 -10.10
C ILE G 300 19.30 4.96 -11.09
N PRO G 301 19.44 5.63 -12.22
CA PRO G 301 20.48 5.23 -13.17
C PRO G 301 21.86 5.74 -12.80
N TYR G 302 21.96 6.95 -12.25
CA TYR G 302 23.30 7.44 -12.00
C TYR G 302 23.85 6.82 -10.71
N VAL G 303 25.16 6.95 -10.53
CA VAL G 303 25.90 6.14 -9.58
C VAL G 303 25.80 6.77 -8.19
N LYS G 304 25.31 6.00 -7.23
CA LYS G 304 25.23 6.47 -5.86
C LYS G 304 26.61 6.45 -5.21
N ALA G 305 26.72 7.16 -4.10
CA ALA G 305 27.99 7.25 -3.38
C ALA G 305 28.34 5.95 -2.68
N ILE G 306 27.33 5.16 -2.30
CA ILE G 306 27.63 3.87 -1.71
C ILE G 306 28.04 2.88 -2.79
N ASP G 307 27.73 3.17 -4.05
CA ASP G 307 28.11 2.25 -5.11
C ASP G 307 29.60 2.32 -5.38
N MET G 308 30.18 3.51 -5.32
CA MET G 308 31.64 3.63 -5.37
C MET G 308 32.28 2.96 -4.17
N TYR G 309 31.61 3.01 -3.02
CA TYR G 309 32.13 2.34 -1.83
C TYR G 309 32.07 0.84 -1.99
N LEU G 310 30.95 0.31 -2.48
CA LEU G 310 30.85 -1.12 -2.71
C LEU G 310 31.68 -1.54 -3.91
N MET G 311 32.00 -0.63 -4.82
CA MET G 311 32.99 -0.94 -5.83
C MET G 311 34.36 -1.08 -5.20
N GLY G 312 34.66 -0.28 -4.18
CA GLY G 312 36.00 -0.28 -3.62
C GLY G 312 36.30 -1.55 -2.82
N CYS G 313 35.37 -1.95 -1.96
CA CYS G 313 35.58 -3.16 -1.18
C CYS G 313 35.47 -4.41 -2.04
N PHE G 314 34.82 -4.34 -3.18
CA PHE G 314 34.80 -5.49 -4.07
C PHE G 314 36.14 -5.69 -4.74
N VAL G 315 36.88 -4.61 -4.99
CA VAL G 315 38.15 -4.72 -5.69
C VAL G 315 39.19 -5.37 -4.80
N PHE G 316 39.17 -5.08 -3.49
CA PHE G 316 40.21 -5.59 -2.61
C PHE G 316 40.08 -7.09 -2.40
N VAL G 317 38.87 -7.59 -2.23
CA VAL G 317 38.70 -9.03 -2.14
C VAL G 317 38.86 -9.71 -3.49
N PHE G 318 38.73 -8.95 -4.58
CA PHE G 318 39.10 -9.47 -5.88
C PHE G 318 40.61 -9.56 -6.02
N LEU G 319 41.34 -8.63 -5.40
CA LEU G 319 42.79 -8.70 -5.48
C LEU G 319 43.37 -9.62 -4.42
N ALA G 320 42.65 -9.80 -3.31
CA ALA G 320 43.12 -10.74 -2.29
C ALA G 320 43.07 -12.17 -2.77
N LEU G 321 42.12 -12.49 -3.65
CA LEU G 321 42.16 -13.79 -4.29
C LEU G 321 43.26 -13.85 -5.35
N LEU G 322 43.62 -12.70 -5.92
CA LEU G 322 44.76 -12.64 -6.82
C LEU G 322 46.10 -12.62 -6.11
N GLU G 323 46.11 -12.70 -4.78
CA GLU G 323 47.35 -13.03 -4.09
C GLU G 323 47.77 -14.47 -4.39
N TYR G 324 46.88 -15.42 -4.09
CA TYR G 324 47.18 -16.84 -4.29
C TYR G 324 47.32 -17.21 -5.75
N ALA G 325 46.74 -16.42 -6.66
CA ALA G 325 46.87 -16.70 -8.09
C ALA G 325 48.30 -16.51 -8.56
N PHE G 326 48.99 -15.49 -8.05
CA PHE G 326 50.40 -15.38 -8.37
C PHE G 326 51.28 -16.25 -7.48
N VAL G 327 50.73 -16.80 -6.40
CA VAL G 327 51.49 -17.77 -5.60
C VAL G 327 51.71 -19.04 -6.41
N ASN G 328 50.64 -19.63 -6.91
CA ASN G 328 50.71 -20.98 -7.46
C ASN G 328 51.39 -21.04 -8.82
N TYR G 329 51.73 -19.92 -9.43
CA TYR G 329 52.43 -19.97 -10.70
C TYR G 329 53.94 -19.90 -10.53
N ILE G 330 54.44 -19.22 -9.50
CA ILE G 330 55.87 -19.12 -9.29
C ILE G 330 56.31 -19.70 -7.95
N PHE G 331 55.44 -20.45 -7.28
CA PHE G 331 55.90 -21.21 -6.12
C PHE G 331 56.83 -22.34 -6.54
N PHE G 332 56.55 -22.94 -7.70
CA PHE G 332 57.40 -24.01 -8.22
C PHE G 332 58.74 -23.47 -8.69
N SER G 333 58.80 -22.20 -9.10
CA SER G 333 60.07 -21.58 -9.43
C SER G 333 60.94 -21.44 -8.19
N GLN G 334 60.40 -20.77 -7.17
CA GLN G 334 61.06 -20.71 -5.87
C GLN G 334 60.03 -20.46 -4.80
N PRO G 335 60.17 -21.07 -3.61
CA PRO G 335 59.37 -20.63 -2.46
C PRO G 335 59.94 -19.41 -1.77
N ALA G 336 61.17 -19.01 -2.11
CA ALA G 336 61.80 -17.86 -1.49
C ALA G 336 61.08 -16.57 -1.88
N ARG G 337 60.59 -16.50 -3.11
CA ARG G 337 59.70 -15.41 -3.49
C ARG G 337 58.38 -15.52 -2.74
N ALA G 338 57.84 -16.73 -2.63
CA ALA G 338 56.60 -16.96 -1.92
C ALA G 338 56.76 -16.81 -0.41
N ALA G 339 57.99 -16.88 0.09
CA ALA G 339 58.22 -16.60 1.51
C ALA G 339 58.16 -15.11 1.82
N ALA G 340 58.31 -14.25 0.81
CA ALA G 340 58.34 -12.82 1.02
C ALA G 340 57.04 -12.12 0.69
N ILE G 341 56.06 -12.84 0.13
CA ILE G 341 54.82 -12.21 -0.33
C ILE G 341 54.00 -11.73 0.86
N ASP G 342 53.91 -12.54 1.92
CA ASP G 342 53.21 -12.07 3.10
C ASP G 342 53.98 -11.01 3.88
N ARG G 343 55.27 -10.82 3.57
CA ARG G 343 55.93 -9.59 3.99
C ARG G 343 55.46 -8.43 3.13
N TRP G 344 55.28 -8.65 1.82
CA TRP G 344 54.68 -7.63 0.98
C TRP G 344 53.20 -7.42 1.30
N SER G 345 52.51 -8.48 1.73
CA SER G 345 51.05 -8.47 1.74
C SER G 345 50.49 -7.62 2.86
N ARG G 346 50.78 -7.99 4.11
CA ARG G 346 50.15 -7.36 5.27
C ARG G 346 50.77 -6.01 5.62
N ILE G 347 51.57 -5.43 4.74
CA ILE G 347 52.01 -4.06 4.86
C ILE G 347 51.39 -3.15 3.81
N VAL G 348 50.51 -3.69 2.96
CA VAL G 348 49.86 -2.91 1.92
C VAL G 348 48.35 -2.82 2.14
N PHE G 349 47.69 -3.97 2.31
CA PHE G 349 46.24 -3.98 2.52
C PHE G 349 45.79 -3.26 3.80
N PRO G 350 46.50 -3.33 4.95
CA PRO G 350 46.06 -2.46 6.06
C PRO G 350 46.52 -1.02 5.96
N PHE G 351 46.96 -0.58 4.80
CA PHE G 351 47.13 0.86 4.66
C PHE G 351 46.41 1.43 3.45
N THR G 352 46.37 0.69 2.34
CA THR G 352 45.60 1.15 1.18
C THR G 352 44.11 1.14 1.47
N PHE G 353 43.64 0.17 2.24
CA PHE G 353 42.25 0.18 2.66
C PHE G 353 41.98 1.25 3.70
N SER G 354 42.96 1.54 4.56
CA SER G 354 42.76 2.58 5.56
C SER G 354 42.80 3.96 4.92
N LEU G 355 43.67 4.14 3.92
CA LEU G 355 43.65 5.40 3.18
C LEU G 355 42.43 5.51 2.28
N PHE G 356 41.86 4.37 1.89
CA PHE G 356 40.61 4.37 1.16
C PHE G 356 39.46 4.90 2.02
N ASN G 357 39.55 4.71 3.33
CA ASN G 357 38.55 5.28 4.22
C ASN G 357 38.68 6.80 4.28
N LEU G 358 39.90 7.31 4.37
CA LEU G 358 40.08 8.75 4.53
C LEU G 358 39.81 9.51 3.24
N VAL G 359 39.91 8.87 2.09
CA VAL G 359 39.38 9.47 0.87
C VAL G 359 37.87 9.51 0.93
N TYR G 360 37.26 8.44 1.42
CA TYR G 360 35.82 8.30 1.39
C TYR G 360 35.14 9.20 2.41
N TRP G 361 35.57 9.12 3.66
CA TRP G 361 34.86 9.78 4.75
C TRP G 361 35.26 11.24 4.91
N LEU G 362 35.97 11.82 3.95
CA LEU G 362 36.32 13.23 4.07
C LEU G 362 35.88 13.99 2.82
N TYR G 363 35.78 13.29 1.69
CA TYR G 363 35.29 13.91 0.47
C TYR G 363 33.81 14.26 0.57
N TYR G 364 33.09 13.61 1.47
CA TYR G 364 31.66 13.85 1.64
C TYR G 364 31.38 14.83 2.77
N VAL G 365 31.86 14.54 3.96
CA VAL G 365 31.65 15.44 5.08
C VAL G 365 32.69 16.55 5.08
N ASN H 33 -52.45 6.37 15.14
CA ASN H 33 -52.96 6.89 13.87
C ASN H 33 -51.80 7.38 13.01
N MET H 34 -51.99 7.28 11.70
CA MET H 34 -51.03 7.82 10.74
C MET H 34 -51.20 9.31 10.56
N SER H 35 -52.38 9.85 10.85
CA SER H 35 -52.72 11.20 10.44
C SER H 35 -51.99 12.25 11.27
N PHE H 36 -51.83 12.00 12.58
CA PHE H 36 -51.25 12.99 13.46
C PHE H 36 -49.79 13.23 13.16
N VAL H 37 -49.08 12.17 12.79
CA VAL H 37 -47.63 12.20 12.88
C VAL H 37 -47.03 12.99 11.73
N LYS H 38 -47.63 12.89 10.54
CA LYS H 38 -47.04 13.53 9.36
C LYS H 38 -47.11 15.04 9.45
N GLU H 39 -48.24 15.57 9.90
CA GLU H 39 -48.31 17.01 10.11
C GLU H 39 -47.54 17.44 11.35
N THR H 40 -47.27 16.53 12.27
CA THR H 40 -46.50 16.88 13.45
C THR H 40 -45.04 17.14 13.09
N VAL H 41 -44.48 16.28 12.25
CA VAL H 41 -43.10 16.43 11.81
C VAL H 41 -42.95 17.69 10.96
N ASP H 42 -43.96 17.99 10.15
CA ASP H 42 -43.89 19.16 9.29
C ASP H 42 -43.97 20.44 10.08
N LYS H 43 -44.69 20.44 11.21
CA LYS H 43 -44.62 21.59 12.10
C LYS H 43 -43.24 21.70 12.73
N LEU H 44 -42.56 20.58 12.94
CA LEU H 44 -41.22 20.63 13.51
C LEU H 44 -40.18 21.05 12.50
N LEU H 45 -40.48 21.08 11.22
CA LEU H 45 -39.49 21.46 10.23
C LEU H 45 -39.86 22.67 9.42
N LYS H 46 -41.09 23.16 9.51
CA LYS H 46 -41.43 24.39 8.83
C LYS H 46 -40.77 25.55 9.56
N GLY H 47 -39.87 26.25 8.90
CA GLY H 47 -39.13 27.31 9.53
C GLY H 47 -37.98 26.85 10.41
N TYR H 48 -37.70 25.56 10.46
CA TYR H 48 -36.54 25.08 11.19
C TYR H 48 -35.29 25.46 10.44
N ASP H 49 -34.45 26.30 11.04
CA ASP H 49 -33.17 26.60 10.41
C ASP H 49 -32.21 25.46 10.66
N ILE H 50 -31.36 25.20 9.66
CA ILE H 50 -30.30 24.20 9.80
C ILE H 50 -28.96 24.87 10.06
N ARG H 51 -28.85 26.16 9.85
CA ARG H 51 -27.53 26.78 9.91
C ARG H 51 -27.06 27.08 11.32
N LEU H 52 -27.91 26.94 12.34
CA LEU H 52 -27.55 27.39 13.67
C LEU H 52 -27.70 26.27 14.70
N ARG H 53 -26.83 26.28 15.69
CA ARG H 53 -26.86 25.35 16.80
C ARG H 53 -27.92 25.80 17.80
N PRO H 54 -28.50 24.88 18.57
CA PRO H 54 -29.57 25.29 19.47
C PRO H 54 -29.01 26.03 20.67
N ASP H 55 -29.86 26.91 21.24
CA ASP H 55 -29.51 27.84 22.31
C ASP H 55 -28.33 28.71 21.93
N PHE H 56 -28.51 29.45 20.85
CA PHE H 56 -27.40 30.11 20.15
C PHE H 56 -26.83 31.26 20.97
N GLY H 57 -27.68 32.16 21.43
CA GLY H 57 -27.21 33.25 22.26
C GLY H 57 -26.94 32.83 23.69
N GLY H 58 -27.65 31.82 24.18
CA GLY H 58 -27.63 31.51 25.57
C GLY H 58 -26.49 30.60 25.99
N PRO H 59 -26.79 29.62 26.86
CA PRO H 59 -25.76 28.76 27.41
C PRO H 59 -25.25 27.79 26.37
N PRO H 60 -24.04 27.25 26.56
CA PRO H 60 -23.53 26.27 25.60
C PRO H 60 -24.29 24.97 25.66
N VAL H 61 -24.22 24.22 24.57
CA VAL H 61 -24.89 22.93 24.51
C VAL H 61 -24.08 21.90 25.29
N CYS H 62 -24.76 20.86 25.77
CA CYS H 62 -24.17 19.88 26.66
C CYS H 62 -24.31 18.50 26.02
N VAL H 63 -23.34 18.13 25.18
CA VAL H 63 -23.42 16.92 24.36
C VAL H 63 -22.64 15.78 25.03
N GLY H 64 -23.30 14.65 25.21
CA GLY H 64 -22.67 13.46 25.74
C GLY H 64 -22.43 12.46 24.62
N MET H 65 -21.43 11.60 24.80
CA MET H 65 -21.09 10.61 23.80
C MET H 65 -21.02 9.23 24.41
N ASN H 66 -20.82 8.24 23.54
CA ASN H 66 -20.93 6.83 23.86
C ASN H 66 -20.30 6.02 22.74
N ILE H 67 -19.38 5.13 23.08
CA ILE H 67 -18.64 4.36 22.08
C ILE H 67 -18.75 2.88 22.42
N ASP H 68 -19.14 2.08 21.43
CA ASP H 68 -19.07 0.64 21.52
C ASP H 68 -18.16 0.13 20.41
N ILE H 69 -17.18 -0.68 20.78
CA ILE H 69 -16.15 -1.14 19.84
C ILE H 69 -16.52 -2.51 19.32
N ALA H 70 -16.52 -2.66 17.99
CA ALA H 70 -16.75 -3.97 17.41
C ALA H 70 -15.47 -4.81 17.46
N SER H 71 -14.43 -4.36 16.78
CA SER H 71 -13.19 -5.12 16.70
C SER H 71 -12.06 -4.20 16.28
N ILE H 72 -10.84 -4.66 16.53
CA ILE H 72 -9.63 -4.02 16.05
C ILE H 72 -9.01 -4.95 15.01
N ASP H 73 -8.77 -4.43 13.82
CA ASP H 73 -8.38 -5.30 12.72
C ASP H 73 -6.91 -5.69 12.80
N MET H 74 -6.02 -4.71 12.68
CA MET H 74 -4.61 -5.03 12.52
C MET H 74 -3.79 -3.86 12.99
N VAL H 75 -2.55 -4.16 13.36
CA VAL H 75 -1.60 -3.16 13.85
C VAL H 75 -0.35 -3.25 13.00
N SER H 76 -0.04 -2.17 12.30
CA SER H 76 1.12 -2.13 11.43
C SER H 76 2.22 -1.35 12.12
N GLU H 77 3.29 -2.04 12.52
CA GLU H 77 4.47 -1.34 13.00
C GLU H 77 5.21 -0.65 11.88
N VAL H 78 4.99 -1.08 10.64
CA VAL H 78 5.59 -0.40 9.51
C VAL H 78 5.01 0.99 9.36
N ASN H 79 3.69 1.12 9.47
CA ASN H 79 3.05 2.40 9.24
C ASN H 79 2.68 3.12 10.53
N MET H 80 2.89 2.49 11.68
CA MET H 80 2.60 3.04 13.01
C MET H 80 1.15 3.49 13.14
N ASP H 81 0.26 2.53 12.99
CA ASP H 81 -1.18 2.82 12.99
C ASP H 81 -1.94 1.54 13.29
N TYR H 82 -3.24 1.68 13.44
CA TYR H 82 -4.10 0.54 13.70
C TYR H 82 -5.48 0.86 13.16
N THR H 83 -6.30 -0.19 13.04
CA THR H 83 -7.60 -0.06 12.40
C THR H 83 -8.67 -0.73 13.26
N LEU H 84 -9.66 0.03 13.67
CA LEU H 84 -10.77 -0.49 14.44
C LEU H 84 -12.08 -0.11 13.77
N THR H 85 -13.18 -0.56 14.37
CA THR H 85 -14.52 -0.27 13.91
C THR H 85 -15.41 -0.11 15.12
N MET H 86 -16.10 1.02 15.23
CA MET H 86 -16.81 1.34 16.45
C MET H 86 -18.28 1.61 16.17
N TYR H 87 -19.04 1.70 17.25
CA TYR H 87 -20.39 2.26 17.25
C TYR H 87 -20.33 3.58 17.98
N PHE H 88 -20.69 4.66 17.29
CA PHE H 88 -20.49 5.99 17.81
C PHE H 88 -21.85 6.64 18.04
N GLN H 89 -22.10 7.08 19.27
CA GLN H 89 -23.41 7.60 19.66
C GLN H 89 -23.26 8.95 20.32
N GLN H 90 -24.32 9.75 20.26
CA GLN H 90 -24.31 11.10 20.80
C GLN H 90 -25.67 11.45 21.37
N TYR H 91 -25.68 12.28 22.41
CA TYR H 91 -26.89 12.95 22.89
C TYR H 91 -26.76 14.44 22.68
N TRP H 92 -27.90 15.12 22.56
CA TRP H 92 -28.02 16.53 22.89
C TRP H 92 -29.49 16.83 23.11
N ARG H 93 -29.82 18.10 23.35
CA ARG H 93 -31.17 18.47 23.74
C ARG H 93 -31.57 19.76 23.04
N ASP H 94 -32.37 19.65 22.00
CA ASP H 94 -32.88 20.81 21.28
C ASP H 94 -34.30 21.10 21.72
N LYS H 95 -34.53 22.34 22.13
CA LYS H 95 -35.89 22.78 22.41
C LYS H 95 -36.68 23.06 21.15
N ARG H 96 -36.02 23.19 20.00
CA ARG H 96 -36.76 23.40 18.77
C ARG H 96 -37.53 22.16 18.35
N LEU H 97 -37.17 21.00 18.85
CA LEU H 97 -37.84 19.76 18.50
C LEU H 97 -38.50 19.21 19.75
N ALA H 98 -39.78 19.49 19.91
CA ALA H 98 -40.49 19.00 21.10
C ALA H 98 -41.94 18.76 20.72
N TYR H 99 -42.25 17.52 20.37
CA TYR H 99 -43.64 17.14 20.18
C TYR H 99 -44.31 16.93 21.51
N SER H 100 -45.64 16.96 21.51
CA SER H 100 -46.36 16.86 22.76
C SER H 100 -47.47 15.81 22.70
N GLY H 101 -48.06 15.63 21.54
CA GLY H 101 -49.30 14.86 21.48
C GLY H 101 -49.16 13.37 21.43
N ILE H 102 -47.95 12.83 21.43
CA ILE H 102 -47.71 11.41 21.21
C ILE H 102 -46.97 10.85 22.40
N PRO H 103 -47.49 9.83 23.07
CA PRO H 103 -46.77 9.25 24.21
C PRO H 103 -45.59 8.39 23.82
N LEU H 104 -45.50 7.99 22.56
CA LEU H 104 -44.44 7.11 22.12
C LEU H 104 -43.12 7.88 21.99
N ASN H 105 -42.04 7.12 21.87
CA ASN H 105 -40.72 7.67 21.61
C ASN H 105 -40.30 7.28 20.20
N LEU H 106 -40.07 8.28 19.36
CA LEU H 106 -40.08 8.14 17.91
C LEU H 106 -38.83 7.48 17.39
N THR H 107 -38.85 7.21 16.08
CA THR H 107 -37.73 6.60 15.38
C THR H 107 -37.87 6.95 13.91
N LEU H 108 -36.89 7.63 13.36
CA LEU H 108 -37.00 8.13 12.00
C LEU H 108 -35.98 7.48 11.08
N ASP H 109 -36.13 7.75 9.79
CA ASP H 109 -35.22 7.25 8.78
C ASP H 109 -34.00 8.16 8.69
N ASN H 110 -32.89 7.59 8.19
CA ASN H 110 -31.64 8.32 8.16
C ASN H 110 -31.60 9.46 7.15
N ARG H 111 -32.57 9.56 6.26
CA ARG H 111 -32.54 10.70 5.35
C ARG H 111 -32.96 12.01 6.00
N VAL H 112 -33.51 11.98 7.22
CA VAL H 112 -33.86 13.22 7.91
C VAL H 112 -32.63 13.88 8.50
N ALA H 113 -31.50 13.18 8.53
CA ALA H 113 -30.26 13.73 9.06
C ALA H 113 -29.71 14.87 8.22
N ASP H 114 -30.05 14.92 6.95
CA ASP H 114 -29.66 16.05 6.12
C ASP H 114 -30.53 17.26 6.34
N GLN H 115 -31.55 17.17 7.19
CA GLN H 115 -32.44 18.28 7.47
C GLN H 115 -32.43 18.64 8.94
N LEU H 116 -31.39 18.23 9.67
CA LEU H 116 -31.25 18.55 11.08
C LEU H 116 -29.86 19.09 11.35
N TRP H 117 -29.64 19.50 12.58
CA TRP H 117 -28.32 19.95 13.01
C TRP H 117 -27.60 18.82 13.71
N VAL H 118 -26.35 18.61 13.34
CA VAL H 118 -25.47 17.71 14.07
C VAL H 118 -24.25 18.49 14.51
N PRO H 119 -23.60 18.12 15.59
CA PRO H 119 -22.34 18.77 15.94
C PRO H 119 -21.21 18.21 15.10
N ASP H 120 -20.28 19.09 14.76
CA ASP H 120 -19.07 18.67 14.07
C ASP H 120 -18.18 17.83 14.99
N THR H 121 -17.79 16.66 14.52
CA THR H 121 -17.00 15.78 15.37
C THR H 121 -16.02 15.06 14.48
N TYR H 122 -14.74 15.11 14.83
CA TYR H 122 -13.77 14.41 14.01
C TYR H 122 -12.73 13.76 14.90
N PHE H 123 -11.96 12.90 14.29
CA PHE H 123 -10.93 12.16 14.99
C PHE H 123 -9.58 12.79 14.66
N LEU H 124 -8.73 12.89 15.67
CA LEU H 124 -7.54 13.72 15.53
C LEU H 124 -6.36 12.93 14.96
N ASN H 125 -6.13 11.74 15.47
CA ASN H 125 -4.96 10.95 15.14
C ASN H 125 -5.22 9.93 14.03
N ASP H 126 -6.14 10.23 13.13
CA ASP H 126 -6.51 9.31 12.06
C ASP H 126 -5.74 9.58 10.79
N LYS H 127 -5.84 8.65 9.86
CA LYS H 127 -5.24 8.83 8.55
C LYS H 127 -6.24 8.66 7.43
N LYS H 128 -7.21 7.78 7.60
CA LYS H 128 -8.26 7.57 6.59
C LYS H 128 -9.42 6.91 7.30
N SER H 129 -10.63 7.41 7.05
CA SER H 129 -11.82 6.84 7.67
C SER H 129 -12.98 7.02 6.73
N PHE H 130 -14.06 6.29 7.01
CA PHE H 130 -15.25 6.36 6.20
C PHE H 130 -16.43 5.86 7.02
N VAL H 131 -17.61 5.97 6.43
CA VAL H 131 -18.86 5.50 7.02
C VAL H 131 -19.39 4.39 6.14
N HIS H 132 -19.81 3.29 6.76
CA HIS H 132 -20.30 2.15 6.00
C HIS H 132 -21.64 2.47 5.33
N GLY H 133 -21.72 2.20 4.04
CA GLY H 133 -22.86 2.53 3.23
C GLY H 133 -23.43 1.34 2.50
N VAL H 134 -23.56 0.20 3.20
CA VAL H 134 -23.78 -1.09 2.55
C VAL H 134 -25.12 -1.12 1.82
N THR H 135 -26.21 -0.98 2.55
CA THR H 135 -27.50 -0.79 1.90
C THR H 135 -27.99 0.63 2.03
N VAL H 136 -27.88 1.22 3.21
CA VAL H 136 -28.00 2.64 3.40
C VAL H 136 -26.77 3.10 4.15
N LYS H 137 -26.70 4.40 4.40
CA LYS H 137 -25.69 4.93 5.28
C LYS H 137 -26.10 4.63 6.72
N ASN H 138 -25.23 3.97 7.46
CA ASN H 138 -25.57 3.46 8.78
C ASN H 138 -25.58 4.60 9.79
N ARG H 139 -26.71 5.29 9.86
CA ARG H 139 -26.90 6.28 10.92
C ARG H 139 -28.34 6.26 11.37
N MET H 140 -28.54 6.60 12.63
CA MET H 140 -29.81 6.44 13.31
C MET H 140 -30.25 7.75 13.91
N ILE H 141 -31.53 8.07 13.75
CA ILE H 141 -32.16 9.23 14.36
C ILE H 141 -33.24 8.73 15.29
N ARG H 142 -33.21 9.18 16.54
CA ARG H 142 -34.22 8.80 17.52
C ARG H 142 -34.63 10.04 18.28
N LEU H 143 -35.93 10.20 18.52
CA LEU H 143 -36.44 11.41 19.13
C LEU H 143 -37.15 11.09 20.44
N HIS H 144 -37.44 12.16 21.17
CA HIS H 144 -38.02 12.13 22.51
C HIS H 144 -38.80 13.42 22.67
N PRO H 145 -39.86 13.45 23.47
CA PRO H 145 -40.73 14.65 23.49
C PRO H 145 -40.08 15.85 24.13
N ASP H 146 -39.09 15.67 24.99
CA ASP H 146 -38.40 16.83 25.56
C ASP H 146 -37.47 17.46 24.54
N GLY H 147 -36.84 16.65 23.70
CA GLY H 147 -35.88 17.16 22.75
C GLY H 147 -34.58 16.39 22.75
N THR H 148 -34.54 15.29 23.48
CA THR H 148 -33.35 14.46 23.52
C THR H 148 -33.19 13.72 22.21
N VAL H 149 -32.06 13.94 21.54
CA VAL H 149 -31.82 13.40 20.21
C VAL H 149 -30.65 12.43 20.29
N LEU H 150 -30.85 11.22 19.78
CA LEU H 150 -29.82 10.20 19.73
C LEU H 150 -29.35 10.03 18.29
N TYR H 151 -28.04 10.00 18.09
CA TYR H 151 -27.45 9.99 16.75
C TYR H 151 -26.37 8.93 16.70
N GLY H 152 -26.65 7.82 16.03
CA GLY H 152 -25.71 6.72 15.94
C GLY H 152 -24.95 6.73 14.63
N LEU H 153 -23.78 6.09 14.64
CA LEU H 153 -22.97 5.92 13.45
C LEU H 153 -22.29 4.57 13.50
N ARG H 154 -21.48 4.29 12.48
CA ARG H 154 -20.69 3.06 12.45
C ARG H 154 -19.49 3.35 11.55
N ILE H 155 -18.34 3.61 12.17
CA ILE H 155 -17.18 4.17 11.49
C ILE H 155 -16.02 3.20 11.63
N THR H 156 -15.34 2.93 10.51
CA THR H 156 -14.07 2.23 10.51
C THR H 156 -12.95 3.26 10.38
N THR H 157 -12.00 3.23 11.32
CA THR H 157 -11.01 4.28 11.45
C THR H 157 -9.62 3.69 11.43
N THR H 158 -8.76 4.22 10.55
CA THR H 158 -7.34 3.90 10.55
C THR H 158 -6.63 5.03 11.28
N ALA H 159 -6.36 4.85 12.56
CA ALA H 159 -5.77 5.86 13.39
C ALA H 159 -4.30 5.55 13.65
N ALA H 160 -3.46 6.57 13.61
CA ALA H 160 -2.03 6.42 13.78
C ALA H 160 -1.63 6.66 15.23
N CYS H 161 -0.66 5.89 15.70
CA CYS H 161 -0.12 6.05 17.03
C CYS H 161 1.39 5.84 16.97
N MET H 162 2.13 6.65 17.72
CA MET H 162 3.57 6.53 17.73
C MET H 162 4.00 5.37 18.60
N MET H 163 5.06 4.70 18.19
CA MET H 163 5.55 3.53 18.89
C MET H 163 6.97 3.75 19.35
N ASP H 164 7.29 3.19 20.50
CA ASP H 164 8.66 3.15 21.02
C ASP H 164 9.14 1.72 20.91
N LEU H 165 10.25 1.52 20.21
CA LEU H 165 10.77 0.18 19.98
C LEU H 165 12.16 0.02 20.57
N ARG H 166 12.43 0.74 21.67
CA ARG H 166 13.65 0.48 22.41
C ARG H 166 13.63 -0.90 23.02
N ARG H 167 12.53 -1.25 23.70
CA ARG H 167 12.39 -2.56 24.31
C ARG H 167 11.70 -3.56 23.42
N TYR H 168 11.89 -3.46 22.11
CA TYR H 168 11.30 -4.44 21.21
C TYR H 168 11.95 -5.79 21.41
N PRO H 169 11.18 -6.86 21.55
CA PRO H 169 9.73 -6.89 21.51
C PRO H 169 9.10 -7.03 22.88
N LEU H 170 9.83 -6.71 23.94
CA LEU H 170 9.31 -6.83 25.29
C LEU H 170 8.74 -5.48 25.74
N ASP H 171 7.80 -4.99 24.97
CA ASP H 171 7.37 -3.61 25.02
C ASP H 171 5.92 -3.49 25.49
N GLU H 172 5.56 -2.28 25.86
CA GLU H 172 4.18 -1.92 26.14
C GLU H 172 3.84 -0.70 25.32
N GLN H 173 2.81 -0.80 24.50
CA GLN H 173 2.40 0.30 23.64
C GLN H 173 1.14 0.95 24.18
N ASN H 174 1.10 2.27 24.09
CA ASN H 174 -0.04 3.07 24.50
C ASN H 174 -0.52 3.82 23.27
N CYS H 175 -1.38 3.19 22.50
CA CYS H 175 -2.01 3.82 21.34
C CYS H 175 -3.38 4.36 21.75
N THR H 176 -3.66 5.59 21.32
CA THR H 176 -4.76 6.37 21.86
C THR H 176 -5.77 6.68 20.75
N LEU H 177 -6.76 7.48 21.10
CA LEU H 177 -7.78 7.94 20.17
C LEU H 177 -8.39 9.20 20.74
N GLU H 178 -8.36 10.29 19.98
CA GLU H 178 -8.85 11.57 20.48
C GLU H 178 -9.95 12.12 19.60
N ILE H 179 -10.91 12.79 20.25
CA ILE H 179 -12.14 13.24 19.64
C ILE H 179 -12.27 14.73 19.91
N GLU H 180 -12.52 15.51 18.87
CA GLU H 180 -12.66 16.95 19.00
C GLU H 180 -13.87 17.46 18.24
N SER H 181 -14.32 18.63 18.65
CA SER H 181 -15.13 19.46 17.77
C SER H 181 -14.20 20.21 16.82
N TYR H 182 -14.78 20.78 15.77
CA TYR H 182 -13.95 21.45 14.78
C TYR H 182 -14.20 22.94 14.71
N GLY H 183 -15.45 23.37 14.59
CA GLY H 183 -15.72 24.78 14.40
C GLY H 183 -16.05 25.51 15.68
N TYR H 184 -16.69 24.82 16.61
CA TYR H 184 -17.21 25.47 17.80
C TYR H 184 -16.17 25.49 18.90
N THR H 185 -16.14 26.60 19.63
CA THR H 185 -15.22 26.71 20.76
C THR H 185 -15.90 26.16 22.00
N THR H 186 -15.21 26.29 23.13
CA THR H 186 -15.76 25.81 24.39
C THR H 186 -16.87 26.69 24.93
N ASP H 187 -17.16 27.81 24.30
CA ASP H 187 -18.29 28.63 24.70
C ASP H 187 -19.60 28.17 24.10
N ASP H 188 -19.58 27.11 23.30
CA ASP H 188 -20.79 26.69 22.62
C ASP H 188 -21.09 25.22 22.83
N ILE H 189 -20.06 24.41 23.04
CA ILE H 189 -20.20 22.96 23.00
C ILE H 189 -19.43 22.37 24.18
N GLU H 190 -19.97 21.28 24.75
CA GLU H 190 -19.42 20.69 25.98
C GLU H 190 -19.47 19.17 25.87
N PHE H 191 -18.33 18.55 25.59
CA PHE H 191 -18.25 17.10 25.56
C PHE H 191 -18.20 16.54 26.97
N TYR H 192 -18.80 15.37 27.16
CA TYR H 192 -18.65 14.64 28.41
C TYR H 192 -18.97 13.17 28.17
N TRP H 193 -18.28 12.30 28.92
CA TRP H 193 -18.59 10.89 28.88
C TRP H 193 -19.81 10.59 29.75
N ARG H 194 -20.48 9.50 29.45
CA ARG H 194 -21.69 9.11 30.18
C ARG H 194 -21.36 8.14 31.32
N GLY H 195 -20.41 8.52 32.16
CA GLY H 195 -20.02 7.67 33.26
C GLY H 195 -18.78 6.86 32.96
N GLY H 196 -17.78 6.95 33.84
CA GLY H 196 -16.50 6.31 33.58
C GLY H 196 -16.56 4.81 33.61
N ASP H 197 -17.51 4.24 34.35
CA ASP H 197 -17.79 2.81 34.30
C ASP H 197 -18.77 2.46 33.22
N LYS H 198 -18.87 3.29 32.20
CA LYS H 198 -19.82 3.13 31.14
C LYS H 198 -19.17 3.68 29.88
N ALA H 199 -19.93 3.75 28.78
CA ALA H 199 -19.66 4.50 27.57
C ALA H 199 -18.50 3.96 26.73
N VAL H 200 -17.81 2.95 27.24
CA VAL H 200 -16.86 2.17 26.45
C VAL H 200 -17.15 0.72 26.77
N THR H 201 -17.76 0.02 25.83
CA THR H 201 -18.08 -1.39 25.99
C THR H 201 -17.45 -2.17 24.85
N GLY H 202 -17.78 -3.45 24.77
CA GLY H 202 -17.21 -4.31 23.75
C GLY H 202 -15.74 -4.55 23.94
N VAL H 203 -15.27 -4.54 25.19
CA VAL H 203 -13.85 -4.66 25.46
C VAL H 203 -13.37 -6.07 25.15
N GLU H 204 -14.05 -7.07 25.71
CA GLU H 204 -13.60 -8.43 25.60
C GLU H 204 -13.84 -9.04 24.23
N ARG H 205 -14.53 -8.33 23.36
CA ARG H 205 -14.62 -8.74 21.96
C ARG H 205 -13.31 -8.58 21.23
N ILE H 206 -12.40 -7.75 21.75
CA ILE H 206 -11.15 -7.45 21.06
C ILE H 206 -10.26 -8.68 21.08
N GLU H 207 -9.89 -9.15 19.91
CA GLU H 207 -9.00 -10.30 19.78
C GLU H 207 -7.86 -9.92 18.86
N LEU H 208 -6.81 -9.37 19.44
CA LEU H 208 -5.66 -9.33 18.56
C LEU H 208 -4.89 -10.63 18.67
N PRO H 209 -4.33 -11.10 17.57
CA PRO H 209 -3.45 -12.27 17.66
C PRO H 209 -2.17 -11.93 18.40
N GLN H 210 -1.56 -10.81 18.02
CA GLN H 210 -0.21 -10.51 18.46
C GLN H 210 -0.19 -9.86 19.84
N PHE H 211 -1.19 -9.06 20.18
CA PHE H 211 -1.13 -8.23 21.36
C PHE H 211 -2.08 -8.75 22.43
N SER H 212 -2.22 -7.97 23.49
CA SER H 212 -3.19 -8.22 24.54
C SER H 212 -3.58 -6.90 25.18
N ILE H 213 -4.80 -6.84 25.69
CA ILE H 213 -5.40 -5.61 26.20
C ILE H 213 -5.26 -5.60 27.72
N VAL H 214 -4.95 -4.43 28.26
CA VAL H 214 -4.70 -4.33 29.70
C VAL H 214 -5.71 -3.43 30.39
N GLU H 215 -5.79 -2.16 29.98
CA GLU H 215 -6.37 -1.14 30.85
C GLU H 215 -7.08 -0.10 30.00
N HIS H 216 -8.07 0.57 30.58
CA HIS H 216 -8.77 1.68 29.95
C HIS H 216 -8.68 2.94 30.77
N ARG H 217 -8.57 4.07 30.09
CA ARG H 217 -8.61 5.37 30.74
C ARG H 217 -9.44 6.33 29.89
N LEU H 218 -10.08 7.28 30.55
CA LEU H 218 -10.96 8.23 29.91
C LEU H 218 -10.55 9.65 30.31
N VAL H 219 -10.40 10.53 29.33
CA VAL H 219 -9.79 11.83 29.52
C VAL H 219 -10.77 12.91 29.08
N SER H 220 -10.85 14.01 29.84
CA SER H 220 -11.55 15.22 29.42
C SER H 220 -10.64 16.42 29.64
N ARG H 221 -10.30 17.11 28.57
CA ARG H 221 -9.37 18.23 28.63
C ARG H 221 -10.03 19.54 28.20
N ASN H 222 -9.20 20.57 28.06
CA ASN H 222 -9.55 21.84 27.42
C ASN H 222 -8.32 22.26 26.63
N VAL H 223 -8.25 21.85 25.38
CA VAL H 223 -7.10 22.11 24.52
C VAL H 223 -7.29 23.47 23.87
N VAL H 224 -6.24 24.29 23.88
CA VAL H 224 -6.33 25.65 23.38
C VAL H 224 -5.46 25.78 22.15
N PHE H 225 -6.07 26.17 21.03
CA PHE H 225 -5.36 26.50 19.81
C PHE H 225 -5.22 28.00 19.71
N ALA H 226 -4.73 28.46 18.55
CA ALA H 226 -4.56 29.88 18.31
C ALA H 226 -5.91 30.59 18.20
N THR H 227 -6.94 29.89 17.76
CA THR H 227 -8.26 30.51 17.70
C THR H 227 -8.89 30.59 19.08
N GLY H 228 -9.11 29.44 19.71
CA GLY H 228 -9.72 29.44 21.03
C GLY H 228 -9.69 28.07 21.65
N ALA H 229 -10.18 28.01 22.88
CA ALA H 229 -10.15 26.78 23.65
C ALA H 229 -11.21 25.81 23.14
N TYR H 230 -10.80 24.58 22.87
CA TYR H 230 -11.68 23.55 22.33
C TYR H 230 -11.77 22.40 23.32
N PRO H 231 -12.90 21.70 23.37
CA PRO H 231 -13.01 20.52 24.23
C PRO H 231 -12.46 19.28 23.54
N ARG H 232 -12.17 18.26 24.35
CA ARG H 232 -11.64 17.02 23.83
C ARG H 232 -11.94 15.88 24.78
N LEU H 233 -12.45 14.78 24.25
CA LEU H 233 -12.46 13.51 24.97
C LEU H 233 -11.50 12.56 24.29
N SER H 234 -10.79 11.78 25.09
CA SER H 234 -9.75 10.91 24.60
C SER H 234 -9.92 9.49 25.12
N LEU H 235 -9.66 8.53 24.26
CA LEU H 235 -9.69 7.12 24.61
C LEU H 235 -8.29 6.55 24.49
N SER H 236 -7.84 5.83 25.52
CA SER H 236 -6.50 5.32 25.56
C SER H 236 -6.48 3.95 26.22
N PHE H 237 -5.60 3.08 25.73
CA PHE H 237 -5.50 1.74 26.25
C PHE H 237 -4.13 1.16 25.93
N ARG H 238 -3.64 0.31 26.83
CA ARG H 238 -2.32 -0.31 26.68
C ARG H 238 -2.36 -1.46 25.70
N LEU H 239 -1.17 -1.81 25.22
CA LEU H 239 -0.98 -2.98 24.37
C LEU H 239 0.26 -3.71 24.85
N LYS H 240 0.10 -4.99 25.19
CA LYS H 240 1.20 -5.80 25.70
C LYS H 240 1.50 -6.89 24.70
N ARG H 241 2.78 -7.10 24.43
CA ARG H 241 3.19 -8.06 23.43
C ARG H 241 3.06 -9.48 23.97
N ASN H 242 2.49 -10.37 23.17
CA ASN H 242 2.48 -11.79 23.51
C ASN H 242 3.86 -12.35 23.23
N ILE H 243 4.61 -12.67 24.28
CA ILE H 243 6.03 -12.95 24.12
C ILE H 243 6.29 -14.35 23.58
N GLY H 244 5.36 -15.29 23.75
CA GLY H 244 5.68 -16.68 23.48
C GLY H 244 5.66 -17.09 22.03
N TYR H 245 6.19 -16.26 21.15
CA TYR H 245 6.31 -16.67 19.76
C TYR H 245 7.69 -16.45 19.19
N PHE H 246 8.36 -15.37 19.58
CA PHE H 246 9.61 -15.00 18.94
C PHE H 246 10.78 -15.85 19.38
N ILE H 247 10.61 -16.64 20.44
CA ILE H 247 11.59 -17.65 20.78
C ILE H 247 11.68 -18.66 19.66
N LEU H 248 10.53 -19.08 19.14
CA LEU H 248 10.47 -20.00 18.01
C LEU H 248 11.05 -19.39 16.75
N GLN H 249 11.01 -18.07 16.62
CA GLN H 249 11.48 -17.40 15.43
C GLN H 249 12.94 -16.99 15.54
N THR H 250 13.27 -16.25 16.58
CA THR H 250 14.57 -15.60 16.65
C THR H 250 15.54 -16.29 17.58
N TYR H 251 15.05 -16.79 18.70
CA TYR H 251 15.96 -17.16 19.78
C TYR H 251 16.50 -18.57 19.60
N MET H 252 15.61 -19.54 19.41
CA MET H 252 16.02 -20.92 19.19
C MET H 252 16.99 -21.16 18.03
N PRO H 253 16.99 -20.39 16.93
CA PRO H 253 18.18 -20.45 16.07
C PRO H 253 19.43 -19.98 16.78
N SER H 254 19.40 -18.81 17.40
CA SER H 254 20.60 -18.25 18.00
C SER H 254 21.01 -18.99 19.27
N ILE H 255 20.13 -19.79 19.85
CA ILE H 255 20.55 -20.67 20.93
C ILE H 255 21.44 -21.78 20.38
N LEU H 256 21.00 -22.43 19.30
CA LEU H 256 21.64 -23.66 18.87
C LEU H 256 22.96 -23.41 18.17
N ILE H 257 23.10 -22.28 17.50
CA ILE H 257 24.33 -22.00 16.77
C ILE H 257 25.47 -21.74 17.74
N THR H 258 25.16 -21.28 18.95
CA THR H 258 26.16 -21.21 20.00
C THR H 258 26.65 -22.60 20.39
N ILE H 259 25.74 -23.57 20.40
CA ILE H 259 26.14 -24.94 20.73
C ILE H 259 26.87 -25.58 19.56
N LEU H 260 26.42 -25.31 18.33
CA LEU H 260 27.14 -25.79 17.16
C LEU H 260 28.47 -25.09 16.97
N SER H 261 28.68 -23.95 17.60
CA SER H 261 30.01 -23.37 17.67
C SER H 261 30.88 -24.02 18.74
N TRP H 262 30.35 -24.98 19.47
CA TRP H 262 31.10 -25.65 20.53
C TRP H 262 31.50 -27.06 20.15
N VAL H 263 31.21 -27.46 18.91
CA VAL H 263 31.52 -28.81 18.45
C VAL H 263 33.03 -28.99 18.32
N SER H 264 33.73 -27.92 17.95
CA SER H 264 35.14 -28.01 17.60
C SER H 264 36.03 -28.33 18.79
N PHE H 265 35.58 -28.00 20.00
CA PHE H 265 36.41 -28.23 21.19
C PHE H 265 36.56 -29.72 21.45
N TRP H 266 35.51 -30.48 21.18
CA TRP H 266 35.59 -31.93 21.28
C TRP H 266 36.13 -32.56 20.02
N ILE H 267 36.32 -31.78 18.96
CA ILE H 267 36.95 -32.26 17.74
C ILE H 267 38.46 -32.24 17.92
N ASN H 268 39.08 -33.40 17.75
CA ASN H 268 40.54 -33.47 17.73
C ASN H 268 41.04 -32.89 16.41
N TYR H 269 42.20 -32.21 16.45
CA TYR H 269 42.68 -31.35 15.37
C TYR H 269 43.12 -32.10 14.11
N ASP H 270 42.89 -33.41 13.99
CA ASP H 270 43.21 -34.12 12.76
C ASP H 270 42.35 -33.64 11.59
N ALA H 271 41.14 -33.18 11.88
CA ALA H 271 40.32 -32.52 10.87
C ALA H 271 40.53 -31.00 10.90
N SER H 272 41.81 -30.58 10.85
CA SER H 272 42.14 -29.17 10.83
C SER H 272 41.73 -28.50 9.52
N ALA H 273 41.58 -29.28 8.46
CA ALA H 273 40.98 -28.75 7.24
C ALA H 273 39.46 -28.76 7.30
N ALA H 274 38.87 -29.45 8.27
CA ALA H 274 37.42 -29.54 8.38
C ALA H 274 36.85 -28.82 9.59
N ARG H 275 37.70 -28.40 10.53
CA ARG H 275 37.23 -27.57 11.64
C ARG H 275 36.72 -26.23 11.14
N VAL H 276 37.42 -25.64 10.18
CA VAL H 276 37.09 -24.32 9.67
C VAL H 276 35.77 -24.36 8.92
N ALA H 277 35.41 -25.52 8.37
CA ALA H 277 34.12 -25.69 7.70
C ALA H 277 32.96 -25.48 8.65
N LEU H 278 33.12 -25.82 9.93
CA LEU H 278 32.17 -25.35 10.92
C LEU H 278 32.30 -23.86 11.13
N GLY H 279 33.52 -23.37 11.28
CA GLY H 279 33.73 -22.00 11.68
C GLY H 279 33.37 -20.98 10.62
N ILE H 280 33.40 -21.37 9.36
CA ILE H 280 32.90 -20.49 8.32
C ILE H 280 31.38 -20.48 8.34
N THR H 281 30.77 -21.64 8.57
CA THR H 281 29.33 -21.80 8.40
C THR H 281 28.56 -21.03 9.46
N THR H 282 29.01 -21.08 10.70
CA THR H 282 28.29 -20.44 11.80
C THR H 282 28.35 -18.93 11.69
N VAL H 283 29.51 -18.40 11.30
CA VAL H 283 29.62 -16.96 11.06
C VAL H 283 28.77 -16.57 9.86
N LEU H 284 28.71 -17.45 8.86
CA LEU H 284 27.82 -17.21 7.73
C LEU H 284 26.35 -17.32 8.14
N THR H 285 26.05 -18.21 9.08
CA THR H 285 24.67 -18.44 9.48
C THR H 285 24.11 -17.22 10.22
N MET H 286 24.94 -16.60 11.05
CA MET H 286 24.54 -15.38 11.74
C MET H 286 24.29 -14.25 10.77
N THR H 287 25.00 -14.24 9.65
CA THR H 287 24.77 -13.24 8.63
C THR H 287 23.41 -13.43 7.98
N THR H 288 23.01 -14.68 7.78
CA THR H 288 21.68 -14.96 7.26
C THR H 288 20.60 -14.54 8.25
N ILE H 289 20.83 -14.82 9.53
CA ILE H 289 19.92 -14.37 10.57
C ILE H 289 19.93 -12.86 10.66
N ASN H 290 21.07 -12.23 10.37
CA ASN H 290 21.13 -10.78 10.34
C ASN H 290 20.34 -10.20 9.17
N THR H 291 20.09 -10.99 8.14
CA THR H 291 19.47 -10.49 6.91
C THR H 291 18.14 -11.14 6.60
N HIS H 292 18.07 -12.47 6.59
CA HIS H 292 16.83 -13.12 6.19
C HIS H 292 15.76 -12.99 7.25
N LEU H 293 16.16 -13.01 8.52
CA LEU H 293 15.23 -12.74 9.60
C LEU H 293 14.88 -11.26 9.65
N ARG H 294 15.77 -10.40 9.15
CA ARG H 294 15.50 -8.98 9.05
C ARG H 294 14.35 -8.67 8.10
N GLU H 295 14.09 -9.55 7.14
CA GLU H 295 13.00 -9.37 6.20
C GLU H 295 11.63 -9.38 6.86
N THR H 296 11.51 -10.00 8.04
CA THR H 296 10.26 -10.03 8.79
C THR H 296 10.23 -8.99 9.90
N LEU H 297 10.93 -7.89 9.72
CA LEU H 297 11.14 -6.92 10.79
C LEU H 297 10.79 -5.52 10.31
N PRO H 298 10.43 -4.62 11.23
CA PRO H 298 10.24 -3.22 10.85
C PRO H 298 11.55 -2.49 10.61
N LYS H 299 11.48 -1.18 10.39
CA LYS H 299 12.65 -0.38 10.06
C LYS H 299 12.67 0.89 10.90
N ILE H 300 13.50 0.91 11.92
CA ILE H 300 13.74 2.12 12.70
C ILE H 300 15.24 2.38 12.68
N PRO H 301 15.66 3.61 12.90
CA PRO H 301 17.10 3.88 12.95
C PRO H 301 17.73 3.52 14.29
N TYR H 302 17.03 3.72 15.40
CA TYR H 302 17.70 3.44 16.66
C TYR H 302 17.71 1.94 16.92
N VAL H 303 18.54 1.54 17.87
CA VAL H 303 18.92 0.13 18.03
C VAL H 303 17.88 -0.61 18.84
N LYS H 304 17.32 -1.66 18.26
CA LYS H 304 16.37 -2.49 18.99
C LYS H 304 17.08 -3.37 20.01
N ALA H 305 16.29 -3.90 20.94
CA ALA H 305 16.84 -4.74 21.99
C ALA H 305 17.27 -6.10 21.47
N ILE H 306 16.63 -6.57 20.40
CA ILE H 306 17.07 -7.83 19.81
C ILE H 306 18.35 -7.62 19.02
N ASP H 307 18.65 -6.37 18.65
CA ASP H 307 19.86 -6.12 17.88
C ASP H 307 21.10 -6.24 18.75
N MET H 308 21.02 -5.79 20.00
CA MET H 308 22.08 -6.05 20.96
C MET H 308 22.21 -7.54 21.23
N TYR H 309 21.10 -8.27 21.20
CA TYR H 309 21.15 -9.71 21.39
C TYR H 309 21.80 -10.39 20.21
N LEU H 310 21.42 -10.00 18.99
CA LEU H 310 22.06 -10.56 17.82
C LEU H 310 23.47 -10.06 17.64
N MET H 311 23.80 -8.91 18.23
CA MET H 311 25.20 -8.52 18.29
C MET H 311 25.97 -9.45 19.21
N GLY H 312 25.33 -9.91 20.30
CA GLY H 312 26.05 -10.71 21.28
C GLY H 312 26.38 -12.11 20.79
N CYS H 313 25.40 -12.77 20.18
CA CYS H 313 25.65 -14.11 19.66
C CYS H 313 26.52 -14.09 18.42
N PHE H 314 26.60 -12.96 17.73
CA PHE H 314 27.51 -12.87 16.61
C PHE H 314 28.95 -12.78 17.07
N VAL H 315 29.18 -12.18 18.23
CA VAL H 315 30.55 -12.01 18.71
C VAL H 315 31.14 -13.35 19.15
N PHE H 316 30.33 -14.22 19.74
CA PHE H 316 30.86 -15.47 20.27
C PHE H 316 31.28 -16.43 19.16
N VAL H 317 30.47 -16.51 18.10
CA VAL H 317 30.89 -17.34 16.97
C VAL H 317 31.99 -16.67 16.17
N PHE H 318 32.14 -15.35 16.31
CA PHE H 318 33.31 -14.69 15.75
C PHE H 318 34.55 -15.02 16.57
N LEU H 319 34.40 -15.18 17.88
CA LEU H 319 35.55 -15.53 18.69
C LEU H 319 35.81 -17.02 18.70
N ALA H 320 34.78 -17.83 18.46
CA ALA H 320 34.98 -19.27 18.37
C ALA H 320 35.78 -19.65 17.14
N LEU H 321 35.65 -18.88 16.07
CA LEU H 321 36.55 -19.09 14.94
C LEU H 321 37.94 -18.56 15.24
N LEU H 322 38.04 -17.58 16.14
CA LEU H 322 39.35 -17.11 16.59
C LEU H 322 39.97 -18.01 17.65
N GLU H 323 39.33 -19.12 18.00
CA GLU H 323 40.03 -20.16 18.72
C GLU H 323 41.09 -20.80 17.83
N TYR H 324 40.66 -21.34 16.68
CA TYR H 324 41.56 -22.04 15.77
C TYR H 324 42.59 -21.10 15.14
N ALA H 325 42.29 -19.81 15.09
CA ALA H 325 43.24 -18.85 14.53
C ALA H 325 44.49 -18.73 15.40
N PHE H 326 44.32 -18.76 16.71
CA PHE H 326 45.51 -18.80 17.56
C PHE H 326 46.05 -20.21 17.72
N VAL H 327 45.31 -21.24 17.32
CA VAL H 327 45.85 -22.59 17.32
C VAL H 327 46.97 -22.69 16.28
N ASN H 328 46.67 -22.35 15.04
CA ASN H 328 47.55 -22.67 13.93
C ASN H 328 48.80 -21.79 13.88
N TYR H 329 48.91 -20.76 14.72
CA TYR H 329 50.11 -19.96 14.72
C TYR H 329 51.14 -20.44 15.74
N ILE H 330 50.69 -21.02 16.86
CA ILE H 330 51.62 -21.50 17.88
C ILE H 330 51.50 -22.99 18.13
N PHE H 331 50.79 -23.72 17.25
CA PHE H 331 50.84 -25.17 17.32
C PHE H 331 52.23 -25.69 16.94
N PHE H 332 52.86 -25.02 15.98
CA PHE H 332 54.20 -25.41 15.55
C PHE H 332 55.23 -25.08 16.62
N SER H 333 54.98 -24.07 17.45
CA SER H 333 55.85 -23.79 18.59
C SER H 333 55.80 -24.93 19.59
N GLN H 334 54.59 -25.25 20.08
CA GLN H 334 54.40 -26.41 20.91
C GLN H 334 52.96 -26.88 20.78
N PRO H 335 52.70 -28.19 20.79
CA PRO H 335 51.33 -28.66 20.98
C PRO H 335 50.90 -28.70 22.43
N ALA H 336 51.83 -28.53 23.37
CA ALA H 336 51.51 -28.55 24.79
C ALA H 336 50.64 -27.36 25.17
N ARG H 337 50.88 -26.20 24.55
CA ARG H 337 49.96 -25.09 24.68
C ARG H 337 48.63 -25.41 24.03
N ALA H 338 48.67 -26.02 22.85
CA ALA H 338 47.45 -26.40 22.15
C ALA H 338 46.73 -27.56 22.81
N ALA H 339 47.42 -28.31 23.67
CA ALA H 339 46.75 -29.35 24.44
C ALA H 339 45.93 -28.77 25.58
N ALA H 340 46.22 -27.54 26.00
CA ALA H 340 45.55 -26.93 27.14
C ALA H 340 44.45 -25.95 26.75
N ILE H 341 44.31 -25.63 25.46
CA ILE H 341 43.36 -24.63 25.03
C ILE H 341 41.93 -25.10 25.22
N ASP H 342 41.65 -26.36 24.91
CA ASP H 342 40.30 -26.87 25.19
C ASP H 342 40.06 -27.12 26.67
N ARG H 343 41.10 -27.09 27.50
CA ARG H 343 40.88 -26.93 28.92
C ARG H 343 40.51 -25.48 29.24
N TRP H 344 41.14 -24.52 28.56
CA TRP H 344 40.70 -23.13 28.69
C TRP H 344 39.34 -22.90 28.03
N SER H 345 39.03 -23.65 26.97
CA SER H 345 37.92 -23.27 26.09
C SER H 345 36.58 -23.57 26.72
N ARG H 346 36.29 -24.84 26.99
CA ARG H 346 34.98 -25.27 27.44
C ARG H 346 34.69 -24.97 28.91
N ILE H 347 35.51 -24.14 29.54
CA ILE H 347 35.23 -23.60 30.87
C ILE H 347 34.92 -22.13 30.82
N VAL H 348 34.93 -21.51 29.64
CA VAL H 348 34.66 -20.08 29.48
C VAL H 348 33.38 -19.84 28.70
N PHE H 349 33.27 -20.43 27.51
CA PHE H 349 32.07 -20.23 26.69
C PHE H 349 30.78 -20.74 27.33
N PRO H 350 30.74 -21.88 28.07
CA PRO H 350 29.49 -22.18 28.77
C PRO H 350 29.29 -21.44 30.08
N PHE H 351 30.03 -20.38 30.31
CA PHE H 351 29.66 -19.52 31.42
C PHE H 351 29.50 -18.06 31.02
N THR H 352 30.35 -17.57 30.13
CA THR H 352 30.19 -16.21 29.65
C THR H 352 28.92 -16.05 28.82
N PHE H 353 28.56 -17.08 28.07
CA PHE H 353 27.30 -17.06 27.35
C PHE H 353 26.12 -17.24 28.29
N SER H 354 26.29 -18.02 29.35
CA SER H 354 25.20 -18.19 30.29
C SER H 354 25.01 -16.94 31.13
N LEU H 355 26.09 -16.26 31.50
CA LEU H 355 25.95 -14.98 32.18
C LEU H 355 25.45 -13.90 31.23
N PHE H 356 25.69 -14.07 29.94
CA PHE H 356 25.13 -13.15 28.95
C PHE H 356 23.61 -13.26 28.89
N ASN H 357 23.07 -14.44 29.22
CA ASN H 357 21.62 -14.57 29.30
C ASN H 357 21.07 -13.83 30.51
N LEU H 358 21.73 -13.94 31.65
CA LEU H 358 21.20 -13.33 32.86
C LEU H 358 21.35 -11.82 32.87
N VAL H 359 22.29 -11.26 32.11
CA VAL H 359 22.27 -9.83 31.86
C VAL H 359 21.08 -9.47 30.99
N TYR H 360 20.82 -10.30 29.97
CA TYR H 360 19.81 -9.98 28.98
C TYR H 360 18.40 -10.14 29.54
N TRP H 361 18.11 -11.28 30.12
CA TRP H 361 16.75 -11.61 30.51
C TRP H 361 16.36 -11.05 31.86
N LEU H 362 17.15 -10.15 32.44
CA LEU H 362 16.78 -9.55 33.71
C LEU H 362 16.79 -8.04 33.62
N TYR H 363 17.58 -7.49 32.70
CA TYR H 363 17.59 -6.05 32.49
C TYR H 363 16.29 -5.56 31.87
N TYR H 364 15.54 -6.45 31.24
CA TYR H 364 14.29 -6.09 30.59
C TYR H 364 13.10 -6.39 31.48
N VAL H 365 12.94 -7.63 31.92
CA VAL H 365 11.83 -7.97 32.80
C VAL H 365 12.18 -7.63 34.24
#